data_1V8B
#
_entry.id   1V8B
#
_cell.length_a   77.090
_cell.length_b   86.150
_cell.length_c   333.800
_cell.angle_alpha   90.00
_cell.angle_beta   90.00
_cell.angle_gamma   90.00
#
_symmetry.space_group_name_H-M   'P 21 21 21'
#
loop_
_entity.id
_entity.type
_entity.pdbx_description
1 polymer adenosylhomocysteinase
2 non-polymer NICOTINAMIDE-ADENINE-DINUCLEOTIDE
3 non-polymer ADENOSINE
4 water water
#
_entity_poly.entity_id   1
_entity_poly.type   'polypeptide(L)'
_entity_poly.pdbx_seq_one_letter_code
;MVENKSKVKDISLAPFGKMQMEISENEMPGLMRIREEYGKDQPLKNAKITGCLHMTVECALLIETLQKLGAQIRWCSCNI
YSTADYAAAAVSTLENVTVFAWKNETLEEYWWCVESALTWGDGDDNGPDMIVDDGGDATLLVHKGVEYEKLYEEKNILPD
PEKAKNEEERCFLTLLKNSILKNPKKWTNIAKKIIGVSEETTTGVLRLKKMDKQNELLFTAINVNDAVTKQKYDNVYGCR
HSLPDGLMRATDFLISGKIVVICGYGDVGKGCASSMKGLGARVYITEIDPICAIQAVMEGFNVVTLDEIVDKGDFFITCT
GNVDVIKLEHLLKMKNNAVVGNIGHFDDEIQVNELFNYKGIHIENVKPQVDRITLPNGNKIIVLARGRLLNLGCATGHPA
FVMSFSFCNQTFAQLDLWQNKDTNKYENKVYLLPKHLDEKVALYHLKKLNASLTELDDNQCQFLGVNKSGPFKSNEYRY
;
_entity_poly.pdbx_strand_id   A,B,C,D
#
loop_
_chem_comp.id
_chem_comp.type
_chem_comp.name
_chem_comp.formula
ADN non-polymer ADENOSINE 'C10 H13 N5 O4'
NAD non-polymer NICOTINAMIDE-ADENINE-DINUCLEOTIDE 'C21 H27 N7 O14 P2'
#
# COMPACT_ATOMS: atom_id res chain seq x y z
N ASN A 4 15.49 -26.80 42.80
CA ASN A 4 15.81 -25.37 42.51
C ASN A 4 16.93 -25.30 41.46
N LYS A 5 17.02 -26.35 40.66
CA LYS A 5 18.03 -26.46 39.62
C LYS A 5 17.42 -26.26 38.22
N SER A 6 17.71 -25.14 37.58
CA SER A 6 17.18 -24.92 36.25
C SER A 6 17.77 -25.92 35.28
N LYS A 7 17.05 -26.16 34.20
CA LYS A 7 17.49 -27.08 33.17
C LYS A 7 17.42 -26.36 31.82
N VAL A 8 18.60 -26.03 31.29
CA VAL A 8 18.73 -25.34 30.02
C VAL A 8 19.80 -26.01 29.16
N LYS A 9 19.75 -25.75 27.86
CA LYS A 9 20.69 -26.32 26.92
C LYS A 9 22.14 -26.04 27.34
N ASP A 10 22.55 -24.78 27.27
CA ASP A 10 23.92 -24.42 27.62
C ASP A 10 24.00 -23.09 28.36
N ILE A 11 24.33 -23.17 29.64
CA ILE A 11 24.41 -21.98 30.49
C ILE A 11 25.46 -20.97 30.08
N SER A 12 26.36 -21.34 29.18
CA SER A 12 27.40 -20.41 28.77
C SER A 12 26.89 -19.33 27.81
N LEU A 13 25.67 -19.50 27.32
CA LEU A 13 25.09 -18.51 26.41
C LEU A 13 24.52 -17.32 27.19
N ALA A 14 24.53 -17.41 28.51
CA ALA A 14 23.99 -16.36 29.36
C ALA A 14 24.44 -14.95 28.96
N PRO A 15 25.75 -14.74 28.76
CA PRO A 15 26.20 -13.40 28.37
C PRO A 15 25.56 -12.87 27.07
N PHE A 16 25.44 -13.73 26.07
CA PHE A 16 24.83 -13.33 24.79
C PHE A 16 23.39 -12.93 25.03
N GLY A 17 22.69 -13.69 25.87
CA GLY A 17 21.31 -13.39 26.17
C GLY A 17 21.20 -12.10 26.93
N LYS A 18 22.13 -11.87 27.85
CA LYS A 18 22.15 -10.65 28.66
C LYS A 18 22.27 -9.40 27.79
N MET A 19 23.13 -9.46 26.77
CA MET A 19 23.33 -8.35 25.86
C MET A 19 22.03 -8.05 25.09
N GLN A 20 21.36 -9.11 24.65
CA GLN A 20 20.09 -8.96 23.93
C GLN A 20 19.05 -8.32 24.85
N MET A 21 19.01 -8.75 26.10
CA MET A 21 18.04 -8.21 27.05
C MET A 21 18.28 -6.73 27.30
N GLU A 22 19.54 -6.34 27.42
CA GLU A 22 19.88 -4.95 27.68
C GLU A 22 19.43 -4.05 26.53
N ILE A 23 19.60 -4.56 25.31
CA ILE A 23 19.20 -3.80 24.14
C ILE A 23 17.68 -3.72 24.00
N SER A 24 16.99 -4.85 24.13
CA SER A 24 15.55 -4.87 23.98
C SER A 24 14.87 -4.03 25.05
N GLU A 25 15.59 -3.69 26.10
CA GLU A 25 15.06 -2.86 27.17
C GLU A 25 14.56 -1.54 26.62
N ASN A 26 15.30 -0.98 25.67
CA ASN A 26 14.90 0.29 25.08
C ASN A 26 13.65 0.15 24.20
N GLU A 27 13.38 -1.07 23.74
CA GLU A 27 12.22 -1.32 22.89
C GLU A 27 10.96 -1.66 23.70
N MET A 28 11.09 -1.71 25.03
CA MET A 28 9.95 -2.03 25.87
C MET A 28 9.74 -0.96 26.93
N PRO A 29 9.40 0.27 26.49
CA PRO A 29 9.17 1.37 27.44
C PRO A 29 8.03 1.09 28.42
N GLY A 30 7.09 0.23 28.03
CA GLY A 30 5.98 -0.09 28.91
C GLY A 30 6.45 -0.87 30.14
N LEU A 31 7.15 -1.98 29.92
CA LEU A 31 7.64 -2.77 31.04
C LEU A 31 8.59 -1.98 31.91
N MET A 32 9.45 -1.18 31.29
CA MET A 32 10.41 -0.38 32.03
C MET A 32 9.68 0.63 32.92
N ARG A 33 8.54 1.14 32.46
CA ARG A 33 7.77 2.10 33.24
C ARG A 33 7.18 1.43 34.46
N ILE A 34 6.81 0.16 34.31
CA ILE A 34 6.24 -0.59 35.42
C ILE A 34 7.30 -0.74 36.52
N ARG A 35 8.53 -1.06 36.11
CA ARG A 35 9.62 -1.22 37.05
C ARG A 35 9.90 0.07 37.81
N GLU A 36 9.71 1.21 37.14
CA GLU A 36 9.96 2.51 37.75
C GLU A 36 8.88 2.92 38.74
N GLU A 37 7.65 2.45 38.53
CA GLU A 37 6.56 2.79 39.43
C GLU A 37 6.40 1.81 40.59
N TYR A 38 6.14 0.55 40.27
CA TYR A 38 5.96 -0.47 41.29
C TYR A 38 7.26 -1.19 41.60
N GLY A 39 8.38 -0.51 41.34
CA GLY A 39 9.68 -1.12 41.58
C GLY A 39 10.08 -1.26 43.04
N LYS A 40 10.49 -0.16 43.65
CA LYS A 40 10.93 -0.19 45.04
C LYS A 40 9.82 -0.57 46.02
N ASP A 41 8.59 -0.69 45.53
CA ASP A 41 7.45 -1.06 46.36
C ASP A 41 7.40 -2.57 46.63
N GLN A 42 7.88 -3.36 45.67
CA GLN A 42 7.88 -4.82 45.80
C GLN A 42 6.47 -5.37 46.08
N PRO A 43 5.48 -5.03 45.24
CA PRO A 43 4.11 -5.49 45.42
C PRO A 43 3.90 -6.99 45.26
N LEU A 44 4.81 -7.67 44.57
CA LEU A 44 4.66 -9.10 44.38
C LEU A 44 5.57 -9.87 45.34
N LYS A 45 6.04 -9.20 46.38
CA LYS A 45 6.93 -9.84 47.35
C LYS A 45 6.33 -11.11 47.94
N ASN A 46 7.11 -12.20 47.89
CA ASN A 46 6.70 -13.50 48.42
C ASN A 46 5.72 -14.26 47.52
N ALA A 47 5.37 -13.68 46.38
CA ALA A 47 4.45 -14.34 45.47
C ALA A 47 5.20 -15.41 44.67
N LYS A 48 4.59 -16.57 44.50
CA LYS A 48 5.18 -17.66 43.74
C LYS A 48 4.47 -17.73 42.40
N ILE A 49 5.18 -17.37 41.34
CA ILE A 49 4.59 -17.37 40.02
C ILE A 49 5.22 -18.40 39.09
N THR A 50 4.36 -19.21 38.47
CA THR A 50 4.78 -20.22 37.52
C THR A 50 4.33 -19.75 36.15
N GLY A 51 5.24 -19.73 35.19
CA GLY A 51 4.87 -19.29 33.87
C GLY A 51 5.05 -20.39 32.85
N CYS A 52 4.25 -20.34 31.81
CA CYS A 52 4.30 -21.31 30.72
C CYS A 52 4.09 -20.45 29.47
N LEU A 53 5.17 -19.84 29.02
CA LEU A 53 5.13 -18.95 27.88
C LEU A 53 6.46 -19.00 27.13
N HIS A 54 6.38 -18.89 25.80
CA HIS A 54 7.56 -18.90 24.95
C HIS A 54 8.77 -18.26 25.61
N MET A 55 9.81 -19.07 25.82
CA MET A 55 11.01 -18.59 26.47
C MET A 55 11.91 -17.85 25.50
N THR A 56 11.52 -16.62 25.17
CA THR A 56 12.26 -15.77 24.25
C THR A 56 12.89 -14.62 25.01
N VAL A 57 13.62 -13.77 24.30
CA VAL A 57 14.23 -12.59 24.91
C VAL A 57 13.17 -11.67 25.51
N GLU A 58 12.07 -11.47 24.81
CA GLU A 58 11.00 -10.60 25.30
C GLU A 58 10.43 -11.17 26.59
N CYS A 59 10.36 -12.50 26.64
CA CYS A 59 9.83 -13.19 27.81
C CYS A 59 10.81 -13.04 28.98
N ALA A 60 12.10 -13.03 28.64
CA ALA A 60 13.13 -12.88 29.67
C ALA A 60 12.92 -11.55 30.40
N LEU A 61 12.64 -10.50 29.64
CA LEU A 61 12.41 -9.18 30.20
C LEU A 61 11.13 -9.14 31.05
N LEU A 62 10.17 -9.99 30.73
CA LEU A 62 8.94 -10.03 31.52
C LEU A 62 9.30 -10.71 32.85
N ILE A 63 10.06 -11.81 32.80
CA ILE A 63 10.48 -12.53 34.01
C ILE A 63 11.22 -11.58 34.93
N GLU A 64 12.21 -10.88 34.38
CA GLU A 64 13.03 -9.95 35.14
C GLU A 64 12.17 -8.87 35.80
N THR A 65 11.12 -8.43 35.12
CA THR A 65 10.23 -7.41 35.66
C THR A 65 9.48 -7.98 36.86
N LEU A 66 8.94 -9.19 36.71
CA LEU A 66 8.21 -9.83 37.80
C LEU A 66 9.12 -10.05 39.01
N GLN A 67 10.34 -10.52 38.78
CA GLN A 67 11.24 -10.76 39.91
C GLN A 67 11.69 -9.43 40.52
N LYS A 68 11.85 -8.39 39.70
CA LYS A 68 12.24 -7.10 40.21
C LYS A 68 11.08 -6.52 41.01
N LEU A 69 9.91 -7.12 40.87
CA LEU A 69 8.75 -6.67 41.61
C LEU A 69 8.66 -7.45 42.92
N GLY A 70 9.60 -8.36 43.14
CA GLY A 70 9.65 -9.12 44.37
C GLY A 70 9.13 -10.55 44.35
N ALA A 71 8.80 -11.07 43.18
CA ALA A 71 8.27 -12.43 43.08
C ALA A 71 9.29 -13.53 42.78
N GLN A 72 8.92 -14.77 43.11
CA GLN A 72 9.77 -15.93 42.84
C GLN A 72 9.13 -16.56 41.62
N ILE A 73 9.96 -17.05 40.72
CA ILE A 73 9.47 -17.60 39.47
C ILE A 73 10.04 -18.95 39.04
N ARG A 74 9.17 -19.78 38.48
CA ARG A 74 9.56 -21.08 37.92
C ARG A 74 8.95 -20.93 36.53
N TRP A 75 9.70 -21.26 35.50
CA TRP A 75 9.20 -21.04 34.17
C TRP A 75 9.50 -22.16 33.21
N CYS A 76 8.66 -22.29 32.19
CA CYS A 76 8.83 -23.29 31.14
C CYS A 76 8.27 -22.68 29.86
N SER A 77 8.62 -23.26 28.71
CA SER A 77 8.14 -22.74 27.43
C SER A 77 6.80 -23.40 27.13
N CYS A 78 5.99 -22.79 26.27
CA CYS A 78 4.69 -23.40 25.93
C CYS A 78 4.72 -24.01 24.54
N ASN A 79 5.92 -24.10 23.97
CA ASN A 79 6.12 -24.67 22.65
C ASN A 79 7.52 -25.29 22.60
N ILE A 80 7.67 -26.43 21.95
CA ILE A 80 8.96 -27.11 21.89
C ILE A 80 10.01 -26.52 20.95
N TYR A 81 9.67 -25.47 20.21
CA TYR A 81 10.60 -24.86 19.27
C TYR A 81 10.79 -23.38 19.52
N SER A 82 9.92 -22.77 20.30
CA SER A 82 9.97 -21.33 20.53
C SER A 82 11.04 -20.80 21.46
N THR A 83 11.64 -21.69 22.25
CA THR A 83 12.66 -21.26 23.21
C THR A 83 13.97 -20.77 22.59
N ALA A 84 14.44 -19.63 23.07
CA ALA A 84 15.73 -19.10 22.61
C ALA A 84 16.70 -19.50 23.74
N ASP A 85 17.57 -20.46 23.44
CA ASP A 85 18.53 -20.97 24.42
C ASP A 85 19.33 -19.89 25.15
N TYR A 86 19.77 -18.88 24.43
CA TYR A 86 20.54 -17.80 25.04
C TYR A 86 19.66 -17.01 26.00
N ALA A 87 18.35 -16.98 25.75
CA ALA A 87 17.44 -16.26 26.65
C ALA A 87 17.17 -17.07 27.90
N ALA A 88 17.01 -18.38 27.71
CA ALA A 88 16.76 -19.29 28.82
C ALA A 88 17.96 -19.28 29.78
N ALA A 89 19.15 -19.32 29.21
CA ALA A 89 20.37 -19.32 30.02
C ALA A 89 20.47 -18.00 30.79
N ALA A 90 20.22 -16.88 30.13
CA ALA A 90 20.31 -15.58 30.78
C ALA A 90 19.31 -15.41 31.92
N VAL A 91 18.07 -15.83 31.71
CA VAL A 91 17.07 -15.68 32.74
C VAL A 91 17.27 -16.65 33.91
N SER A 92 17.79 -17.83 33.62
CA SER A 92 18.04 -18.81 34.67
C SER A 92 19.12 -18.31 35.63
N THR A 93 19.77 -17.22 35.26
CA THR A 93 20.82 -16.62 36.07
C THR A 93 20.25 -15.76 37.19
N LEU A 94 19.10 -15.14 36.95
CA LEU A 94 18.49 -14.27 37.96
C LEU A 94 18.17 -14.99 39.26
N GLU A 95 18.13 -14.22 40.35
CA GLU A 95 17.86 -14.75 41.68
C GLU A 95 16.38 -15.09 41.76
N ASN A 96 16.06 -16.20 42.42
CA ASN A 96 14.67 -16.61 42.60
C ASN A 96 13.96 -16.95 41.29
N VAL A 97 14.72 -17.36 40.28
CA VAL A 97 14.12 -17.73 38.99
C VAL A 97 14.67 -19.08 38.56
N THR A 98 13.77 -20.03 38.30
CA THR A 98 14.20 -21.36 37.86
C THR A 98 13.49 -21.59 36.53
N VAL A 99 14.24 -22.11 35.57
CA VAL A 99 13.75 -22.31 34.23
C VAL A 99 13.95 -23.73 33.71
N PHE A 100 12.93 -24.26 33.02
CA PHE A 100 13.00 -25.59 32.42
C PHE A 100 12.53 -25.43 30.98
N ALA A 101 13.48 -25.18 30.08
CA ALA A 101 13.15 -24.97 28.67
C ALA A 101 14.38 -24.95 27.77
N TRP A 102 14.20 -25.48 26.56
CA TRP A 102 15.26 -25.51 25.57
C TRP A 102 14.65 -25.80 24.21
N LYS A 103 15.29 -25.28 23.17
CA LYS A 103 14.82 -25.47 21.80
C LYS A 103 14.94 -26.94 21.38
N ASN A 104 13.94 -27.41 20.62
CA ASN A 104 13.89 -28.78 20.11
C ASN A 104 13.67 -29.85 21.17
N GLU A 105 12.86 -29.56 22.18
CA GLU A 105 12.58 -30.54 23.22
C GLU A 105 11.56 -31.54 22.69
N THR A 106 11.60 -32.77 23.22
CA THR A 106 10.65 -33.79 22.81
C THR A 106 9.35 -33.54 23.55
N LEU A 107 8.27 -34.16 23.09
CA LEU A 107 6.96 -34.01 23.72
C LEU A 107 6.97 -34.52 25.17
N GLU A 108 7.73 -35.58 25.42
CA GLU A 108 7.83 -36.14 26.76
C GLU A 108 8.52 -35.10 27.64
N GLU A 109 9.60 -34.53 27.13
CA GLU A 109 10.35 -33.52 27.88
C GLU A 109 9.54 -32.26 28.11
N TYR A 110 8.66 -31.96 27.15
CA TYR A 110 7.80 -30.79 27.22
C TYR A 110 6.88 -30.83 28.45
N TRP A 111 6.16 -31.93 28.62
CA TRP A 111 5.26 -32.03 29.75
C TRP A 111 6.03 -32.11 31.09
N TRP A 112 7.23 -32.67 31.04
CA TRP A 112 8.07 -32.76 32.21
C TRP A 112 8.37 -31.34 32.70
N CYS A 113 8.69 -30.44 31.78
CA CYS A 113 8.99 -29.05 32.10
C CYS A 113 7.79 -28.32 32.66
N VAL A 114 6.62 -28.57 32.09
CA VAL A 114 5.41 -27.94 32.57
C VAL A 114 5.21 -28.37 34.02
N GLU A 115 5.25 -29.68 34.25
CA GLU A 115 5.06 -30.24 35.59
C GLU A 115 6.11 -29.70 36.58
N SER A 116 7.36 -29.69 36.16
CA SER A 116 8.44 -29.19 36.99
C SER A 116 8.19 -27.71 37.33
N ALA A 117 7.74 -26.94 36.36
CA ALA A 117 7.47 -25.52 36.61
C ALA A 117 6.33 -25.31 37.61
N LEU A 118 5.34 -26.19 37.59
CA LEU A 118 4.20 -26.06 38.51
C LEU A 118 4.48 -26.62 39.91
N THR A 119 5.52 -27.44 40.03
CA THR A 119 5.84 -28.07 41.30
C THR A 119 6.89 -27.31 42.12
N TRP A 120 6.44 -26.67 43.20
CA TRP A 120 7.33 -25.92 44.07
C TRP A 120 7.75 -26.72 45.30
N GLY A 121 8.68 -27.64 45.12
CA GLY A 121 9.14 -28.43 46.26
C GLY A 121 8.36 -29.71 46.52
N ASP A 122 7.88 -29.86 47.74
CA ASP A 122 7.11 -31.06 48.12
C ASP A 122 6.35 -30.86 49.43
N GLY A 123 5.28 -31.62 49.60
CA GLY A 123 4.49 -31.52 50.81
C GLY A 123 3.45 -30.41 50.74
N ASP A 124 3.24 -29.74 51.87
CA ASP A 124 2.27 -28.66 51.95
C ASP A 124 2.68 -27.50 51.01
N ASP A 125 1.69 -26.88 50.38
CA ASP A 125 1.96 -25.79 49.45
C ASP A 125 3.01 -26.22 48.44
N ASN A 126 2.61 -27.12 47.55
CA ASN A 126 3.51 -27.64 46.55
C ASN A 126 3.28 -26.97 45.19
N GLY A 127 2.32 -26.04 45.14
CA GLY A 127 2.02 -25.35 43.89
C GLY A 127 2.24 -23.84 43.91
N PRO A 128 2.02 -23.14 42.79
CA PRO A 128 2.21 -21.70 42.73
C PRO A 128 1.03 -20.87 43.25
N ASP A 129 1.25 -19.56 43.40
CA ASP A 129 0.20 -18.67 43.84
C ASP A 129 -0.56 -18.15 42.61
N MET A 130 0.16 -17.94 41.52
CA MET A 130 -0.44 -17.43 40.28
C MET A 130 0.22 -18.05 39.07
N ILE A 131 -0.51 -18.08 37.97
CA ILE A 131 0.02 -18.67 36.75
C ILE A 131 -0.09 -17.73 35.56
N VAL A 132 0.96 -17.73 34.73
CA VAL A 132 0.99 -16.96 33.50
C VAL A 132 1.03 -18.04 32.43
N ASP A 133 -0.06 -18.15 31.67
CA ASP A 133 -0.15 -19.17 30.64
C ASP A 133 -0.28 -18.56 29.25
N ASP A 134 0.08 -19.37 28.26
CA ASP A 134 0.01 -18.95 26.88
C ASP A 134 -0.41 -20.19 26.09
N GLY A 135 -1.71 -20.41 26.00
CA GLY A 135 -2.22 -21.57 25.30
C GLY A 135 -3.01 -22.42 26.25
N GLY A 136 -2.78 -22.22 27.54
CA GLY A 136 -3.50 -22.97 28.57
C GLY A 136 -2.99 -24.35 28.94
N ASP A 137 -1.79 -24.72 28.52
CA ASP A 137 -1.26 -26.04 28.86
C ASP A 137 -1.05 -26.23 30.37
N ALA A 138 -0.52 -25.22 31.05
CA ALA A 138 -0.32 -25.33 32.50
C ALA A 138 -1.68 -25.45 33.17
N THR A 139 -2.61 -24.60 32.77
CA THR A 139 -3.95 -24.61 33.33
C THR A 139 -4.63 -25.94 33.05
N LEU A 140 -4.39 -26.49 31.87
CA LEU A 140 -4.97 -27.78 31.48
C LEU A 140 -4.49 -28.90 32.42
N LEU A 141 -3.17 -29.01 32.56
CA LEU A 141 -2.55 -30.02 33.41
C LEU A 141 -3.18 -30.01 34.80
N VAL A 142 -3.36 -28.82 35.35
CA VAL A 142 -3.94 -28.70 36.68
C VAL A 142 -5.40 -29.15 36.71
N HIS A 143 -6.21 -28.68 35.77
CA HIS A 143 -7.61 -29.08 35.74
C HIS A 143 -7.81 -30.56 35.44
N LYS A 144 -7.03 -31.10 34.50
CA LYS A 144 -7.13 -32.52 34.16
C LYS A 144 -6.60 -33.36 35.32
N GLY A 145 -5.56 -32.86 35.97
CA GLY A 145 -4.98 -33.55 37.09
C GLY A 145 -6.01 -33.73 38.18
N VAL A 146 -6.73 -32.67 38.48
CA VAL A 146 -7.76 -32.72 39.52
C VAL A 146 -8.90 -33.61 39.09
N GLU A 147 -9.22 -33.59 37.80
CA GLU A 147 -10.32 -34.40 37.26
C GLU A 147 -10.02 -35.89 37.35
N TYR A 148 -8.84 -36.29 36.89
CA TYR A 148 -8.45 -37.70 36.94
C TYR A 148 -8.16 -38.19 38.36
N GLU A 149 -7.74 -37.30 39.25
CA GLU A 149 -7.47 -37.69 40.61
C GLU A 149 -8.77 -38.06 41.29
N LYS A 150 -9.85 -37.40 40.91
CA LYS A 150 -11.15 -37.70 41.50
C LYS A 150 -11.71 -38.99 40.89
N LEU A 151 -11.44 -39.21 39.61
CA LEU A 151 -11.91 -40.40 38.91
C LEU A 151 -11.24 -41.64 39.52
N TYR A 152 -9.99 -41.48 39.93
CA TYR A 152 -9.24 -42.56 40.53
C TYR A 152 -9.71 -42.83 41.96
N GLU A 153 -10.05 -41.77 42.68
CA GLU A 153 -10.51 -41.87 44.05
C GLU A 153 -11.93 -42.39 44.14
N GLU A 154 -12.57 -42.63 43.01
CA GLU A 154 -13.94 -43.11 42.99
C GLU A 154 -14.13 -44.44 42.27
N LYS A 155 -13.56 -44.56 41.08
CA LYS A 155 -13.68 -45.78 40.30
C LYS A 155 -12.33 -46.48 40.18
N ASN A 156 -11.32 -45.92 40.83
CA ASN A 156 -9.98 -46.48 40.80
C ASN A 156 -9.51 -46.65 39.37
N ILE A 157 -9.89 -45.70 38.51
CA ILE A 157 -9.51 -45.72 37.11
C ILE A 157 -8.41 -44.72 36.79
N LEU A 158 -7.42 -45.16 36.03
CA LEU A 158 -6.29 -44.31 35.66
C LEU A 158 -6.34 -43.90 34.20
N PRO A 159 -5.77 -42.72 33.87
CA PRO A 159 -5.76 -42.25 32.49
C PRO A 159 -4.83 -43.13 31.64
N ASP A 160 -5.40 -43.88 30.70
CA ASP A 160 -4.59 -44.75 29.86
C ASP A 160 -4.11 -44.08 28.57
N PRO A 161 -2.78 -44.02 28.37
CA PRO A 161 -2.22 -43.40 27.18
C PRO A 161 -2.55 -44.22 25.94
N GLU A 162 -3.32 -45.29 26.14
CA GLU A 162 -3.73 -46.16 25.05
C GLU A 162 -4.70 -45.40 24.15
N LYS A 163 -5.67 -44.74 24.79
CA LYS A 163 -6.69 -43.96 24.09
C LYS A 163 -6.12 -42.64 23.58
N ALA A 164 -4.81 -42.62 23.36
CA ALA A 164 -4.13 -41.43 22.87
C ALA A 164 -4.53 -41.11 21.44
N LYS A 165 -5.26 -40.01 21.28
CA LYS A 165 -5.72 -39.57 19.96
C LYS A 165 -4.62 -38.74 19.30
N ASN A 166 -3.44 -38.77 19.91
CA ASN A 166 -2.30 -38.02 19.42
C ASN A 166 -1.04 -38.36 20.22
N GLU A 167 0.13 -38.16 19.61
CA GLU A 167 1.40 -38.45 20.26
C GLU A 167 1.62 -37.55 21.49
N GLU A 168 1.31 -36.28 21.35
CA GLU A 168 1.48 -35.34 22.44
C GLU A 168 0.51 -35.62 23.57
N GLU A 169 -0.66 -36.14 23.23
CA GLU A 169 -1.68 -36.46 24.23
C GLU A 169 -1.27 -37.73 24.98
N ARG A 170 -0.51 -38.58 24.29
CA ARG A 170 -0.04 -39.81 24.90
C ARG A 170 0.90 -39.45 26.03
N CYS A 171 1.83 -38.55 25.76
CA CYS A 171 2.78 -38.12 26.77
C CYS A 171 2.09 -37.41 27.91
N PHE A 172 1.02 -36.70 27.59
CA PHE A 172 0.25 -35.95 28.57
C PHE A 172 -0.46 -36.88 29.55
N LEU A 173 -1.09 -37.91 29.01
CA LEU A 173 -1.81 -38.88 29.82
C LEU A 173 -0.82 -39.73 30.60
N THR A 174 0.33 -39.98 30.00
CA THR A 174 1.37 -40.77 30.66
C THR A 174 1.83 -40.00 31.89
N LEU A 175 2.10 -38.71 31.70
CA LEU A 175 2.55 -37.84 32.79
C LEU A 175 1.54 -37.83 33.93
N LEU A 176 0.26 -37.74 33.57
CA LEU A 176 -0.80 -37.72 34.57
C LEU A 176 -0.95 -39.05 35.29
N LYS A 177 -0.84 -40.14 34.54
CA LYS A 177 -0.96 -41.47 35.13
C LYS A 177 0.14 -41.66 36.17
N ASN A 178 1.38 -41.34 35.81
CA ASN A 178 2.50 -41.48 36.72
C ASN A 178 2.38 -40.55 37.90
N SER A 179 1.84 -39.37 37.65
CA SER A 179 1.65 -38.38 38.70
C SER A 179 0.70 -38.93 39.77
N ILE A 180 -0.40 -39.54 39.33
CA ILE A 180 -1.40 -40.08 40.25
C ILE A 180 -0.91 -41.32 41.00
N LEU A 181 -0.08 -42.14 40.36
CA LEU A 181 0.47 -43.33 40.99
C LEU A 181 1.55 -42.96 41.99
N LYS A 182 1.91 -41.68 42.03
CA LYS A 182 2.93 -41.23 42.95
C LYS A 182 2.30 -40.46 44.10
N ASN A 183 1.25 -39.71 43.78
CA ASN A 183 0.51 -38.91 44.75
C ASN A 183 -0.82 -38.52 44.13
N PRO A 184 -1.87 -39.33 44.39
CA PRO A 184 -3.23 -39.14 43.89
C PRO A 184 -3.99 -37.92 44.42
N LYS A 185 -3.28 -37.00 45.07
CA LYS A 185 -3.91 -35.80 45.58
C LYS A 185 -3.07 -34.56 45.30
N LYS A 186 -2.01 -34.74 44.53
CA LYS A 186 -1.09 -33.66 44.19
C LYS A 186 -1.78 -32.43 43.60
N TRP A 187 -2.45 -32.63 42.47
CA TRP A 187 -3.12 -31.53 41.78
C TRP A 187 -4.35 -30.98 42.53
N THR A 188 -5.06 -31.85 43.21
CA THR A 188 -6.23 -31.41 43.96
C THR A 188 -5.78 -30.41 45.03
N ASN A 189 -4.70 -30.71 45.71
CA ASN A 189 -4.18 -29.81 46.75
C ASN A 189 -3.60 -28.53 46.17
N ILE A 190 -2.91 -28.65 45.06
CA ILE A 190 -2.31 -27.49 44.40
C ILE A 190 -3.35 -26.49 43.90
N ALA A 191 -4.36 -26.98 43.17
CA ALA A 191 -5.41 -26.13 42.63
C ALA A 191 -6.10 -25.29 43.69
N LYS A 192 -6.11 -25.77 44.92
CA LYS A 192 -6.76 -25.05 46.01
C LYS A 192 -6.04 -23.79 46.46
N LYS A 193 -4.74 -23.71 46.20
CA LYS A 193 -3.96 -22.54 46.61
C LYS A 193 -3.73 -21.51 45.50
N ILE A 194 -4.08 -21.87 44.27
CA ILE A 194 -3.91 -20.98 43.12
C ILE A 194 -4.89 -19.79 43.14
N ILE A 195 -4.35 -18.59 43.25
CA ILE A 195 -5.12 -17.35 43.27
C ILE A 195 -5.83 -17.18 41.94
N GLY A 196 -5.10 -17.42 40.86
CA GLY A 196 -5.65 -17.26 39.53
C GLY A 196 -4.61 -17.37 38.43
N VAL A 197 -5.08 -17.31 37.19
CA VAL A 197 -4.22 -17.39 36.02
C VAL A 197 -4.60 -16.30 35.02
N SER A 198 -3.65 -15.90 34.18
CA SER A 198 -3.92 -14.89 33.16
C SER A 198 -3.50 -15.47 31.81
N GLU A 199 -4.47 -15.60 30.90
CA GLU A 199 -4.26 -16.17 29.56
C GLU A 199 -3.85 -15.12 28.54
N GLU A 200 -2.83 -15.47 27.78
CA GLU A 200 -2.25 -14.62 26.76
C GLU A 200 -2.85 -14.73 25.35
N THR A 201 -3.19 -15.94 24.93
CA THR A 201 -3.68 -16.15 23.57
C THR A 201 -5.14 -16.56 23.37
N THR A 202 -5.62 -16.31 22.17
CA THR A 202 -7.00 -16.62 21.79
C THR A 202 -7.40 -18.07 22.04
N THR A 203 -6.49 -18.99 21.74
CA THR A 203 -6.74 -20.40 21.94
C THR A 203 -6.91 -20.75 23.42
N GLY A 204 -6.04 -20.21 24.27
CA GLY A 204 -6.15 -20.48 25.68
C GLY A 204 -7.45 -19.92 26.22
N VAL A 205 -7.86 -18.75 25.73
CA VAL A 205 -9.08 -18.13 26.19
C VAL A 205 -10.28 -18.98 25.79
N LEU A 206 -10.23 -19.56 24.60
CA LEU A 206 -11.31 -20.40 24.16
C LEU A 206 -11.46 -21.57 25.13
N ARG A 207 -10.32 -22.14 25.57
CA ARG A 207 -10.34 -23.25 26.52
C ARG A 207 -10.96 -22.83 27.86
N LEU A 208 -10.57 -21.67 28.36
CA LEU A 208 -11.08 -21.17 29.63
C LEU A 208 -12.58 -20.91 29.57
N LYS A 209 -13.03 -20.32 28.48
CA LYS A 209 -14.45 -20.02 28.31
C LYS A 209 -15.28 -21.30 28.30
N LYS A 210 -14.75 -22.37 27.71
CA LYS A 210 -15.49 -23.62 27.66
C LYS A 210 -15.56 -24.26 29.05
N MET A 211 -14.48 -24.12 29.83
CA MET A 211 -14.49 -24.67 31.17
C MET A 211 -15.43 -23.86 32.04
N ASP A 212 -15.36 -22.53 31.92
CA ASP A 212 -16.20 -21.63 32.69
C ASP A 212 -17.67 -21.83 32.36
N LYS A 213 -17.93 -22.17 31.11
CA LYS A 213 -19.28 -22.39 30.65
C LYS A 213 -19.86 -23.62 31.34
N GLN A 214 -19.01 -24.63 31.58
CA GLN A 214 -19.45 -25.84 32.24
C GLN A 214 -19.09 -25.84 33.72
N ASN A 215 -18.78 -24.66 34.24
CA ASN A 215 -18.40 -24.49 35.64
C ASN A 215 -17.31 -25.47 36.07
N GLU A 216 -16.23 -25.52 35.31
CA GLU A 216 -15.12 -26.41 35.65
C GLU A 216 -13.91 -25.62 36.16
N LEU A 217 -13.97 -24.31 36.05
CA LEU A 217 -12.88 -23.46 36.53
C LEU A 217 -12.64 -23.62 38.02
N LEU A 218 -11.40 -23.92 38.39
CA LEU A 218 -11.03 -24.11 39.79
C LEU A 218 -10.53 -22.82 40.43
N PHE A 219 -10.21 -21.84 39.59
CA PHE A 219 -9.71 -20.57 40.09
C PHE A 219 -9.95 -19.44 39.10
N THR A 220 -9.68 -18.21 39.52
CA THR A 220 -9.86 -17.04 38.67
C THR A 220 -9.00 -17.06 37.42
N ALA A 221 -9.57 -16.57 36.32
CA ALA A 221 -8.84 -16.50 35.07
C ALA A 221 -9.00 -15.11 34.48
N ILE A 222 -7.90 -14.49 34.12
CA ILE A 222 -7.98 -13.17 33.52
C ILE A 222 -7.67 -13.28 32.04
N ASN A 223 -8.60 -12.79 31.23
CA ASN A 223 -8.48 -12.81 29.78
C ASN A 223 -7.64 -11.62 29.32
N VAL A 224 -6.33 -11.84 29.20
CA VAL A 224 -5.40 -10.81 28.79
C VAL A 224 -5.46 -10.61 27.28
N ASN A 225 -5.78 -11.68 26.56
CA ASN A 225 -5.85 -11.61 25.10
C ASN A 225 -6.94 -10.68 24.54
N ASP A 226 -8.07 -10.52 25.22
CA ASP A 226 -9.12 -9.64 24.70
C ASP A 226 -8.91 -8.16 25.06
N ALA A 227 -7.76 -7.83 25.64
CA ALA A 227 -7.49 -6.44 25.97
C ALA A 227 -7.19 -5.76 24.62
N VAL A 228 -7.72 -4.55 24.42
CA VAL A 228 -7.50 -3.81 23.18
C VAL A 228 -6.03 -3.70 22.79
N THR A 229 -5.21 -3.22 23.71
CA THR A 229 -3.79 -3.04 23.45
C THR A 229 -3.05 -4.36 23.30
N LYS A 230 -3.81 -5.44 23.18
CA LYS A 230 -3.18 -6.73 23.00
C LYS A 230 -3.67 -7.33 21.69
N GLN A 231 -4.96 -7.61 21.60
CA GLN A 231 -5.47 -8.20 20.37
C GLN A 231 -5.30 -7.29 19.14
N LYS A 232 -5.42 -5.97 19.32
CA LYS A 232 -5.27 -5.03 18.21
C LYS A 232 -3.83 -4.70 17.85
N TYR A 233 -2.89 -4.94 18.76
CA TYR A 233 -1.49 -4.61 18.49
C TYR A 233 -0.65 -5.86 18.25
N ASP A 234 -0.61 -6.72 19.26
CA ASP A 234 0.12 -7.99 19.25
C ASP A 234 -0.32 -8.87 18.07
N ASN A 235 -1.58 -9.27 18.09
CA ASN A 235 -2.12 -10.15 17.07
C ASN A 235 -2.04 -9.60 15.64
N VAL A 236 -2.07 -8.28 15.49
CA VAL A 236 -2.02 -7.65 14.17
C VAL A 236 -0.61 -7.24 13.74
N TYR A 237 -0.05 -6.25 14.41
CA TYR A 237 1.27 -5.74 14.09
C TYR A 237 2.39 -6.74 14.34
N GLY A 238 2.22 -7.59 15.36
CA GLY A 238 3.25 -8.58 15.66
C GLY A 238 3.37 -9.62 14.55
N CYS A 239 2.24 -10.13 14.08
CA CYS A 239 2.28 -11.12 13.02
C CYS A 239 2.68 -10.49 11.70
N ARG A 240 2.37 -9.21 11.54
CA ARG A 240 2.76 -8.51 10.32
C ARG A 240 4.28 -8.54 10.24
N HIS A 241 4.93 -8.53 11.41
CA HIS A 241 6.37 -8.57 11.46
C HIS A 241 6.94 -10.00 11.47
N SER A 242 6.50 -10.86 12.38
CA SER A 242 7.07 -12.20 12.45
C SER A 242 6.66 -13.22 11.40
N LEU A 243 5.61 -12.96 10.63
CA LEU A 243 5.24 -13.94 9.60
C LEU A 243 6.30 -13.95 8.50
N PRO A 244 6.53 -12.81 7.85
CA PRO A 244 7.54 -12.80 6.79
C PRO A 244 8.94 -13.14 7.32
N ASP A 245 9.21 -12.75 8.56
CA ASP A 245 10.51 -13.03 9.15
C ASP A 245 10.73 -14.53 9.28
N GLY A 246 9.72 -15.25 9.75
CA GLY A 246 9.84 -16.69 9.88
C GLY A 246 9.95 -17.33 8.52
N LEU A 247 9.17 -16.83 7.57
CA LEU A 247 9.19 -17.36 6.22
C LEU A 247 10.54 -17.17 5.58
N MET A 248 11.10 -15.97 5.71
CA MET A 248 12.41 -15.67 5.11
C MET A 248 13.55 -16.48 5.70
N ARG A 249 13.58 -16.65 7.02
CA ARG A 249 14.66 -17.40 7.65
C ARG A 249 14.57 -18.87 7.36
N ALA A 250 13.35 -19.38 7.27
CA ALA A 250 13.15 -20.79 7.02
C ALA A 250 13.39 -21.22 5.58
N THR A 251 13.04 -20.37 4.62
CA THR A 251 13.19 -20.76 3.22
C THR A 251 14.02 -19.81 2.34
N ASP A 252 14.07 -18.53 2.72
CA ASP A 252 14.76 -17.53 1.93
C ASP A 252 14.08 -17.35 0.57
N PHE A 253 12.84 -17.82 0.44
CA PHE A 253 12.11 -17.69 -0.83
C PHE A 253 11.57 -16.29 -1.04
N LEU A 254 11.41 -15.92 -2.30
CA LEU A 254 10.85 -14.62 -2.65
C LEU A 254 9.36 -14.67 -2.31
N ILE A 255 8.81 -13.57 -1.82
CA ILE A 255 7.39 -13.53 -1.50
C ILE A 255 6.61 -12.72 -2.54
N SER A 256 7.24 -11.65 -3.04
CA SER A 256 6.61 -10.80 -4.06
C SER A 256 6.25 -11.60 -5.30
N GLY A 257 5.06 -11.36 -5.83
CA GLY A 257 4.63 -12.06 -7.03
C GLY A 257 4.20 -13.49 -6.80
N LYS A 258 4.37 -13.98 -5.57
CA LYS A 258 3.98 -15.35 -5.24
C LYS A 258 2.53 -15.41 -4.73
N ILE A 259 1.91 -16.56 -4.92
CA ILE A 259 0.54 -16.76 -4.46
C ILE A 259 0.60 -17.21 -3.01
N VAL A 260 0.02 -16.37 -2.15
CA VAL A 260 0.00 -16.65 -0.72
C VAL A 260 -1.43 -16.88 -0.28
N VAL A 261 -1.67 -18.03 0.34
CA VAL A 261 -3.00 -18.37 0.79
C VAL A 261 -3.02 -18.28 2.30
N ILE A 262 -3.87 -17.40 2.81
CA ILE A 262 -4.03 -17.21 4.25
C ILE A 262 -5.41 -17.76 4.63
N CYS A 263 -5.45 -18.68 5.58
CA CYS A 263 -6.74 -19.24 6.01
C CYS A 263 -7.11 -18.52 7.30
N GLY A 264 -8.25 -17.85 7.30
CA GLY A 264 -8.65 -17.13 8.48
C GLY A 264 -8.30 -15.65 8.33
N TYR A 265 -9.27 -14.77 8.55
CA TYR A 265 -9.01 -13.35 8.44
C TYR A 265 -9.48 -12.61 9.69
N GLY A 266 -9.03 -13.09 10.84
CA GLY A 266 -9.34 -12.46 12.10
C GLY A 266 -8.15 -11.56 12.39
N ASP A 267 -7.83 -11.34 13.66
CA ASP A 267 -6.70 -10.47 13.99
C ASP A 267 -5.36 -10.88 13.36
N VAL A 268 -4.98 -12.14 13.53
CA VAL A 268 -3.73 -12.63 12.98
C VAL A 268 -3.73 -12.62 11.45
N GLY A 269 -4.82 -13.09 10.85
CA GLY A 269 -4.92 -13.11 9.39
C GLY A 269 -4.79 -11.71 8.82
N LYS A 270 -5.44 -10.73 9.45
CA LYS A 270 -5.36 -9.35 8.98
C LYS A 270 -3.91 -8.87 8.99
N GLY A 271 -3.18 -9.19 10.06
CA GLY A 271 -1.79 -8.77 10.17
C GLY A 271 -0.91 -9.46 9.16
N CYS A 272 -1.08 -10.77 9.01
CA CYS A 272 -0.30 -11.53 8.05
C CYS A 272 -0.53 -11.02 6.65
N ALA A 273 -1.79 -10.83 6.30
CA ALA A 273 -2.13 -10.37 4.95
C ALA A 273 -1.57 -8.98 4.67
N SER A 274 -1.57 -8.11 5.67
CA SER A 274 -1.06 -6.76 5.44
C SER A 274 0.43 -6.76 5.05
N SER A 275 1.23 -7.60 5.71
CA SER A 275 2.64 -7.65 5.39
C SER A 275 2.86 -8.31 4.03
N MET A 276 2.15 -9.39 3.74
CA MET A 276 2.28 -10.05 2.44
C MET A 276 1.87 -9.10 1.32
N LYS A 277 0.83 -8.30 1.55
CA LYS A 277 0.39 -7.35 0.53
C LYS A 277 1.45 -6.29 0.28
N GLY A 278 2.06 -5.79 1.35
CA GLY A 278 3.09 -4.76 1.24
C GLY A 278 4.33 -5.22 0.50
N LEU A 279 4.60 -6.52 0.52
CA LEU A 279 5.75 -7.08 -0.17
C LEU A 279 5.46 -7.32 -1.66
N GLY A 280 4.19 -7.32 -2.03
CA GLY A 280 3.84 -7.53 -3.42
C GLY A 280 3.35 -8.93 -3.76
N ALA A 281 2.89 -9.67 -2.77
CA ALA A 281 2.38 -11.01 -3.02
C ALA A 281 0.93 -10.96 -3.49
N ARG A 282 0.46 -12.04 -4.09
CA ARG A 282 -0.93 -12.11 -4.52
C ARG A 282 -1.61 -12.88 -3.41
N VAL A 283 -2.42 -12.17 -2.64
CA VAL A 283 -3.08 -12.76 -1.48
C VAL A 283 -4.46 -13.36 -1.70
N TYR A 284 -4.63 -14.58 -1.22
CA TYR A 284 -5.90 -15.28 -1.30
C TYR A 284 -6.29 -15.59 0.13
N ILE A 285 -7.55 -15.37 0.45
CA ILE A 285 -8.04 -15.59 1.80
C ILE A 285 -9.17 -16.63 1.82
N THR A 286 -9.20 -17.45 2.88
CA THR A 286 -10.29 -18.41 3.05
C THR A 286 -10.94 -17.97 4.37
N GLU A 287 -12.25 -18.06 4.46
CA GLU A 287 -12.95 -17.66 5.66
C GLU A 287 -14.26 -18.39 5.79
N ILE A 288 -14.74 -18.52 7.02
CA ILE A 288 -16.02 -19.15 7.29
C ILE A 288 -17.01 -18.06 7.74
N ASP A 289 -16.49 -16.93 8.18
CA ASP A 289 -17.29 -15.81 8.67
C ASP A 289 -17.50 -14.76 7.58
N PRO A 290 -18.76 -14.56 7.13
CA PRO A 290 -19.07 -13.58 6.08
C PRO A 290 -18.61 -12.13 6.31
N ILE A 291 -18.61 -11.70 7.56
CA ILE A 291 -18.20 -10.33 7.87
C ILE A 291 -16.71 -10.14 7.59
N CYS A 292 -15.90 -11.09 8.06
CA CYS A 292 -14.46 -11.03 7.84
C CYS A 292 -14.17 -11.18 6.35
N ALA A 293 -14.95 -12.01 5.66
CA ALA A 293 -14.72 -12.21 4.23
C ALA A 293 -14.86 -10.92 3.45
N ILE A 294 -15.85 -10.11 3.81
CA ILE A 294 -16.03 -8.84 3.11
C ILE A 294 -14.87 -7.89 3.43
N GLN A 295 -14.36 -7.94 4.67
CA GLN A 295 -13.24 -7.08 5.00
C GLN A 295 -12.08 -7.47 4.10
N ALA A 296 -11.88 -8.76 3.91
CA ALA A 296 -10.79 -9.25 3.07
C ALA A 296 -10.94 -8.77 1.62
N VAL A 297 -12.15 -8.81 1.09
CA VAL A 297 -12.37 -8.38 -0.28
C VAL A 297 -12.14 -6.88 -0.44
N MET A 298 -12.55 -6.10 0.55
CA MET A 298 -12.38 -4.66 0.49
C MET A 298 -10.93 -4.21 0.57
N GLU A 299 -10.01 -5.15 0.84
CA GLU A 299 -8.59 -4.80 0.89
C GLU A 299 -7.91 -5.21 -0.39
N GLY A 300 -8.69 -5.73 -1.34
CA GLY A 300 -8.15 -6.17 -2.61
C GLY A 300 -7.77 -7.63 -2.67
N PHE A 301 -8.13 -8.39 -1.64
CA PHE A 301 -7.80 -9.81 -1.57
C PHE A 301 -8.91 -10.66 -2.18
N ASN A 302 -8.54 -11.82 -2.72
CA ASN A 302 -9.52 -12.71 -3.32
C ASN A 302 -9.93 -13.78 -2.31
N VAL A 303 -11.22 -13.83 -1.96
CA VAL A 303 -11.71 -14.82 -1.02
C VAL A 303 -12.16 -16.07 -1.77
N VAL A 304 -11.59 -17.22 -1.39
CA VAL A 304 -11.90 -18.49 -2.06
C VAL A 304 -11.85 -19.66 -1.08
N THR A 305 -12.24 -20.84 -1.58
CA THR A 305 -12.17 -22.03 -0.76
C THR A 305 -10.81 -22.65 -1.10
N LEU A 306 -10.21 -23.33 -0.13
CA LEU A 306 -8.91 -23.94 -0.32
C LEU A 306 -8.89 -24.80 -1.59
N ASP A 307 -9.92 -25.59 -1.78
CA ASP A 307 -10.02 -26.46 -2.96
C ASP A 307 -9.81 -25.73 -4.27
N GLU A 308 -10.18 -24.46 -4.31
CA GLU A 308 -10.05 -23.64 -5.53
C GLU A 308 -8.64 -23.14 -5.82
N ILE A 309 -7.80 -23.01 -4.78
CA ILE A 309 -6.46 -22.48 -4.99
C ILE A 309 -5.30 -23.41 -4.58
N VAL A 310 -5.62 -24.49 -3.88
CA VAL A 310 -4.61 -25.44 -3.41
C VAL A 310 -3.64 -25.97 -4.47
N ASP A 311 -4.00 -25.85 -5.75
CA ASP A 311 -3.13 -26.33 -6.81
C ASP A 311 -2.04 -25.36 -7.26
N LYS A 312 -2.29 -24.06 -7.13
CA LYS A 312 -1.32 -23.07 -7.57
C LYS A 312 -0.64 -22.31 -6.43
N GLY A 313 -1.14 -22.49 -5.20
CA GLY A 313 -0.55 -21.78 -4.07
C GLY A 313 0.92 -22.03 -3.83
N ASP A 314 1.66 -20.98 -3.51
CA ASP A 314 3.10 -21.11 -3.23
C ASP A 314 3.34 -21.19 -1.72
N PHE A 315 2.52 -20.46 -0.98
CA PHE A 315 2.60 -20.45 0.48
C PHE A 315 1.20 -20.65 1.05
N PHE A 316 1.11 -21.48 2.10
CA PHE A 316 -0.15 -21.74 2.76
C PHE A 316 0.04 -21.50 4.24
N ILE A 317 -0.61 -20.47 4.77
CA ILE A 317 -0.50 -20.11 6.17
C ILE A 317 -1.87 -20.18 6.85
N THR A 318 -1.95 -20.92 7.94
CA THR A 318 -3.19 -21.07 8.68
C THR A 318 -3.18 -20.16 9.92
N CYS A 319 -4.23 -19.34 10.07
CA CYS A 319 -4.38 -18.41 11.21
C CYS A 319 -5.80 -18.51 11.76
N THR A 320 -6.38 -19.70 11.75
CA THR A 320 -7.75 -19.86 12.19
C THR A 320 -7.96 -20.19 13.66
N GLY A 321 -6.99 -20.88 14.26
CA GLY A 321 -7.13 -21.27 15.65
C GLY A 321 -8.18 -22.38 15.73
N ASN A 322 -8.43 -23.05 14.60
CA ASN A 322 -9.41 -24.14 14.48
C ASN A 322 -8.66 -25.44 14.18
N VAL A 323 -9.38 -26.52 13.92
CA VAL A 323 -8.75 -27.80 13.61
C VAL A 323 -9.03 -28.28 12.20
N ASP A 324 -8.13 -29.08 11.66
CA ASP A 324 -8.28 -29.64 10.32
C ASP A 324 -8.61 -28.62 9.22
N VAL A 325 -7.87 -27.52 9.18
CA VAL A 325 -8.13 -26.51 8.17
C VAL A 325 -7.52 -26.96 6.85
N ILE A 326 -6.31 -27.49 6.91
CA ILE A 326 -5.65 -27.99 5.72
C ILE A 326 -5.49 -29.49 5.93
N LYS A 327 -6.40 -30.25 5.31
CA LYS A 327 -6.41 -31.69 5.45
C LYS A 327 -5.39 -32.40 4.57
N LEU A 328 -5.25 -33.70 4.78
CA LEU A 328 -4.33 -34.52 4.02
C LEU A 328 -4.63 -34.44 2.53
N GLU A 329 -5.90 -34.48 2.17
CA GLU A 329 -6.29 -34.42 0.75
C GLU A 329 -5.85 -33.10 0.09
N HIS A 330 -5.66 -32.05 0.88
CA HIS A 330 -5.23 -30.78 0.31
C HIS A 330 -3.71 -30.81 0.11
N LEU A 331 -2.99 -31.29 1.13
CA LEU A 331 -1.54 -31.37 1.05
C LEU A 331 -1.09 -32.21 -0.13
N LEU A 332 -1.78 -33.30 -0.41
CA LEU A 332 -1.43 -34.17 -1.53
C LEU A 332 -1.58 -33.53 -2.90
N LYS A 333 -2.31 -32.42 -2.98
CA LYS A 333 -2.54 -31.75 -4.26
C LYS A 333 -1.67 -30.51 -4.50
N MET A 334 -0.81 -30.19 -3.53
CA MET A 334 0.04 -29.01 -3.66
C MET A 334 1.16 -29.17 -4.69
N LYS A 335 1.55 -28.04 -5.27
CA LYS A 335 2.60 -27.99 -6.28
C LYS A 335 3.97 -28.26 -5.66
N ASN A 336 4.94 -28.45 -6.52
CA ASN A 336 6.30 -28.70 -6.07
C ASN A 336 6.90 -27.44 -5.46
N ASN A 337 7.56 -27.60 -4.32
CA ASN A 337 8.21 -26.50 -3.60
C ASN A 337 7.24 -25.58 -2.84
N ALA A 338 5.98 -25.99 -2.73
CA ALA A 338 4.99 -25.19 -2.00
C ALA A 338 5.39 -25.20 -0.53
N VAL A 339 5.14 -24.11 0.17
CA VAL A 339 5.48 -24.01 1.58
C VAL A 339 4.24 -24.02 2.42
N VAL A 340 4.26 -24.79 3.50
CA VAL A 340 3.11 -24.91 4.39
C VAL A 340 3.53 -24.62 5.83
N GLY A 341 2.79 -23.74 6.50
CA GLY A 341 3.13 -23.40 7.86
C GLY A 341 1.89 -22.96 8.60
N ASN A 342 1.91 -23.15 9.92
CA ASN A 342 0.82 -22.78 10.81
C ASN A 342 1.28 -21.68 11.74
N ILE A 343 0.44 -20.67 11.98
CA ILE A 343 0.82 -19.61 12.88
C ILE A 343 -0.30 -19.45 13.90
N GLY A 344 -1.22 -20.39 13.86
CA GLY A 344 -2.35 -20.36 14.78
C GLY A 344 -2.08 -21.09 16.08
N HIS A 345 -2.68 -22.25 16.27
CA HIS A 345 -2.47 -22.97 17.51
C HIS A 345 -1.96 -24.39 17.33
N PHE A 346 -1.12 -24.79 18.26
CA PHE A 346 -0.54 -26.14 18.27
C PHE A 346 -0.22 -26.64 16.87
N ASP A 347 -0.62 -27.86 16.57
CA ASP A 347 -0.36 -28.44 15.26
C ASP A 347 -1.61 -29.10 14.72
N ASP A 348 -2.76 -28.59 15.14
CA ASP A 348 -4.05 -29.13 14.70
C ASP A 348 -4.56 -28.54 13.40
N GLU A 349 -4.25 -27.27 13.14
CA GLU A 349 -4.73 -26.61 11.94
C GLU A 349 -4.36 -27.34 10.66
N ILE A 350 -3.15 -27.88 10.62
CA ILE A 350 -2.69 -28.63 9.45
C ILE A 350 -2.46 -30.07 9.86
N GLN A 351 -2.92 -31.00 9.05
CA GLN A 351 -2.77 -32.42 9.36
C GLN A 351 -1.37 -32.93 9.02
N VAL A 352 -0.36 -32.32 9.64
CA VAL A 352 1.01 -32.72 9.42
C VAL A 352 1.22 -34.18 9.80
N ASN A 353 0.63 -34.59 10.93
CA ASN A 353 0.75 -35.95 11.39
C ASN A 353 0.23 -36.96 10.38
N GLU A 354 -0.98 -36.72 9.87
CA GLU A 354 -1.55 -37.62 8.88
C GLU A 354 -0.62 -37.73 7.67
N LEU A 355 -0.04 -36.61 7.26
CA LEU A 355 0.84 -36.60 6.11
C LEU A 355 2.14 -37.35 6.40
N PHE A 356 2.71 -37.09 7.56
CA PHE A 356 3.96 -37.74 7.95
C PHE A 356 3.83 -39.25 8.10
N ASN A 357 2.62 -39.72 8.36
CA ASN A 357 2.38 -41.15 8.53
C ASN A 357 1.64 -41.75 7.34
N TYR A 358 1.62 -41.02 6.23
CA TYR A 358 0.94 -41.51 5.03
C TYR A 358 1.85 -42.49 4.29
N LYS A 359 1.25 -43.49 3.66
CA LYS A 359 2.00 -44.49 2.93
C LYS A 359 2.71 -43.92 1.69
N GLY A 360 4.01 -44.17 1.58
CA GLY A 360 4.76 -43.69 0.44
C GLY A 360 5.28 -42.26 0.55
N ILE A 361 5.30 -41.74 1.77
CA ILE A 361 5.77 -40.39 2.01
C ILE A 361 7.21 -40.39 2.55
N HIS A 362 8.05 -39.58 1.94
CA HIS A 362 9.45 -39.45 2.34
C HIS A 362 9.67 -38.11 3.04
N ILE A 363 10.19 -38.14 4.26
CA ILE A 363 10.46 -36.93 5.01
C ILE A 363 11.95 -36.69 5.07
N GLU A 364 12.38 -35.52 4.61
CA GLU A 364 13.80 -35.17 4.57
C GLU A 364 14.03 -33.85 5.26
N ASN A 365 14.81 -33.87 6.33
CA ASN A 365 15.12 -32.65 7.08
C ASN A 365 16.11 -31.76 6.36
N VAL A 366 15.73 -30.50 6.14
CA VAL A 366 16.54 -29.51 5.45
C VAL A 366 17.38 -28.76 6.48
N LYS A 367 16.74 -28.33 7.55
CA LYS A 367 17.42 -27.61 8.61
C LYS A 367 16.46 -27.62 9.79
N PRO A 368 16.91 -27.11 10.94
CA PRO A 368 16.05 -27.08 12.13
C PRO A 368 14.66 -26.49 11.82
N GLN A 369 13.60 -27.19 12.22
CA GLN A 369 12.22 -26.74 12.00
C GLN A 369 11.82 -26.63 10.52
N VAL A 370 12.61 -27.21 9.63
CA VAL A 370 12.26 -27.17 8.22
C VAL A 370 12.44 -28.54 7.58
N ASP A 371 11.33 -29.11 7.14
CA ASP A 371 11.38 -30.43 6.52
C ASP A 371 10.85 -30.40 5.10
N ARG A 372 11.35 -31.32 4.27
CA ARG A 372 10.91 -31.42 2.90
C ARG A 372 10.27 -32.80 2.76
N ILE A 373 9.00 -32.79 2.35
CA ILE A 373 8.20 -34.00 2.18
C ILE A 373 8.01 -34.34 0.72
N THR A 374 8.30 -35.57 0.34
CA THR A 374 8.12 -36.00 -1.04
C THR A 374 6.73 -36.63 -1.11
N LEU A 375 5.85 -36.06 -1.92
CA LEU A 375 4.49 -36.59 -2.07
C LEU A 375 4.48 -37.80 -3.00
N PRO A 376 3.42 -38.62 -2.92
CA PRO A 376 3.29 -39.83 -3.77
C PRO A 376 3.51 -39.57 -5.25
N ASN A 377 3.09 -38.40 -5.74
CA ASN A 377 3.25 -38.06 -7.14
C ASN A 377 4.62 -37.47 -7.45
N GLY A 378 5.50 -37.43 -6.45
CA GLY A 378 6.83 -36.90 -6.68
C GLY A 378 7.08 -35.45 -6.28
N ASN A 379 6.02 -34.68 -6.05
CA ASN A 379 6.19 -33.28 -5.65
C ASN A 379 6.79 -33.17 -4.27
N LYS A 380 7.69 -32.23 -4.10
CA LYS A 380 8.32 -32.05 -2.80
C LYS A 380 7.85 -30.74 -2.21
N ILE A 381 7.18 -30.80 -1.06
CA ILE A 381 6.70 -29.60 -0.43
C ILE A 381 7.51 -29.34 0.84
N ILE A 382 7.42 -28.12 1.34
CA ILE A 382 8.15 -27.75 2.54
C ILE A 382 7.18 -27.48 3.69
N VAL A 383 7.47 -28.11 4.81
CA VAL A 383 6.64 -27.95 5.99
C VAL A 383 7.50 -27.31 7.07
N LEU A 384 6.95 -26.28 7.70
CA LEU A 384 7.67 -25.55 8.75
C LEU A 384 7.26 -25.93 10.17
N ALA A 385 8.26 -26.10 11.04
CA ALA A 385 8.06 -26.45 12.44
C ALA A 385 7.06 -27.56 12.67
N ARG A 386 6.99 -28.49 11.73
CA ARG A 386 6.07 -29.62 11.80
C ARG A 386 4.64 -29.22 12.18
N GLY A 387 4.17 -28.10 11.62
CA GLY A 387 2.82 -27.67 11.92
C GLY A 387 2.65 -26.80 13.14
N ARG A 388 3.74 -26.43 13.79
CA ARG A 388 3.67 -25.58 14.98
C ARG A 388 4.02 -24.13 14.63
N LEU A 389 3.76 -23.18 15.54
CA LEU A 389 4.04 -21.77 15.29
C LEU A 389 5.31 -21.55 14.50
N LEU A 390 5.18 -21.10 13.27
CA LEU A 390 6.33 -20.90 12.41
C LEU A 390 7.11 -19.65 12.77
N ASN A 391 6.41 -18.61 13.22
CA ASN A 391 7.11 -17.38 13.57
C ASN A 391 8.00 -17.54 14.79
N LEU A 392 7.62 -18.41 15.73
CA LEU A 392 8.42 -18.63 16.93
C LEU A 392 9.35 -19.82 16.78
N GLY A 393 9.05 -20.67 15.81
CA GLY A 393 9.90 -21.83 15.59
C GLY A 393 11.00 -21.58 14.59
N CYS A 394 10.69 -20.85 13.53
CA CYS A 394 11.68 -20.56 12.50
C CYS A 394 12.33 -19.21 12.69
N ALA A 395 11.77 -18.39 13.57
CA ALA A 395 12.32 -17.07 13.84
C ALA A 395 12.30 -16.77 15.34
N THR A 396 12.11 -15.50 15.70
CA THR A 396 12.14 -15.07 17.09
C THR A 396 10.82 -14.45 17.56
N GLY A 397 9.74 -14.81 16.91
CA GLY A 397 8.43 -14.28 17.29
C GLY A 397 8.35 -12.78 17.12
N HIS A 398 7.32 -12.18 17.71
CA HIS A 398 7.11 -10.75 17.63
C HIS A 398 8.28 -9.96 18.21
N PRO A 399 8.49 -8.73 17.72
CA PRO A 399 9.57 -7.87 18.20
C PRO A 399 9.23 -7.35 19.59
N ALA A 400 10.25 -6.97 20.33
CA ALA A 400 10.10 -6.49 21.69
C ALA A 400 9.09 -5.36 21.89
N PHE A 401 9.02 -4.43 20.94
CA PHE A 401 8.08 -3.31 21.08
C PHE A 401 6.60 -3.73 21.11
N VAL A 402 6.27 -4.76 20.33
CA VAL A 402 4.90 -5.27 20.29
C VAL A 402 4.64 -6.05 21.57
N MET A 403 5.58 -6.93 21.94
CA MET A 403 5.42 -7.71 23.14
C MET A 403 5.33 -6.86 24.41
N SER A 404 5.77 -5.61 24.33
CA SER A 404 5.72 -4.73 25.46
C SER A 404 4.27 -4.44 25.84
N PHE A 405 3.40 -4.34 24.84
CA PHE A 405 1.99 -4.10 25.13
C PHE A 405 1.39 -5.31 25.83
N SER A 406 1.65 -6.49 25.29
CA SER A 406 1.15 -7.72 25.84
C SER A 406 1.64 -7.98 27.25
N PHE A 407 2.94 -7.85 27.45
CA PHE A 407 3.50 -8.11 28.77
C PHE A 407 3.14 -7.06 29.79
N CYS A 408 2.70 -5.89 29.34
CA CYS A 408 2.29 -4.87 30.30
C CYS A 408 0.94 -5.30 30.84
N ASN A 409 0.07 -5.82 29.97
CA ASN A 409 -1.23 -6.27 30.39
C ASN A 409 -1.11 -7.52 31.27
N GLN A 410 -0.11 -8.35 31.00
CA GLN A 410 0.15 -9.55 31.80
C GLN A 410 0.54 -9.13 33.22
N THR A 411 1.50 -8.21 33.30
CA THR A 411 1.98 -7.75 34.59
C THR A 411 0.85 -7.14 35.41
N PHE A 412 0.02 -6.31 34.78
CA PHE A 412 -1.10 -5.69 35.47
C PHE A 412 -2.10 -6.75 35.89
N ALA A 413 -2.17 -7.82 35.11
CA ALA A 413 -3.08 -8.91 35.43
C ALA A 413 -2.59 -9.64 36.69
N GLN A 414 -1.28 -9.89 36.75
CA GLN A 414 -0.69 -10.53 37.91
C GLN A 414 -0.80 -9.62 39.12
N LEU A 415 -0.51 -8.33 38.94
CA LEU A 415 -0.60 -7.38 40.03
C LEU A 415 -1.99 -7.31 40.64
N ASP A 416 -2.99 -7.16 39.79
CA ASP A 416 -4.37 -7.07 40.26
C ASP A 416 -4.85 -8.35 40.93
N LEU A 417 -4.42 -9.47 40.39
CA LEU A 417 -4.79 -10.76 40.93
C LEU A 417 -4.19 -10.97 42.32
N TRP A 418 -2.92 -10.60 42.47
CA TRP A 418 -2.24 -10.75 43.75
C TRP A 418 -2.70 -9.75 44.82
N GLN A 419 -3.00 -8.53 44.41
CA GLN A 419 -3.45 -7.49 45.34
C GLN A 419 -4.89 -7.71 45.82
N ASN A 420 -5.62 -8.56 45.12
CA ASN A 420 -7.01 -8.84 45.50
C ASN A 420 -7.19 -10.28 45.96
N LYS A 421 -6.10 -10.93 46.37
CA LYS A 421 -6.17 -12.31 46.82
C LYS A 421 -6.91 -12.47 48.13
N ASP A 422 -6.89 -11.43 48.95
CA ASP A 422 -7.56 -11.48 50.24
C ASP A 422 -8.95 -10.84 50.18
N THR A 423 -9.41 -10.53 48.96
CA THR A 423 -10.72 -9.93 48.78
C THR A 423 -11.60 -10.88 47.99
N ASN A 424 -12.84 -10.47 47.75
CA ASN A 424 -13.76 -11.29 47.00
C ASN A 424 -14.15 -10.58 45.70
N LYS A 425 -13.14 -9.95 45.08
CA LYS A 425 -13.34 -9.24 43.83
C LYS A 425 -13.44 -10.19 42.66
N TYR A 426 -12.69 -11.29 42.74
CA TYR A 426 -12.65 -12.29 41.68
C TYR A 426 -13.12 -13.68 42.09
N GLU A 427 -14.03 -14.24 41.29
CA GLU A 427 -14.56 -15.58 41.52
C GLU A 427 -13.90 -16.53 40.53
N ASN A 428 -14.40 -17.75 40.44
CA ASN A 428 -13.87 -18.73 39.52
C ASN A 428 -14.49 -18.53 38.14
N LYS A 429 -14.23 -17.36 37.57
CA LYS A 429 -14.74 -16.98 36.26
C LYS A 429 -13.67 -16.27 35.46
N VAL A 430 -13.99 -15.96 34.21
CA VAL A 430 -13.07 -15.26 33.32
C VAL A 430 -13.39 -13.77 33.39
N TYR A 431 -12.38 -12.97 33.71
CA TYR A 431 -12.55 -11.53 33.79
C TYR A 431 -11.66 -10.79 32.80
N LEU A 432 -11.92 -9.49 32.64
CA LEU A 432 -11.15 -8.65 31.73
C LEU A 432 -10.58 -7.44 32.47
N LEU A 433 -9.49 -6.89 31.97
CA LEU A 433 -8.85 -5.72 32.57
C LEU A 433 -9.66 -4.47 32.21
N PRO A 434 -9.78 -3.52 33.15
CA PRO A 434 -10.53 -2.28 32.92
C PRO A 434 -10.03 -1.46 31.75
N LYS A 435 -10.92 -0.63 31.19
CA LYS A 435 -10.61 0.21 30.05
C LYS A 435 -9.48 1.20 30.30
N HIS A 436 -9.46 1.82 31.48
CA HIS A 436 -8.43 2.80 31.76
C HIS A 436 -7.01 2.23 31.68
N LEU A 437 -6.85 0.94 32.01
CA LEU A 437 -5.54 0.31 31.95
C LEU A 437 -5.06 0.18 30.52
N ASP A 438 -5.98 -0.11 29.61
CA ASP A 438 -5.64 -0.23 28.20
C ASP A 438 -5.09 1.10 27.67
N GLU A 439 -5.74 2.20 28.02
CA GLU A 439 -5.29 3.51 27.58
C GLU A 439 -3.97 3.87 28.26
N LYS A 440 -3.80 3.41 29.50
CA LYS A 440 -2.58 3.66 30.24
C LYS A 440 -1.41 3.02 29.50
N VAL A 441 -1.55 1.74 29.17
CA VAL A 441 -0.50 1.02 28.49
C VAL A 441 -0.13 1.74 27.21
N ALA A 442 -1.15 2.15 26.44
CA ALA A 442 -0.92 2.87 25.19
C ALA A 442 -0.14 4.16 25.44
N LEU A 443 -0.53 4.91 26.46
CA LEU A 443 0.15 6.16 26.79
C LEU A 443 1.65 6.00 27.05
N TYR A 444 2.03 4.90 27.68
CA TYR A 444 3.44 4.64 27.96
C TYR A 444 4.30 4.53 26.70
N HIS A 445 3.70 4.14 25.59
CA HIS A 445 4.48 3.96 24.37
C HIS A 445 4.46 5.12 23.38
N LEU A 446 3.67 6.14 23.66
CA LEU A 446 3.56 7.30 22.78
C LEU A 446 4.87 8.07 22.59
N LYS A 447 5.57 8.37 23.67
CA LYS A 447 6.84 9.10 23.58
C LYS A 447 7.85 8.42 22.68
N LYS A 448 8.01 7.11 22.84
CA LYS A 448 8.96 6.36 22.04
C LYS A 448 8.61 6.45 20.55
N LEU A 449 7.33 6.63 20.26
CA LEU A 449 6.86 6.70 18.89
C LEU A 449 6.78 8.13 18.33
N ASN A 450 7.20 9.10 19.14
CA ASN A 450 7.18 10.50 18.71
C ASN A 450 5.77 10.95 18.37
N ALA A 451 4.80 10.43 19.09
CA ALA A 451 3.40 10.77 18.83
C ALA A 451 2.89 11.80 19.84
N SER A 452 2.41 12.93 19.33
CA SER A 452 1.87 13.98 20.18
C SER A 452 0.37 13.86 20.30
N LEU A 453 -0.10 13.54 21.51
CA LEU A 453 -1.52 13.41 21.76
C LEU A 453 -2.13 14.80 21.97
N THR A 454 -3.38 14.98 21.57
CA THR A 454 -4.06 16.26 21.74
C THR A 454 -4.89 16.26 23.01
N GLU A 455 -4.86 17.38 23.72
CA GLU A 455 -5.59 17.54 24.97
C GLU A 455 -7.00 17.98 24.68
N LEU A 456 -7.96 17.25 25.24
CA LEU A 456 -9.36 17.55 25.05
C LEU A 456 -9.68 18.83 25.83
N ASP A 457 -10.46 19.69 25.20
CA ASP A 457 -10.85 20.96 25.80
C ASP A 457 -12.06 20.82 26.72
N ASP A 458 -12.33 21.86 27.51
CA ASP A 458 -13.47 21.84 28.44
C ASP A 458 -14.83 21.65 27.74
N ASN A 459 -15.07 22.40 26.68
CA ASN A 459 -16.31 22.28 25.93
C ASN A 459 -16.41 20.90 25.28
N GLN A 460 -15.28 20.46 24.75
CA GLN A 460 -15.18 19.17 24.08
C GLN A 460 -15.44 18.01 25.03
N CYS A 461 -14.99 18.14 26.26
CA CYS A 461 -15.20 17.10 27.28
C CYS A 461 -16.68 16.94 27.56
N GLN A 462 -17.37 18.04 27.83
CA GLN A 462 -18.79 17.99 28.12
C GLN A 462 -19.62 17.46 26.97
N PHE A 463 -19.26 17.88 25.75
CA PHE A 463 -19.98 17.45 24.56
C PHE A 463 -19.86 15.95 24.36
N LEU A 464 -18.65 15.42 24.45
CA LEU A 464 -18.43 13.97 24.28
C LEU A 464 -18.88 13.20 25.51
N GLY A 465 -18.99 13.90 26.63
CA GLY A 465 -19.41 13.26 27.86
C GLY A 465 -18.35 12.30 28.37
N VAL A 466 -17.11 12.77 28.38
CA VAL A 466 -15.99 11.96 28.85
C VAL A 466 -15.03 12.81 29.69
N ASN A 467 -14.16 12.14 30.44
CA ASN A 467 -13.19 12.84 31.28
C ASN A 467 -11.99 13.19 30.43
N LYS A 468 -11.32 14.28 30.78
CA LYS A 468 -10.16 14.73 30.02
C LYS A 468 -9.00 13.73 30.04
N SER A 469 -9.09 12.75 30.93
CA SER A 469 -8.04 11.72 31.06
C SER A 469 -8.49 10.38 30.49
N GLY A 470 -9.75 10.28 30.11
CA GLY A 470 -10.29 9.04 29.56
C GLY A 470 -11.01 8.22 30.61
N PRO A 471 -11.61 7.07 30.23
CA PRO A 471 -11.62 6.48 28.89
C PRO A 471 -12.31 7.39 27.87
N PHE A 472 -11.95 7.24 26.60
CA PHE A 472 -12.54 8.07 25.55
C PHE A 472 -13.57 7.35 24.71
N LYS A 473 -13.64 6.03 24.85
CA LYS A 473 -14.58 5.21 24.09
C LYS A 473 -15.44 4.37 25.05
N SER A 474 -16.54 3.81 24.54
CA SER A 474 -17.40 2.95 25.36
C SER A 474 -16.81 1.54 25.34
N ASN A 475 -17.29 0.66 26.23
CA ASN A 475 -16.78 -0.71 26.29
C ASN A 475 -17.07 -1.50 25.04
N GLU A 476 -18.08 -1.06 24.27
CA GLU A 476 -18.44 -1.76 23.05
C GLU A 476 -17.64 -1.31 21.84
N TYR A 477 -16.86 -0.25 21.99
CA TYR A 477 -16.07 0.27 20.87
C TYR A 477 -15.13 -0.78 20.26
N ARG A 478 -15.17 -0.90 18.93
CA ARG A 478 -14.36 -1.91 18.25
C ARG A 478 -12.98 -1.50 17.78
N TYR A 479 -12.69 -0.21 17.81
CA TYR A 479 -11.39 0.30 17.36
C TYR A 479 -11.08 -0.15 15.93
N ASN B 4 -51.87 16.98 0.08
CA ASN B 4 -50.45 17.22 0.47
C ASN B 4 -49.50 16.59 -0.54
N LYS B 5 -48.86 17.42 -1.35
CA LYS B 5 -47.93 16.99 -2.39
C LYS B 5 -46.46 17.19 -2.00
N SER B 6 -45.56 16.67 -2.83
CA SER B 6 -44.13 16.78 -2.58
C SER B 6 -43.62 18.16 -2.97
N LYS B 7 -42.50 18.54 -2.37
CA LYS B 7 -41.89 19.83 -2.67
C LYS B 7 -40.44 19.57 -3.06
N VAL B 8 -40.15 19.70 -4.35
CA VAL B 8 -38.83 19.47 -4.89
C VAL B 8 -38.42 20.59 -5.83
N LYS B 9 -37.12 20.70 -6.09
CA LYS B 9 -36.61 21.74 -6.96
C LYS B 9 -37.28 21.68 -8.35
N ASP B 10 -36.99 20.63 -9.13
CA ASP B 10 -37.58 20.49 -10.47
C ASP B 10 -37.99 19.04 -10.78
N ILE B 11 -39.30 18.81 -10.84
CA ILE B 11 -39.81 17.48 -11.07
C ILE B 11 -39.42 16.90 -12.43
N SER B 12 -38.93 17.73 -13.35
CA SER B 12 -38.57 17.23 -14.68
C SER B 12 -37.27 16.42 -14.69
N LEU B 13 -36.58 16.39 -13.55
CA LEU B 13 -35.33 15.64 -13.44
C LEU B 13 -35.62 14.19 -13.09
N ALA B 14 -36.90 13.90 -12.85
CA ALA B 14 -37.32 12.54 -12.50
C ALA B 14 -36.72 11.44 -13.39
N PRO B 15 -36.76 11.61 -14.74
CA PRO B 15 -36.21 10.58 -15.64
C PRO B 15 -34.72 10.31 -15.46
N PHE B 16 -33.95 11.38 -15.24
CA PHE B 16 -32.52 11.24 -15.03
C PHE B 16 -32.30 10.46 -13.73
N GLY B 17 -33.07 10.81 -12.70
CA GLY B 17 -32.96 10.13 -11.42
C GLY B 17 -33.36 8.67 -11.53
N LYS B 18 -34.38 8.39 -12.34
CA LYS B 18 -34.87 7.03 -12.55
C LYS B 18 -33.79 6.15 -13.17
N MET B 19 -33.05 6.71 -14.12
CA MET B 19 -31.99 6.00 -14.78
C MET B 19 -30.90 5.68 -13.76
N GLN B 20 -30.56 6.63 -12.90
CA GLN B 20 -29.55 6.39 -11.88
C GLN B 20 -29.98 5.30 -10.91
N MET B 21 -31.25 5.27 -10.54
CA MET B 21 -31.77 4.26 -9.61
C MET B 21 -31.74 2.87 -10.22
N GLU B 22 -32.06 2.78 -11.50
CA GLU B 22 -32.05 1.51 -12.20
C GLU B 22 -30.64 0.92 -12.25
N ILE B 23 -29.65 1.78 -12.48
CA ILE B 23 -28.27 1.33 -12.53
C ILE B 23 -27.73 0.99 -11.15
N SER B 24 -27.99 1.83 -10.15
CA SER B 24 -27.49 1.58 -8.79
C SER B 24 -28.12 0.33 -8.20
N GLU B 25 -29.20 -0.13 -8.81
CA GLU B 25 -29.87 -1.34 -8.33
C GLU B 25 -28.92 -2.54 -8.35
N ASN B 26 -28.06 -2.62 -9.36
CA ASN B 26 -27.11 -3.72 -9.46
C ASN B 26 -26.02 -3.59 -8.40
N GLU B 27 -25.82 -2.37 -7.90
CA GLU B 27 -24.81 -2.12 -6.88
C GLU B 27 -25.33 -2.33 -5.45
N MET B 28 -26.61 -2.67 -5.30
CA MET B 28 -27.14 -2.90 -3.97
C MET B 28 -27.82 -4.26 -3.84
N PRO B 29 -27.05 -5.34 -4.04
CA PRO B 29 -27.61 -6.69 -3.95
C PRO B 29 -28.31 -6.99 -2.63
N GLY B 30 -27.91 -6.29 -1.58
CA GLY B 30 -28.52 -6.50 -0.28
C GLY B 30 -29.96 -6.06 -0.27
N LEU B 31 -30.22 -4.80 -0.63
CA LEU B 31 -31.59 -4.29 -0.66
C LEU B 31 -32.45 -5.06 -1.64
N MET B 32 -31.89 -5.43 -2.78
CA MET B 32 -32.64 -6.17 -3.79
C MET B 32 -33.03 -7.56 -3.24
N ARG B 33 -32.19 -8.14 -2.40
CA ARG B 33 -32.49 -9.44 -1.82
C ARG B 33 -33.68 -9.32 -0.87
N ILE B 34 -33.75 -8.20 -0.16
CA ILE B 34 -34.84 -7.95 0.78
C ILE B 34 -36.16 -7.90 0.03
N ARG B 35 -36.17 -7.19 -1.10
CA ARG B 35 -37.38 -7.08 -1.92
C ARG B 35 -37.82 -8.45 -2.42
N GLU B 36 -36.86 -9.32 -2.72
CA GLU B 36 -37.18 -10.65 -3.22
C GLU B 36 -37.76 -11.57 -2.13
N GLU B 37 -37.33 -11.37 -0.89
CA GLU B 37 -37.82 -12.20 0.20
C GLU B 37 -39.10 -11.67 0.84
N TYR B 38 -39.04 -10.47 1.39
CA TYR B 38 -40.21 -9.86 2.03
C TYR B 38 -40.98 -8.98 1.06
N GLY B 39 -40.88 -9.29 -0.23
CA GLY B 39 -41.57 -8.49 -1.24
C GLY B 39 -43.07 -8.70 -1.32
N LYS B 40 -43.48 -9.83 -1.89
CA LYS B 40 -44.90 -10.13 -2.05
C LYS B 40 -45.63 -10.34 -0.72
N ASP B 41 -44.88 -10.31 0.37
CA ASP B 41 -45.46 -10.50 1.69
C ASP B 41 -46.05 -9.19 2.24
N GLN B 42 -45.49 -8.05 1.82
CA GLN B 42 -45.96 -6.74 2.27
C GLN B 42 -46.01 -6.66 3.80
N PRO B 43 -44.88 -6.92 4.46
CA PRO B 43 -44.83 -6.88 5.93
C PRO B 43 -45.00 -5.48 6.54
N LEU B 44 -44.74 -4.43 5.76
CA LEU B 44 -44.88 -3.08 6.27
C LEU B 44 -46.17 -2.43 5.81
N LYS B 45 -47.11 -3.25 5.36
CA LYS B 45 -48.40 -2.75 4.87
C LYS B 45 -49.12 -1.87 5.91
N ASN B 46 -49.56 -0.70 5.48
CA ASN B 46 -50.26 0.25 6.34
C ASN B 46 -49.35 1.01 7.31
N ALA B 47 -48.05 0.74 7.28
CA ALA B 47 -47.14 1.43 8.18
C ALA B 47 -46.79 2.82 7.62
N LYS B 48 -46.78 3.80 8.51
CA LYS B 48 -46.46 5.18 8.13
C LYS B 48 -45.04 5.46 8.61
N ILE B 49 -44.15 5.64 7.64
CA ILE B 49 -42.75 5.89 7.95
C ILE B 49 -42.29 7.27 7.50
N THR B 50 -41.70 8.01 8.44
CA THR B 50 -41.16 9.32 8.16
C THR B 50 -39.65 9.18 8.18
N GLY B 51 -38.99 9.70 7.14
CA GLY B 51 -37.55 9.58 7.08
C GLY B 51 -36.86 10.93 7.05
N CYS B 52 -35.68 10.99 7.65
CA CYS B 52 -34.90 12.22 7.69
C CYS B 52 -33.46 11.80 7.43
N LEU B 53 -33.16 11.59 6.16
CA LEU B 53 -31.86 11.13 5.75
C LEU B 53 -31.51 11.71 4.38
N HIS B 54 -30.22 11.97 4.16
CA HIS B 54 -29.71 12.52 2.92
C HIS B 54 -30.51 11.99 1.72
N MET B 55 -31.14 12.89 0.99
CA MET B 55 -31.95 12.51 -0.17
C MET B 55 -31.07 12.31 -1.41
N THR B 56 -30.38 11.18 -1.46
CA THR B 56 -29.49 10.84 -2.56
C THR B 56 -30.09 9.69 -3.34
N VAL B 57 -29.40 9.29 -4.39
CA VAL B 57 -29.85 8.16 -5.21
C VAL B 57 -29.96 6.88 -4.36
N GLU B 58 -28.95 6.62 -3.54
CA GLU B 58 -28.92 5.42 -2.68
C GLU B 58 -30.11 5.45 -1.73
N CYS B 59 -30.45 6.65 -1.29
CA CYS B 59 -31.56 6.84 -0.37
C CYS B 59 -32.89 6.59 -1.09
N ALA B 60 -32.95 6.95 -2.37
CA ALA B 60 -34.15 6.73 -3.16
C ALA B 60 -34.42 5.23 -3.27
N LEU B 61 -33.36 4.44 -3.42
CA LEU B 61 -33.51 3.00 -3.51
C LEU B 61 -33.98 2.43 -2.18
N LEU B 62 -33.67 3.10 -1.08
CA LEU B 62 -34.13 2.64 0.25
C LEU B 62 -35.64 2.94 0.34
N ILE B 63 -36.04 4.14 -0.06
CA ILE B 63 -37.46 4.55 -0.06
C ILE B 63 -38.28 3.56 -0.88
N GLU B 64 -37.83 3.31 -2.11
CA GLU B 64 -38.51 2.39 -3.00
C GLU B 64 -38.64 1.00 -2.38
N THR B 65 -37.63 0.59 -1.63
CA THR B 65 -37.69 -0.72 -0.98
C THR B 65 -38.75 -0.72 0.11
N LEU B 66 -38.78 0.32 0.94
CA LEU B 66 -39.78 0.39 2.00
C LEU B 66 -41.19 0.42 1.41
N GLN B 67 -41.39 1.24 0.40
CA GLN B 67 -42.72 1.31 -0.21
C GLN B 67 -43.08 -0.01 -0.90
N LYS B 68 -42.11 -0.68 -1.51
CA LYS B 68 -42.38 -1.96 -2.16
C LYS B 68 -42.70 -3.01 -1.11
N LEU B 69 -42.46 -2.67 0.16
CA LEU B 69 -42.75 -3.59 1.25
C LEU B 69 -44.15 -3.28 1.78
N GLY B 70 -44.77 -2.26 1.18
CA GLY B 70 -46.14 -1.90 1.57
C GLY B 70 -46.33 -0.71 2.49
N ALA B 71 -45.28 0.07 2.73
CA ALA B 71 -45.40 1.22 3.61
C ALA B 71 -45.65 2.52 2.89
N GLN B 72 -46.11 3.52 3.64
CA GLN B 72 -46.34 4.85 3.10
C GLN B 72 -45.18 5.67 3.66
N ILE B 73 -44.67 6.60 2.87
CA ILE B 73 -43.53 7.38 3.28
C ILE B 73 -43.60 8.90 3.07
N ARG B 74 -43.04 9.64 4.03
CA ARG B 74 -42.91 11.08 3.93
C ARG B 74 -41.44 11.22 4.22
N TRP B 75 -40.73 12.00 3.42
CA TRP B 75 -39.30 12.09 3.60
C TRP B 75 -38.73 13.48 3.43
N CYS B 76 -37.60 13.70 4.09
CA CYS B 76 -36.89 14.97 4.01
C CYS B 76 -35.40 14.68 4.13
N SER B 77 -34.57 15.66 3.78
CA SER B 77 -33.13 15.47 3.86
C SER B 77 -32.63 15.92 5.24
N CYS B 78 -31.52 15.35 5.71
CA CYS B 78 -31.01 15.73 7.02
C CYS B 78 -29.86 16.72 6.94
N ASN B 79 -29.62 17.25 5.74
CA ASN B 79 -28.55 18.21 5.49
C ASN B 79 -29.00 19.11 4.34
N ILE B 80 -28.70 20.39 4.43
CA ILE B 80 -29.12 21.35 3.40
C ILE B 80 -28.34 21.34 2.08
N TYR B 81 -27.36 20.46 1.94
CA TYR B 81 -26.56 20.39 0.72
C TYR B 81 -26.50 18.98 0.16
N SER B 82 -26.86 18.00 0.97
CA SER B 82 -26.75 16.61 0.54
C SER B 82 -27.78 16.10 -0.46
N THR B 83 -28.90 16.81 -0.63
CA THR B 83 -29.93 16.36 -1.55
C THR B 83 -29.53 16.37 -3.02
N ALA B 84 -29.86 15.29 -3.72
CA ALA B 84 -29.60 15.22 -5.15
C ALA B 84 -30.99 15.49 -5.74
N ASP B 85 -31.18 16.68 -6.32
CA ASP B 85 -32.46 17.05 -6.90
C ASP B 85 -33.04 16.00 -7.84
N TYR B 86 -32.22 15.38 -8.68
CA TYR B 86 -32.74 14.37 -9.59
C TYR B 86 -33.24 13.15 -8.86
N ALA B 87 -32.69 12.89 -7.68
CA ALA B 87 -33.13 11.75 -6.88
C ALA B 87 -34.43 12.10 -6.14
N ALA B 88 -34.52 13.34 -5.66
CA ALA B 88 -35.73 13.80 -4.96
C ALA B 88 -36.92 13.78 -5.92
N ALA B 89 -36.70 14.23 -7.15
CA ALA B 89 -37.75 14.25 -8.16
C ALA B 89 -38.21 12.84 -8.52
N ALA B 90 -37.25 11.95 -8.77
CA ALA B 90 -37.55 10.56 -9.09
C ALA B 90 -38.33 9.86 -7.98
N VAL B 91 -37.88 9.98 -6.73
CA VAL B 91 -38.56 9.31 -5.63
C VAL B 91 -39.96 9.90 -5.34
N SER B 92 -40.14 11.21 -5.52
CA SER B 92 -41.45 11.85 -5.27
C SER B 92 -42.53 11.34 -6.23
N THR B 93 -42.10 10.58 -7.23
CA THR B 93 -42.99 10.03 -8.23
C THR B 93 -43.68 8.77 -7.74
N LEU B 94 -43.00 8.00 -6.91
CA LEU B 94 -43.56 6.75 -6.40
C LEU B 94 -44.89 6.98 -5.68
N GLU B 95 -45.72 5.94 -5.68
CA GLU B 95 -47.02 5.97 -5.03
C GLU B 95 -46.82 5.91 -3.53
N ASN B 96 -47.60 6.68 -2.78
CA ASN B 96 -47.51 6.69 -1.33
C ASN B 96 -46.18 7.22 -0.80
N VAL B 97 -45.55 8.08 -1.58
CA VAL B 97 -44.28 8.67 -1.17
C VAL B 97 -44.33 10.18 -1.36
N THR B 98 -44.10 10.94 -0.29
CA THR B 98 -44.10 12.40 -0.38
C THR B 98 -42.71 12.85 0.09
N VAL B 99 -42.11 13.76 -0.66
CA VAL B 99 -40.78 14.25 -0.36
C VAL B 99 -40.70 15.77 -0.23
N PHE B 100 -39.93 16.23 0.76
CA PHE B 100 -39.72 17.66 1.00
C PHE B 100 -38.21 17.88 1.13
N ALA B 101 -37.54 18.10 0.00
CA ALA B 101 -36.09 18.29 -0.01
C ALA B 101 -35.54 18.80 -1.33
N TRP B 102 -34.50 19.62 -1.24
CA TRP B 102 -33.84 20.18 -2.41
C TRP B 102 -32.47 20.70 -1.98
N LYS B 103 -31.54 20.75 -2.93
CA LYS B 103 -30.20 21.20 -2.63
C LYS B 103 -30.15 22.70 -2.40
N ASN B 104 -29.31 23.11 -1.45
CA ASN B 104 -29.13 24.52 -1.09
C ASN B 104 -30.34 25.15 -0.42
N GLU B 105 -31.00 24.41 0.46
CA GLU B 105 -32.14 24.93 1.19
C GLU B 105 -31.66 25.77 2.37
N THR B 106 -32.43 26.78 2.74
CA THR B 106 -32.07 27.63 3.86
C THR B 106 -32.37 26.88 5.16
N LEU B 107 -31.81 27.35 6.26
CA LEU B 107 -32.05 26.70 7.55
C LEU B 107 -33.51 26.75 7.92
N GLU B 108 -34.19 27.84 7.56
CA GLU B 108 -35.61 27.98 7.86
C GLU B 108 -36.40 26.92 7.09
N GLU B 109 -36.07 26.78 5.80
CA GLU B 109 -36.74 25.78 4.95
C GLU B 109 -36.44 24.35 5.42
N TYR B 110 -35.24 24.15 5.95
CA TYR B 110 -34.81 22.85 6.44
C TYR B 110 -35.71 22.32 7.55
N TRP B 111 -35.97 23.14 8.56
CA TRP B 111 -36.81 22.68 9.65
C TRP B 111 -38.24 22.51 9.19
N TRP B 112 -38.66 23.36 8.26
CA TRP B 112 -40.00 23.27 7.69
C TRP B 112 -40.16 21.87 7.07
N CYS B 113 -39.14 21.40 6.33
CA CYS B 113 -39.21 20.08 5.70
C CYS B 113 -39.28 18.95 6.72
N VAL B 114 -38.54 19.10 7.82
CA VAL B 114 -38.54 18.08 8.87
C VAL B 114 -39.96 18.00 9.45
N GLU B 115 -40.50 19.16 9.84
CA GLU B 115 -41.85 19.22 10.40
C GLU B 115 -42.89 18.68 9.42
N SER B 116 -42.78 19.08 8.16
CA SER B 116 -43.71 18.62 7.14
C SER B 116 -43.62 17.09 6.98
N ALA B 117 -42.42 16.54 7.03
CA ALA B 117 -42.26 15.09 6.90
C ALA B 117 -42.85 14.33 8.09
N LEU B 118 -42.78 14.92 9.29
CA LEU B 118 -43.32 14.29 10.50
C LEU B 118 -44.82 14.45 10.66
N THR B 119 -45.39 15.41 9.96
CA THR B 119 -46.81 15.69 10.05
C THR B 119 -47.64 14.97 8.99
N TRP B 120 -48.42 13.99 9.43
CA TRP B 120 -49.27 13.23 8.53
C TRP B 120 -50.74 13.67 8.57
N GLY B 121 -51.03 14.81 7.95
CA GLY B 121 -52.40 15.29 7.93
C GLY B 121 -52.75 16.21 9.09
N ASP B 122 -53.84 15.89 9.80
CA ASP B 122 -54.27 16.71 10.92
C ASP B 122 -55.26 15.97 11.83
N GLY B 123 -55.32 16.40 13.09
CA GLY B 123 -56.22 15.77 14.04
C GLY B 123 -55.64 14.54 14.70
N ASP B 124 -56.47 13.51 14.85
CA ASP B 124 -56.07 12.25 15.47
C ASP B 124 -55.02 11.56 14.59
N ASP B 125 -54.01 10.96 15.22
CA ASP B 125 -52.95 10.28 14.48
C ASP B 125 -52.38 11.22 13.43
N ASN B 126 -51.66 12.22 13.90
CA ASN B 126 -51.07 13.21 13.04
C ASN B 126 -49.59 12.92 12.79
N GLY B 127 -49.08 11.87 13.43
CA GLY B 127 -47.68 11.51 13.29
C GLY B 127 -47.41 10.17 12.64
N PRO B 128 -46.12 9.81 12.47
CA PRO B 128 -45.74 8.55 11.86
C PRO B 128 -45.71 7.37 12.82
N ASP B 129 -45.61 6.16 12.28
CA ASP B 129 -45.53 4.96 13.09
C ASP B 129 -44.07 4.69 13.46
N MET B 130 -43.17 4.95 12.53
CA MET B 130 -41.74 4.73 12.76
C MET B 130 -40.92 5.82 12.08
N ILE B 131 -39.71 6.02 12.58
CA ILE B 131 -38.84 7.03 12.02
C ILE B 131 -37.44 6.51 11.63
N VAL B 132 -36.96 6.98 10.50
CA VAL B 132 -35.63 6.65 10.00
C VAL B 132 -34.87 7.97 10.07
N ASP B 133 -33.94 8.07 11.02
CA ASP B 133 -33.18 9.31 11.22
C ASP B 133 -31.70 9.12 10.90
N ASP B 134 -31.04 10.24 10.68
CA ASP B 134 -29.63 10.24 10.36
C ASP B 134 -29.08 11.53 10.99
N GLY B 135 -28.72 11.45 12.26
CA GLY B 135 -28.23 12.62 12.96
C GLY B 135 -29.15 12.96 14.11
N GLY B 136 -30.37 12.44 14.06
CA GLY B 136 -31.33 12.67 15.12
C GLY B 136 -32.14 13.96 15.11
N ASP B 137 -32.14 14.68 14.00
CA ASP B 137 -32.91 15.93 13.92
C ASP B 137 -34.43 15.71 14.03
N ALA B 138 -34.95 14.69 13.35
CA ALA B 138 -36.39 14.41 13.44
C ALA B 138 -36.72 13.99 14.88
N THR B 139 -35.88 13.13 15.46
CA THR B 139 -36.06 12.68 16.83
C THR B 139 -35.95 13.85 17.81
N LEU B 140 -35.05 14.77 17.51
CA LEU B 140 -34.84 15.94 18.36
C LEU B 140 -36.08 16.81 18.41
N LEU B 141 -36.60 17.15 17.22
CA LEU B 141 -37.78 17.98 17.09
C LEU B 141 -38.94 17.42 17.91
N VAL B 142 -39.13 16.10 17.86
CA VAL B 142 -40.20 15.47 18.60
C VAL B 142 -39.99 15.56 20.11
N HIS B 143 -38.78 15.23 20.57
CA HIS B 143 -38.46 15.28 21.98
C HIS B 143 -38.50 16.70 22.55
N LYS B 144 -37.99 17.66 21.79
CA LYS B 144 -37.97 19.05 22.24
C LYS B 144 -39.37 19.62 22.19
N GLY B 145 -40.14 19.21 21.18
CA GLY B 145 -41.51 19.67 21.05
C GLY B 145 -42.30 19.25 22.28
N VAL B 146 -42.17 17.99 22.67
CA VAL B 146 -42.88 17.47 23.84
C VAL B 146 -42.41 18.17 25.12
N GLU B 147 -41.12 18.46 25.18
CA GLU B 147 -40.52 19.12 26.34
C GLU B 147 -41.05 20.54 26.48
N TYR B 148 -41.02 21.31 25.40
CA TYR B 148 -41.50 22.68 25.43
C TYR B 148 -43.02 22.79 25.58
N GLU B 149 -43.75 21.78 25.11
CA GLU B 149 -45.20 21.80 25.22
C GLU B 149 -45.61 21.65 26.68
N LYS B 150 -44.81 20.90 27.43
CA LYS B 150 -45.09 20.72 28.84
C LYS B 150 -44.68 21.97 29.62
N LEU B 151 -43.59 22.60 29.19
CA LEU B 151 -43.10 23.81 29.85
C LEU B 151 -44.13 24.93 29.68
N TYR B 152 -44.82 24.93 28.55
CA TYR B 152 -45.84 25.94 28.26
C TYR B 152 -47.13 25.64 29.02
N GLU B 153 -47.43 24.37 29.18
CA GLU B 153 -48.64 23.95 29.87
C GLU B 153 -48.50 24.08 31.39
N GLU B 154 -47.33 24.52 31.85
CA GLU B 154 -47.09 24.66 33.28
C GLU B 154 -46.68 26.07 33.72
N LYS B 155 -45.73 26.65 32.99
CA LYS B 155 -45.25 27.99 33.30
C LYS B 155 -45.66 28.98 32.23
N ASN B 156 -46.40 28.49 31.24
CA ASN B 156 -46.86 29.33 30.13
C ASN B 156 -45.67 30.00 29.48
N ILE B 157 -44.56 29.29 29.41
CA ILE B 157 -43.33 29.82 28.81
C ILE B 157 -43.09 29.22 27.43
N LEU B 158 -42.71 30.08 26.48
CA LEU B 158 -42.45 29.67 25.10
C LEU B 158 -40.97 29.74 24.76
N PRO B 159 -40.51 28.89 23.84
CA PRO B 159 -39.11 28.88 23.43
C PRO B 159 -38.75 30.15 22.66
N ASP B 160 -37.92 31.01 23.25
CA ASP B 160 -37.54 32.26 22.60
C ASP B 160 -36.30 32.12 21.72
N PRO B 161 -36.43 32.43 20.42
CA PRO B 161 -35.30 32.34 19.50
C PRO B 161 -34.24 33.40 19.82
N GLU B 162 -34.48 34.14 20.89
CA GLU B 162 -33.57 35.19 21.34
C GLU B 162 -32.30 34.54 21.87
N LYS B 163 -32.50 33.51 22.70
CA LYS B 163 -31.40 32.77 23.32
C LYS B 163 -30.75 31.82 22.31
N ALA B 164 -30.86 32.17 21.03
CA ALA B 164 -30.30 31.35 19.97
C ALA B 164 -28.77 31.39 20.00
N LYS B 165 -28.17 30.26 20.35
CA LYS B 165 -26.72 30.14 20.43
C LYS B 165 -26.19 29.82 19.04
N ASN B 166 -27.05 29.92 18.05
CA ASN B 166 -26.70 29.63 16.67
C ASN B 166 -27.85 29.99 15.72
N GLU B 167 -27.52 30.27 14.47
CA GLU B 167 -28.51 30.64 13.46
C GLU B 167 -29.50 29.49 13.21
N GLU B 168 -28.98 28.27 13.11
CA GLU B 168 -29.81 27.10 12.87
C GLU B 168 -30.71 26.83 14.07
N GLU B 169 -30.22 27.12 15.27
CA GLU B 169 -30.98 26.91 16.49
C GLU B 169 -32.10 27.95 16.59
N ARG B 170 -31.85 29.12 16.02
CA ARG B 170 -32.84 30.17 16.04
C ARG B 170 -34.06 29.72 15.24
N CYS B 171 -33.84 29.18 14.05
CA CYS B 171 -34.94 28.71 13.21
C CYS B 171 -35.66 27.54 13.86
N PHE B 172 -34.90 26.72 14.59
CA PHE B 172 -35.45 25.56 15.29
C PHE B 172 -36.42 25.99 16.38
N LEU B 173 -35.98 26.95 17.21
CA LEU B 173 -36.80 27.46 18.30
C LEU B 173 -37.99 28.23 17.73
N THR B 174 -37.76 28.94 16.63
CA THR B 174 -38.84 29.69 15.99
C THR B 174 -39.93 28.72 15.54
N LEU B 175 -39.50 27.62 14.92
CA LEU B 175 -40.43 26.58 14.44
C LEU B 175 -41.23 25.98 15.59
N LEU B 176 -40.55 25.71 16.70
CA LEU B 176 -41.21 25.13 17.88
C LEU B 176 -42.18 26.11 18.53
N LYS B 177 -41.79 27.38 18.59
CA LYS B 177 -42.63 28.42 19.18
C LYS B 177 -43.93 28.53 18.39
N ASN B 178 -43.81 28.65 17.06
CA ASN B 178 -44.98 28.76 16.20
C ASN B 178 -45.83 27.51 16.27
N SER B 179 -45.16 26.37 16.39
CA SER B 179 -45.88 25.10 16.47
C SER B 179 -46.76 25.06 17.71
N ILE B 180 -46.22 25.51 18.85
CA ILE B 180 -46.96 25.50 20.12
C ILE B 180 -48.08 26.55 20.16
N LEU B 181 -47.89 27.68 19.49
CA LEU B 181 -48.90 28.73 19.46
C LEU B 181 -50.04 28.33 18.52
N LYS B 182 -49.87 27.22 17.81
CA LYS B 182 -50.89 26.74 16.88
C LYS B 182 -51.61 25.53 17.47
N ASN B 183 -50.84 24.67 18.13
CA ASN B 183 -51.37 23.46 18.77
C ASN B 183 -50.35 23.02 19.81
N PRO B 184 -50.53 23.43 21.07
CA PRO B 184 -49.67 23.12 22.22
C PRO B 184 -49.64 21.65 22.65
N LYS B 185 -50.24 20.78 21.86
CA LYS B 185 -50.24 19.36 22.20
C LYS B 185 -49.93 18.47 21.00
N LYS B 186 -49.54 19.11 19.89
CA LYS B 186 -49.19 18.40 18.67
C LYS B 186 -48.14 17.31 18.90
N TRP B 187 -46.95 17.69 19.34
CA TRP B 187 -45.87 16.72 19.55
C TRP B 187 -46.10 15.73 20.68
N THR B 188 -46.81 16.16 21.72
CA THR B 188 -47.09 15.26 22.83
C THR B 188 -47.95 14.08 22.31
N ASN B 189 -48.96 14.40 21.50
CA ASN B 189 -49.85 13.37 20.95
C ASN B 189 -49.16 12.49 19.89
N ILE B 190 -48.28 13.09 19.11
CA ILE B 190 -47.56 12.35 18.09
C ILE B 190 -46.56 11.36 18.71
N ALA B 191 -45.78 11.82 19.69
CA ALA B 191 -44.79 10.97 20.35
C ALA B 191 -45.39 9.71 20.93
N LYS B 192 -46.65 9.79 21.33
CA LYS B 192 -47.33 8.64 21.92
C LYS B 192 -47.63 7.50 20.95
N LYS B 193 -47.73 7.81 19.66
CA LYS B 193 -48.03 6.79 18.65
C LYS B 193 -46.80 6.23 17.92
N ILE B 194 -45.62 6.80 18.18
CA ILE B 194 -44.40 6.35 17.53
C ILE B 194 -43.87 5.04 18.12
N ILE B 195 -43.84 4.01 17.27
CA ILE B 195 -43.36 2.68 17.66
C ILE B 195 -41.88 2.73 18.02
N GLY B 196 -41.10 3.44 17.21
CA GLY B 196 -39.67 3.57 17.43
C GLY B 196 -38.94 4.24 16.31
N VAL B 197 -37.64 4.47 16.51
CA VAL B 197 -36.81 5.10 15.51
C VAL B 197 -35.51 4.31 15.35
N SER B 198 -34.87 4.42 14.19
CA SER B 198 -33.61 3.73 13.98
C SER B 198 -32.57 4.76 13.55
N GLU B 199 -31.52 4.92 14.36
CA GLU B 199 -30.45 5.90 14.09
C GLU B 199 -29.34 5.32 13.22
N GLU B 200 -28.97 6.11 12.21
CA GLU B 200 -27.96 5.76 11.22
C GLU B 200 -26.51 6.17 11.53
N THR B 201 -26.31 7.33 12.13
CA THR B 201 -24.95 7.79 12.38
C THR B 201 -24.50 7.88 13.85
N THR B 202 -23.18 7.95 14.03
CA THR B 202 -22.56 8.01 15.36
C THR B 202 -23.05 9.18 16.19
N THR B 203 -23.23 10.33 15.54
CA THR B 203 -23.70 11.53 16.21
C THR B 203 -25.13 11.37 16.75
N GLY B 204 -26.01 10.80 15.94
CA GLY B 204 -27.37 10.60 16.37
C GLY B 204 -27.46 9.61 17.52
N VAL B 205 -26.56 8.63 17.52
CA VAL B 205 -26.54 7.62 18.57
C VAL B 205 -26.08 8.24 19.88
N LEU B 206 -25.13 9.17 19.80
CA LEU B 206 -24.62 9.85 20.96
C LEU B 206 -25.75 10.64 21.60
N ARG B 207 -26.61 11.22 20.77
CA ARG B 207 -27.76 11.99 21.25
C ARG B 207 -28.75 11.06 21.95
N LEU B 208 -29.04 9.93 21.32
CA LEU B 208 -29.97 8.96 21.89
C LEU B 208 -29.47 8.42 23.23
N LYS B 209 -28.19 8.10 23.29
CA LYS B 209 -27.60 7.57 24.51
C LYS B 209 -27.71 8.56 25.67
N LYS B 210 -27.52 9.84 25.38
CA LYS B 210 -27.61 10.85 26.42
C LYS B 210 -29.04 11.02 26.92
N MET B 211 -30.01 10.88 26.01
CA MET B 211 -31.40 10.98 26.38
C MET B 211 -31.82 9.75 27.19
N ASP B 212 -31.37 8.58 26.75
CA ASP B 212 -31.69 7.33 27.42
C ASP B 212 -31.04 7.27 28.79
N LYS B 213 -29.90 7.92 28.92
CA LYS B 213 -29.18 7.96 30.18
C LYS B 213 -29.99 8.75 31.21
N GLN B 214 -30.67 9.79 30.73
CA GLN B 214 -31.48 10.65 31.60
C GLN B 214 -32.96 10.29 31.53
N ASN B 215 -33.24 9.11 30.99
CA ASN B 215 -34.61 8.61 30.84
C ASN B 215 -35.53 9.63 30.16
N GLU B 216 -35.08 10.15 29.02
CA GLU B 216 -35.87 11.11 28.27
C GLU B 216 -36.46 10.52 27.00
N LEU B 217 -36.02 9.31 26.63
CA LEU B 217 -36.55 8.65 25.45
C LEU B 217 -38.03 8.39 25.54
N LEU B 218 -38.78 8.86 24.54
CA LEU B 218 -40.22 8.69 24.51
C LEU B 218 -40.62 7.40 23.80
N PHE B 219 -39.70 6.83 23.05
CA PHE B 219 -39.98 5.61 22.32
C PHE B 219 -38.72 4.80 22.04
N THR B 220 -38.90 3.59 21.52
CA THR B 220 -37.79 2.69 21.21
C THR B 220 -36.84 3.25 20.16
N ALA B 221 -35.54 3.06 20.38
CA ALA B 221 -34.54 3.54 19.43
C ALA B 221 -33.60 2.40 19.08
N ILE B 222 -33.40 2.18 17.78
CA ILE B 222 -32.49 1.12 17.38
C ILE B 222 -31.18 1.72 16.86
N ASN B 223 -30.09 1.31 17.49
CA ASN B 223 -28.75 1.77 17.12
C ASN B 223 -28.26 1.01 15.89
N VAL B 224 -28.55 1.54 14.70
CA VAL B 224 -28.14 0.91 13.46
C VAL B 224 -26.66 1.17 13.18
N ASN B 225 -26.16 2.31 13.64
CA ASN B 225 -24.76 2.67 13.41
C ASN B 225 -23.72 1.79 14.08
N ASP B 226 -23.99 1.36 15.32
CA ASP B 226 -23.03 0.50 16.00
C ASP B 226 -23.07 -0.94 15.48
N ALA B 227 -23.86 -1.20 14.44
CA ALA B 227 -23.93 -2.54 13.86
C ALA B 227 -22.62 -2.77 13.08
N VAL B 228 -22.01 -3.92 13.26
CA VAL B 228 -20.76 -4.22 12.59
C VAL B 228 -20.74 -3.90 11.11
N THR B 229 -21.72 -4.43 10.38
CA THR B 229 -21.82 -4.22 8.94
C THR B 229 -22.16 -2.80 8.55
N LYS B 230 -22.07 -1.89 9.50
CA LYS B 230 -22.34 -0.49 9.24
C LYS B 230 -21.11 0.33 9.61
N GLN B 231 -20.74 0.33 10.89
CA GLN B 231 -19.57 1.11 11.31
C GLN B 231 -18.27 0.61 10.70
N LYS B 232 -18.18 -0.68 10.44
CA LYS B 232 -16.97 -1.26 9.85
C LYS B 232 -16.93 -1.18 8.33
N TYR B 233 -18.07 -0.98 7.69
CA TYR B 233 -18.10 -0.90 6.23
C TYR B 233 -18.35 0.53 5.75
N ASP B 234 -19.50 1.06 6.13
CA ASP B 234 -19.93 2.41 5.77
C ASP B 234 -18.91 3.45 6.22
N ASN B 235 -18.68 3.56 7.52
CA ASN B 235 -17.76 4.56 8.03
C ASN B 235 -16.32 4.44 7.52
N VAL B 236 -15.88 3.23 7.19
CA VAL B 236 -14.52 3.03 6.72
C VAL B 236 -14.40 3.06 5.20
N TYR B 237 -14.95 2.07 4.54
CA TYR B 237 -14.88 1.97 3.08
C TYR B 237 -15.65 3.07 2.36
N GLY B 238 -16.73 3.55 2.97
CA GLY B 238 -17.50 4.59 2.35
C GLY B 238 -16.71 5.88 2.27
N CYS B 239 -16.07 6.27 3.38
CA CYS B 239 -15.29 7.49 3.40
C CYS B 239 -14.02 7.36 2.58
N ARG B 240 -13.50 6.14 2.49
CA ARG B 240 -12.31 5.93 1.71
C ARG B 240 -12.63 6.30 0.28
N HIS B 241 -13.91 6.14 -0.09
CA HIS B 241 -14.36 6.45 -1.44
C HIS B 241 -14.81 7.89 -1.63
N SER B 242 -15.73 8.36 -0.78
CA SER B 242 -16.24 9.71 -0.94
C SER B 242 -15.34 10.89 -0.52
N LEU B 243 -14.33 10.66 0.31
CA LEU B 243 -13.46 11.77 0.70
C LEU B 243 -12.70 12.29 -0.51
N PRO B 244 -11.86 11.43 -1.15
CA PRO B 244 -11.12 11.92 -2.32
C PRO B 244 -12.03 12.39 -3.46
N ASP B 245 -13.19 11.76 -3.60
CA ASP B 245 -14.14 12.14 -4.65
C ASP B 245 -14.63 13.57 -4.39
N GLY B 246 -14.97 13.87 -3.14
CA GLY B 246 -15.43 15.21 -2.78
C GLY B 246 -14.35 16.24 -2.98
N LEU B 247 -13.12 15.87 -2.64
CA LEU B 247 -11.97 16.76 -2.80
C LEU B 247 -11.67 17.02 -4.27
N MET B 248 -11.71 15.97 -5.08
CA MET B 248 -11.43 16.11 -6.50
C MET B 248 -12.45 16.96 -7.25
N ARG B 249 -13.74 16.74 -6.98
CA ARG B 249 -14.76 17.54 -7.67
C ARG B 249 -14.77 18.98 -7.21
N ALA B 250 -14.49 19.19 -5.94
CA ALA B 250 -14.50 20.54 -5.41
C ALA B 250 -13.29 21.38 -5.83
N THR B 251 -12.10 20.79 -5.85
CA THR B 251 -10.91 21.56 -6.19
C THR B 251 -10.09 21.10 -7.37
N ASP B 252 -10.18 19.82 -7.71
CA ASP B 252 -9.38 19.24 -8.80
C ASP B 252 -7.90 19.29 -8.47
N PHE B 253 -7.56 19.50 -7.19
CA PHE B 253 -6.14 19.56 -6.80
C PHE B 253 -5.50 18.18 -6.71
N LEU B 254 -4.18 18.13 -6.93
CA LEU B 254 -3.44 16.89 -6.82
C LEU B 254 -3.38 16.56 -5.33
N ILE B 255 -3.45 15.28 -4.99
CA ILE B 255 -3.40 14.85 -3.60
C ILE B 255 -2.05 14.20 -3.31
N SER B 256 -1.51 13.47 -4.29
CA SER B 256 -0.21 12.81 -4.16
C SER B 256 0.86 13.85 -3.84
N GLY B 257 1.73 13.52 -2.90
CA GLY B 257 2.81 14.42 -2.54
C GLY B 257 2.38 15.57 -1.66
N LYS B 258 1.07 15.72 -1.47
CA LYS B 258 0.58 16.80 -0.65
C LYS B 258 0.46 16.40 0.81
N ILE B 259 0.55 17.39 1.68
CA ILE B 259 0.43 17.18 3.12
C ILE B 259 -1.05 17.23 3.51
N VAL B 260 -1.57 16.09 3.93
CA VAL B 260 -2.97 15.97 4.31
C VAL B 260 -3.02 15.78 5.83
N VAL B 261 -3.78 16.62 6.51
CA VAL B 261 -3.93 16.53 7.95
C VAL B 261 -5.32 16.00 8.26
N ILE B 262 -5.39 14.84 8.90
CA ILE B 262 -6.68 14.26 9.29
C ILE B 262 -6.82 14.37 10.80
N CYS B 263 -7.91 14.97 11.26
CA CYS B 263 -8.16 15.11 12.68
C CYS B 263 -9.12 14.02 13.10
N GLY B 264 -8.67 13.15 14.00
CA GLY B 264 -9.50 12.04 14.43
C GLY B 264 -9.11 10.78 13.67
N TYR B 265 -8.85 9.69 14.39
CA TYR B 265 -8.50 8.43 13.74
C TYR B 265 -9.43 7.31 14.21
N GLY B 266 -10.73 7.57 14.15
CA GLY B 266 -11.70 6.56 14.51
C GLY B 266 -12.08 5.85 13.20
N ASP B 267 -13.32 5.39 13.08
CA ASP B 267 -13.75 4.70 11.87
C ASP B 267 -13.62 5.52 10.60
N VAL B 268 -14.12 6.76 10.61
CA VAL B 268 -14.04 7.67 9.48
C VAL B 268 -12.60 8.07 9.15
N GLY B 269 -11.83 8.39 10.19
CA GLY B 269 -10.44 8.79 10.01
C GLY B 269 -9.61 7.67 9.40
N LYS B 270 -9.85 6.45 9.83
CA LYS B 270 -9.12 5.32 9.29
C LYS B 270 -9.42 5.17 7.79
N GLY B 271 -10.68 5.35 7.41
CA GLY B 271 -11.05 5.22 6.01
C GLY B 271 -10.47 6.34 5.17
N CYS B 272 -10.59 7.56 5.67
CA CYS B 272 -10.06 8.71 4.96
C CYS B 272 -8.55 8.57 4.75
N ALA B 273 -7.83 8.24 5.82
CA ALA B 273 -6.39 8.10 5.73
C ALA B 273 -5.99 6.98 4.77
N SER B 274 -6.72 5.87 4.76
CA SER B 274 -6.35 4.78 3.85
C SER B 274 -6.40 5.24 2.39
N SER B 275 -7.38 6.06 2.03
CA SER B 275 -7.45 6.49 0.63
C SER B 275 -6.34 7.51 0.32
N MET B 276 -6.10 8.44 1.23
CA MET B 276 -5.05 9.44 1.04
C MET B 276 -3.68 8.74 0.92
N LYS B 277 -3.46 7.71 1.73
CA LYS B 277 -2.20 6.98 1.71
C LYS B 277 -2.02 6.27 0.36
N GLY B 278 -3.09 5.65 -0.12
CA GLY B 278 -3.02 4.95 -1.39
C GLY B 278 -2.71 5.85 -2.58
N LEU B 279 -3.11 7.12 -2.47
CA LEU B 279 -2.86 8.09 -3.53
C LEU B 279 -1.44 8.67 -3.50
N GLY B 280 -0.76 8.49 -2.38
CA GLY B 280 0.60 9.01 -2.28
C GLY B 280 0.75 10.29 -1.47
N ALA B 281 -0.26 10.63 -0.67
CA ALA B 281 -0.16 11.82 0.14
C ALA B 281 0.64 11.58 1.41
N ARG B 282 1.13 12.66 2.02
CA ARG B 282 1.86 12.54 3.27
C ARG B 282 0.81 12.80 4.35
N VAL B 283 0.40 11.74 5.03
CA VAL B 283 -0.62 11.85 6.06
C VAL B 283 -0.17 12.15 7.48
N TYR B 284 -0.80 13.16 8.07
CA TYR B 284 -0.56 13.57 9.44
C TYR B 284 -1.88 13.39 10.17
N ILE B 285 -1.82 12.83 11.37
CA ILE B 285 -3.01 12.56 12.15
C ILE B 285 -3.01 13.28 13.50
N THR B 286 -4.16 13.79 13.93
CA THR B 286 -4.24 14.39 15.27
C THR B 286 -5.20 13.48 16.02
N GLU B 287 -4.94 13.23 17.30
CA GLU B 287 -5.81 12.38 18.11
C GLU B 287 -5.75 12.80 19.58
N ILE B 288 -6.78 12.40 20.32
CA ILE B 288 -6.89 12.67 21.75
C ILE B 288 -6.83 11.32 22.45
N ASP B 289 -7.17 10.27 21.72
CA ASP B 289 -7.19 8.91 22.27
C ASP B 289 -5.85 8.23 21.95
N PRO B 290 -5.09 7.83 22.97
CA PRO B 290 -3.80 7.16 22.79
C PRO B 290 -3.83 5.84 22.03
N ILE B 291 -4.92 5.10 22.16
CA ILE B 291 -5.03 3.82 21.49
C ILE B 291 -5.14 4.01 19.99
N CYS B 292 -5.96 4.96 19.57
CA CYS B 292 -6.12 5.26 18.15
C CYS B 292 -4.83 5.86 17.60
N ALA B 293 -4.15 6.65 18.43
CA ALA B 293 -2.91 7.28 18.00
C ALA B 293 -1.86 6.25 17.61
N ILE B 294 -1.75 5.17 18.38
CA ILE B 294 -0.77 4.14 18.08
C ILE B 294 -1.16 3.41 16.80
N GLN B 295 -2.46 3.21 16.59
CA GLN B 295 -2.88 2.55 15.37
C GLN B 295 -2.42 3.36 14.18
N ALA B 296 -2.55 4.68 14.30
CA ALA B 296 -2.16 5.61 13.23
C ALA B 296 -0.67 5.59 12.97
N VAL B 297 0.13 5.46 14.02
CA VAL B 297 1.57 5.44 13.85
C VAL B 297 1.99 4.14 13.20
N MET B 298 1.34 3.04 13.58
CA MET B 298 1.67 1.75 13.00
C MET B 298 1.32 1.63 11.51
N GLU B 299 0.63 2.63 10.97
CA GLU B 299 0.30 2.61 9.55
C GLU B 299 1.25 3.51 8.76
N GLY B 300 2.21 4.10 9.46
CA GLY B 300 3.19 4.96 8.81
C GLY B 300 2.84 6.43 8.85
N PHE B 301 1.77 6.77 9.57
CA PHE B 301 1.33 8.14 9.67
C PHE B 301 2.02 8.85 10.83
N ASN B 302 2.18 10.16 10.68
CA ASN B 302 2.82 10.92 11.74
C ASN B 302 1.74 11.56 12.63
N VAL B 303 1.76 11.26 13.92
CA VAL B 303 0.78 11.82 14.83
C VAL B 303 1.33 13.09 15.48
N VAL B 304 0.65 14.21 15.26
CA VAL B 304 1.06 15.52 15.78
C VAL B 304 -0.14 16.32 16.25
N THR B 305 0.12 17.49 16.83
CA THR B 305 -0.94 18.41 17.27
C THR B 305 -1.08 19.37 16.10
N LEU B 306 -2.30 19.90 15.91
CA LEU B 306 -2.58 20.81 14.80
C LEU B 306 -1.58 21.96 14.73
N ASP B 307 -1.30 22.56 15.88
CA ASP B 307 -0.35 23.67 15.97
C ASP B 307 0.99 23.36 15.31
N GLU B 308 1.40 22.10 15.34
CA GLU B 308 2.68 21.68 14.77
C GLU B 308 2.70 21.60 13.25
N ILE B 309 1.55 21.37 12.63
CA ILE B 309 1.50 21.22 11.17
C ILE B 309 0.62 22.23 10.43
N VAL B 310 -0.17 23.00 11.16
CA VAL B 310 -1.08 23.97 10.55
C VAL B 310 -0.41 24.94 9.57
N ASP B 311 0.90 25.09 9.64
CA ASP B 311 1.60 26.00 8.74
C ASP B 311 1.95 25.45 7.36
N LYS B 312 2.12 24.15 7.24
CA LYS B 312 2.49 23.56 5.95
C LYS B 312 1.41 22.68 5.34
N GLY B 313 0.30 22.53 6.06
CA GLY B 313 -0.78 21.68 5.58
C GLY B 313 -1.46 22.13 4.31
N ASP B 314 -1.69 21.19 3.39
CA ASP B 314 -2.34 21.50 2.13
C ASP B 314 -3.84 21.19 2.22
N PHE B 315 -4.17 20.12 2.96
CA PHE B 315 -5.57 19.73 3.15
C PHE B 315 -5.79 19.47 4.63
N PHE B 316 -6.91 19.94 5.15
CA PHE B 316 -7.26 19.74 6.54
C PHE B 316 -8.65 19.16 6.54
N ILE B 317 -8.79 17.94 7.05
CA ILE B 317 -10.07 17.25 7.11
C ILE B 317 -10.36 16.83 8.54
N THR B 318 -11.53 17.20 9.04
CA THR B 318 -11.91 16.84 10.40
C THR B 318 -12.87 15.65 10.37
N CYS B 319 -12.61 14.64 11.20
CA CYS B 319 -13.44 13.44 11.29
C CYS B 319 -13.60 13.07 12.75
N THR B 320 -13.67 14.07 13.62
CA THR B 320 -13.76 13.80 15.05
C THR B 320 -15.17 13.65 15.60
N GLY B 321 -16.12 14.39 15.01
CA GLY B 321 -17.48 14.35 15.50
C GLY B 321 -17.53 15.11 16.82
N ASN B 322 -16.58 16.04 16.98
CA ASN B 322 -16.46 16.86 18.19
C ASN B 322 -16.67 18.32 17.79
N VAL B 323 -16.46 19.24 18.72
CA VAL B 323 -16.61 20.66 18.41
C VAL B 323 -15.30 21.43 18.55
N ASP B 324 -15.17 22.50 17.76
CA ASP B 324 -13.99 23.36 17.80
C ASP B 324 -12.65 22.66 17.63
N VAL B 325 -12.57 21.76 16.65
CA VAL B 325 -11.31 21.06 16.42
C VAL B 325 -10.33 21.99 15.72
N ILE B 326 -10.81 22.70 14.72
CA ILE B 326 -10.00 23.66 13.98
C ILE B 326 -10.54 25.05 14.28
N LYS B 327 -9.92 25.73 15.24
CA LYS B 327 -10.37 27.05 15.66
C LYS B 327 -9.90 28.16 14.72
N LEU B 328 -10.45 29.34 14.93
CA LEU B 328 -10.11 30.51 14.13
C LEU B 328 -8.60 30.77 14.13
N GLU B 329 -7.95 30.63 15.27
CA GLU B 329 -6.51 30.88 15.35
C GLU B 329 -5.73 29.93 14.42
N HIS B 330 -6.27 28.75 14.16
CA HIS B 330 -5.60 27.80 13.28
C HIS B 330 -5.80 28.22 11.83
N LEU B 331 -7.03 28.56 11.46
CA LEU B 331 -7.34 28.98 10.10
C LEU B 331 -6.51 30.18 9.66
N LEU B 332 -6.29 31.12 10.59
CA LEU B 332 -5.52 32.32 10.29
C LEU B 332 -4.04 32.07 9.99
N LYS B 333 -3.55 30.88 10.35
CA LYS B 333 -2.14 30.57 10.12
C LYS B 333 -1.90 29.66 8.92
N MET B 334 -2.97 29.27 8.23
CA MET B 334 -2.82 28.38 7.09
C MET B 334 -2.16 29.04 5.88
N LYS B 335 -1.49 28.21 5.07
CA LYS B 335 -0.79 28.67 3.89
C LYS B 335 -1.76 29.06 2.79
N ASN B 336 -1.22 29.63 1.74
CA ASN B 336 -2.06 30.04 0.63
C ASN B 336 -2.54 28.83 -0.18
N ASN B 337 -3.81 28.82 -0.53
CA ASN B 337 -4.42 27.74 -1.30
C ASN B 337 -4.68 26.46 -0.48
N ALA B 338 -4.57 26.56 0.84
CA ALA B 338 -4.83 25.41 1.70
C ALA B 338 -6.32 25.10 1.63
N VAL B 339 -6.68 23.82 1.63
CA VAL B 339 -8.07 23.43 1.57
C VAL B 339 -8.53 22.95 2.93
N VAL B 340 -9.73 23.36 3.34
CA VAL B 340 -10.28 22.98 4.62
C VAL B 340 -11.67 22.41 4.45
N GLY B 341 -11.91 21.25 5.02
CA GLY B 341 -13.22 20.62 4.89
C GLY B 341 -13.53 19.73 6.08
N ASN B 342 -14.82 19.55 6.33
CA ASN B 342 -15.29 18.74 7.44
C ASN B 342 -16.03 17.54 6.88
N ILE B 343 -15.82 16.38 7.49
CA ILE B 343 -16.53 15.20 7.03
C ILE B 343 -17.19 14.54 8.23
N GLY B 344 -17.14 15.21 9.38
CA GLY B 344 -17.74 14.69 10.59
C GLY B 344 -19.20 15.07 10.79
N HIS B 345 -19.47 15.98 11.73
CA HIS B 345 -20.85 16.37 11.96
C HIS B 345 -21.10 17.87 11.83
N PHE B 346 -22.28 18.20 11.32
CA PHE B 346 -22.71 19.58 11.15
C PHE B 346 -21.58 20.50 10.71
N ASP B 347 -21.48 21.66 11.35
CA ASP B 347 -20.42 22.61 11.01
C ASP B 347 -19.74 23.10 12.28
N ASP B 348 -19.72 22.26 13.30
CA ASP B 348 -19.12 22.61 14.58
C ASP B 348 -17.63 22.29 14.66
N GLU B 349 -17.20 21.26 13.94
CA GLU B 349 -15.81 20.84 13.95
C GLU B 349 -14.87 21.97 13.56
N ILE B 350 -15.24 22.73 12.55
CA ILE B 350 -14.44 23.85 12.09
C ILE B 350 -15.19 25.16 12.35
N GLN B 351 -14.50 26.16 12.90
CA GLN B 351 -15.11 27.43 13.19
C GLN B 351 -15.25 28.30 11.95
N VAL B 352 -15.99 27.79 10.98
CA VAL B 352 -16.21 28.51 9.72
C VAL B 352 -16.92 29.83 9.98
N ASN B 353 -17.92 29.80 10.86
CA ASN B 353 -18.69 30.99 11.21
C ASN B 353 -17.80 32.08 11.78
N GLU B 354 -16.96 31.72 12.74
CA GLU B 354 -16.06 32.69 13.35
C GLU B 354 -15.18 33.34 12.29
N LEU B 355 -14.69 32.52 11.36
CA LEU B 355 -13.83 33.01 10.28
C LEU B 355 -14.57 33.90 9.29
N PHE B 356 -15.78 33.49 8.93
CA PHE B 356 -16.60 34.24 7.99
C PHE B 356 -17.04 35.61 8.54
N ASN B 357 -17.10 35.72 9.86
CA ASN B 357 -17.50 36.96 10.52
C ASN B 357 -16.32 37.67 11.15
N TYR B 358 -15.11 37.30 10.74
CA TYR B 358 -13.92 37.93 11.29
C TYR B 358 -13.63 39.23 10.54
N LYS B 359 -13.08 40.19 11.27
CA LYS B 359 -12.76 41.49 10.70
C LYS B 359 -11.64 41.43 9.66
N GLY B 360 -11.91 41.98 8.49
CA GLY B 360 -10.92 41.99 7.42
C GLY B 360 -10.88 40.74 6.55
N ILE B 361 -11.95 39.94 6.64
CA ILE B 361 -12.04 38.72 5.86
C ILE B 361 -12.89 38.92 4.61
N HIS B 362 -12.38 38.46 3.48
CA HIS B 362 -13.09 38.56 2.21
C HIS B 362 -13.52 37.17 1.75
N ILE B 363 -14.82 36.98 1.52
CA ILE B 363 -15.34 35.70 1.08
C ILE B 363 -15.69 35.79 -0.40
N GLU B 364 -15.14 34.87 -1.19
CA GLU B 364 -15.39 34.87 -2.62
C GLU B 364 -15.83 33.48 -3.07
N ASN B 365 -17.05 33.39 -3.59
CA ASN B 365 -17.58 32.10 -4.04
C ASN B 365 -16.96 31.66 -5.35
N VAL B 366 -16.39 30.46 -5.34
CA VAL B 366 -15.74 29.91 -6.52
C VAL B 366 -16.76 29.12 -7.33
N LYS B 367 -17.54 28.29 -6.65
CA LYS B 367 -18.56 27.49 -7.28
C LYS B 367 -19.42 26.97 -6.14
N PRO B 368 -20.51 26.25 -6.46
CA PRO B 368 -21.39 25.71 -5.41
C PRO B 368 -20.62 24.94 -4.33
N GLN B 369 -20.88 25.27 -3.07
CA GLN B 369 -20.24 24.63 -1.93
C GLN B 369 -18.73 24.81 -1.87
N VAL B 370 -18.19 25.76 -2.63
CA VAL B 370 -16.75 26.01 -2.59
C VAL B 370 -16.51 27.50 -2.52
N ASP B 371 -15.92 27.94 -1.42
CA ASP B 371 -15.63 29.36 -1.24
C ASP B 371 -14.15 29.63 -1.01
N ARG B 372 -13.70 30.80 -1.47
CA ARG B 372 -12.31 31.17 -1.28
C ARG B 372 -12.26 32.37 -0.32
N ILE B 373 -11.59 32.16 0.81
CA ILE B 373 -11.46 33.18 1.85
C ILE B 373 -10.09 33.85 1.86
N THR B 374 -10.09 35.18 1.83
CA THR B 374 -8.84 35.94 1.86
C THR B 374 -8.54 36.30 3.31
N LEU B 375 -7.46 35.74 3.84
CA LEU B 375 -7.06 35.99 5.22
C LEU B 375 -6.47 37.39 5.37
N PRO B 376 -6.42 37.91 6.60
CA PRO B 376 -5.87 39.24 6.87
C PRO B 376 -4.47 39.44 6.30
N ASN B 377 -3.66 38.39 6.32
CA ASN B 377 -2.29 38.47 5.82
C ASN B 377 -2.19 38.33 4.30
N GLY B 378 -3.34 38.18 3.65
CA GLY B 378 -3.33 38.05 2.21
C GLY B 378 -3.55 36.64 1.68
N ASN B 379 -3.23 35.63 2.47
CA ASN B 379 -3.41 34.24 2.04
C ASN B 379 -4.85 33.90 1.76
N LYS B 380 -5.05 33.18 0.67
CA LYS B 380 -6.39 32.76 0.27
C LYS B 380 -6.53 31.26 0.47
N ILE B 381 -7.47 30.88 1.33
CA ILE B 381 -7.69 29.47 1.59
C ILE B 381 -9.04 29.07 1.00
N ILE B 382 -9.23 27.76 0.80
CA ILE B 382 -10.47 27.25 0.25
C ILE B 382 -11.25 26.52 1.34
N VAL B 383 -12.53 26.84 1.47
CA VAL B 383 -13.40 26.21 2.46
C VAL B 383 -14.51 25.46 1.73
N LEU B 384 -14.71 24.19 2.08
CA LEU B 384 -15.72 23.37 1.42
C LEU B 384 -17.06 23.25 2.17
N ALA B 385 -18.16 23.40 1.42
CA ALA B 385 -19.51 23.29 1.96
C ALA B 385 -19.70 24.06 3.27
N ARG B 386 -19.01 25.18 3.39
CA ARG B 386 -19.09 26.00 4.59
C ARG B 386 -19.00 25.18 5.89
N GLY B 387 -18.07 24.25 5.94
CA GLY B 387 -17.90 23.44 7.13
C GLY B 387 -18.86 22.28 7.29
N ARG B 388 -19.69 22.00 6.29
CA ARG B 388 -20.61 20.86 6.37
C ARG B 388 -20.05 19.68 5.58
N LEU B 389 -20.64 18.50 5.73
CA LEU B 389 -20.17 17.28 5.04
C LEU B 389 -19.68 17.55 3.62
N LEU B 390 -18.38 17.46 3.41
CA LEU B 390 -17.85 17.73 2.09
C LEU B 390 -18.14 16.60 1.08
N ASN B 391 -18.14 15.35 1.53
CA ASN B 391 -18.40 14.26 0.62
C ASN B 391 -19.83 14.26 0.06
N LEU B 392 -20.78 14.74 0.85
CA LEU B 392 -22.16 14.80 0.40
C LEU B 392 -22.51 16.15 -0.21
N GLY B 393 -21.71 17.16 0.13
CA GLY B 393 -21.96 18.50 -0.38
C GLY B 393 -21.26 18.77 -1.69
N CYS B 394 -20.01 18.30 -1.80
CA CYS B 394 -19.23 18.49 -3.02
C CYS B 394 -19.27 17.30 -3.95
N ALA B 395 -19.76 16.17 -3.46
CA ALA B 395 -19.86 14.98 -4.27
C ALA B 395 -21.24 14.32 -4.08
N THR B 396 -21.29 13.00 -4.17
CA THR B 396 -22.54 12.27 -4.04
C THR B 396 -22.55 11.31 -2.87
N GLY B 397 -21.66 11.54 -1.90
CA GLY B 397 -21.57 10.67 -0.74
C GLY B 397 -21.11 9.27 -1.09
N HIS B 398 -21.28 8.35 -0.15
CA HIS B 398 -20.88 6.95 -0.34
C HIS B 398 -21.51 6.30 -1.55
N PRO B 399 -20.80 5.34 -2.15
CA PRO B 399 -21.35 4.65 -3.32
C PRO B 399 -22.46 3.72 -2.88
N ALA B 400 -23.32 3.37 -3.84
CA ALA B 400 -24.45 2.49 -3.62
C ALA B 400 -24.16 1.17 -2.92
N PHE B 401 -23.08 0.50 -3.32
CA PHE B 401 -22.72 -0.78 -2.74
C PHE B 401 -22.47 -0.69 -1.22
N VAL B 402 -21.84 0.40 -0.78
CA VAL B 402 -21.58 0.56 0.63
C VAL B 402 -22.87 0.89 1.35
N MET B 403 -23.69 1.75 0.76
CA MET B 403 -24.97 2.13 1.38
C MET B 403 -25.93 0.96 1.46
N SER B 404 -25.68 -0.05 0.63
CA SER B 404 -26.51 -1.24 0.63
C SER B 404 -26.43 -1.93 2.00
N PHE B 405 -25.26 -1.95 2.61
CA PHE B 405 -25.10 -2.57 3.94
C PHE B 405 -25.88 -1.80 5.00
N SER B 406 -25.72 -0.48 5.00
CA SER B 406 -26.40 0.37 5.98
C SER B 406 -27.92 0.29 5.81
N PHE B 407 -28.38 0.44 4.58
CA PHE B 407 -29.81 0.40 4.33
C PHE B 407 -30.44 -0.97 4.55
N CYS B 408 -29.63 -2.03 4.52
CA CYS B 408 -30.18 -3.35 4.80
C CYS B 408 -30.43 -3.41 6.30
N ASN B 409 -29.51 -2.86 7.09
CA ASN B 409 -29.69 -2.86 8.55
C ASN B 409 -30.84 -1.94 8.94
N GLN B 410 -31.06 -0.89 8.15
CA GLN B 410 -32.15 0.06 8.41
C GLN B 410 -33.49 -0.64 8.18
N THR B 411 -33.60 -1.30 7.03
CA THR B 411 -34.81 -2.02 6.68
C THR B 411 -35.13 -3.08 7.73
N PHE B 412 -34.12 -3.83 8.14
CA PHE B 412 -34.35 -4.86 9.16
C PHE B 412 -34.77 -4.24 10.48
N ALA B 413 -34.27 -3.04 10.78
CA ALA B 413 -34.63 -2.36 12.01
C ALA B 413 -36.10 -1.93 11.97
N GLN B 414 -36.54 -1.48 10.80
CA GLN B 414 -37.93 -1.05 10.63
C GLN B 414 -38.83 -2.28 10.67
N LEU B 415 -38.41 -3.36 10.01
CA LEU B 415 -39.20 -4.59 9.99
C LEU B 415 -39.39 -5.15 11.41
N ASP B 416 -38.30 -5.26 12.15
CA ASP B 416 -38.37 -5.80 13.50
C ASP B 416 -39.19 -4.90 14.43
N LEU B 417 -39.07 -3.60 14.25
CA LEU B 417 -39.76 -2.64 15.08
C LEU B 417 -41.27 -2.73 14.83
N TRP B 418 -41.66 -2.83 13.57
CA TRP B 418 -43.07 -2.92 13.19
C TRP B 418 -43.70 -4.27 13.53
N GLN B 419 -42.94 -5.35 13.39
CA GLN B 419 -43.43 -6.69 13.71
C GLN B 419 -43.55 -6.96 15.19
N ASN B 420 -42.95 -6.10 16.02
CA ASN B 420 -43.02 -6.28 17.46
C ASN B 420 -43.73 -5.11 18.12
N LYS B 421 -44.55 -4.40 17.35
CA LYS B 421 -45.28 -3.26 17.88
C LYS B 421 -46.37 -3.66 18.87
N ASP B 422 -46.90 -4.87 18.72
CA ASP B 422 -47.94 -5.37 19.59
C ASP B 422 -47.37 -6.28 20.69
N THR B 423 -46.06 -6.28 20.84
CA THR B 423 -45.41 -7.10 21.86
C THR B 423 -44.66 -6.17 22.80
N ASN B 424 -44.03 -6.75 23.82
CA ASN B 424 -43.28 -5.96 24.78
C ASN B 424 -41.79 -6.31 24.71
N LYS B 425 -41.31 -6.48 23.49
CA LYS B 425 -39.91 -6.82 23.25
C LYS B 425 -39.04 -5.58 23.39
N TYR B 426 -39.58 -4.43 23.01
CA TYR B 426 -38.82 -3.17 23.06
C TYR B 426 -39.42 -2.13 23.99
N GLU B 427 -38.57 -1.57 24.85
CA GLU B 427 -38.96 -0.53 25.78
C GLU B 427 -38.43 0.79 25.24
N ASN B 428 -38.51 1.85 26.04
CA ASN B 428 -38.01 3.15 25.63
C ASN B 428 -36.52 3.23 25.89
N LYS B 429 -35.77 2.37 25.21
CA LYS B 429 -34.34 2.30 25.36
C LYS B 429 -33.67 2.13 24.00
N VAL B 430 -32.35 2.12 24.00
CA VAL B 430 -31.58 1.95 22.79
C VAL B 430 -31.20 0.48 22.66
N TYR B 431 -31.58 -0.14 21.56
CA TYR B 431 -31.27 -1.54 21.33
C TYR B 431 -30.37 -1.73 20.13
N LEU B 432 -29.81 -2.93 20.00
CA LEU B 432 -28.96 -3.26 18.87
C LEU B 432 -29.51 -4.45 18.15
N LEU B 433 -29.32 -4.44 16.84
CA LEU B 433 -29.76 -5.54 16.03
C LEU B 433 -28.93 -6.77 16.41
N PRO B 434 -29.58 -7.96 16.47
CA PRO B 434 -28.91 -9.21 16.82
C PRO B 434 -27.75 -9.56 15.88
N LYS B 435 -26.81 -10.35 16.39
CA LYS B 435 -25.63 -10.76 15.64
C LYS B 435 -25.94 -11.50 14.35
N HIS B 436 -26.90 -12.42 14.40
CA HIS B 436 -27.24 -13.17 13.22
C HIS B 436 -27.66 -12.29 12.04
N LEU B 437 -28.30 -11.15 12.32
CA LEU B 437 -28.71 -10.25 11.25
C LEU B 437 -27.53 -9.60 10.53
N ASP B 438 -26.48 -9.30 11.30
CA ASP B 438 -25.28 -8.70 10.75
C ASP B 438 -24.63 -9.66 9.75
N GLU B 439 -24.54 -10.93 10.14
CA GLU B 439 -23.97 -11.95 9.27
C GLU B 439 -24.87 -12.17 8.07
N LYS B 440 -26.17 -12.05 8.28
CA LYS B 440 -27.12 -12.24 7.20
C LYS B 440 -26.87 -11.18 6.14
N VAL B 441 -26.80 -9.93 6.58
CA VAL B 441 -26.56 -8.83 5.66
C VAL B 441 -25.27 -9.10 4.86
N ALA B 442 -24.20 -9.46 5.56
CA ALA B 442 -22.94 -9.72 4.89
C ALA B 442 -23.10 -10.83 3.85
N LEU B 443 -23.78 -11.91 4.22
CA LEU B 443 -24.00 -13.03 3.31
C LEU B 443 -24.65 -12.64 1.98
N TYR B 444 -25.59 -11.70 2.04
CA TYR B 444 -26.29 -11.24 0.85
C TYR B 444 -25.39 -10.59 -0.19
N HIS B 445 -24.24 -10.06 0.24
CA HIS B 445 -23.33 -9.37 -0.66
C HIS B 445 -22.14 -10.18 -1.15
N LEU B 446 -22.01 -11.40 -0.64
CA LEU B 446 -20.91 -12.24 -1.03
C LEU B 446 -20.88 -12.64 -2.51
N LYS B 447 -22.01 -13.05 -3.06
CA LYS B 447 -22.07 -13.46 -4.48
C LYS B 447 -21.62 -12.34 -5.42
N LYS B 448 -22.12 -11.13 -5.18
CA LYS B 448 -21.79 -9.99 -6.01
C LYS B 448 -20.29 -9.75 -6.00
N LEU B 449 -19.64 -10.08 -4.89
CA LEU B 449 -18.20 -9.89 -4.73
C LEU B 449 -17.37 -11.09 -5.15
N ASN B 450 -18.02 -12.14 -5.66
CA ASN B 450 -17.30 -13.33 -6.09
C ASN B 450 -16.47 -13.92 -4.95
N ALA B 451 -17.03 -13.88 -3.75
CA ALA B 451 -16.34 -14.39 -2.57
C ALA B 451 -16.92 -15.74 -2.16
N SER B 452 -16.09 -16.78 -2.15
CA SER B 452 -16.53 -18.12 -1.76
C SER B 452 -16.31 -18.39 -0.28
N LEU B 453 -17.39 -18.53 0.47
CA LEU B 453 -17.29 -18.78 1.90
C LEU B 453 -17.01 -20.27 2.15
N THR B 454 -16.27 -20.57 3.20
CA THR B 454 -15.97 -21.95 3.51
C THR B 454 -17.00 -22.48 4.50
N GLU B 455 -17.38 -23.74 4.33
CA GLU B 455 -18.36 -24.40 5.20
C GLU B 455 -17.64 -25.05 6.35
N LEU B 456 -18.09 -24.72 7.56
CA LEU B 456 -17.50 -25.28 8.75
C LEU B 456 -17.86 -26.75 8.85
N ASP B 457 -16.88 -27.56 9.21
CA ASP B 457 -17.05 -29.01 9.34
C ASP B 457 -17.64 -29.38 10.70
N ASP B 458 -18.05 -30.64 10.84
CA ASP B 458 -18.64 -31.10 12.09
C ASP B 458 -17.68 -31.02 13.28
N ASN B 459 -16.45 -31.50 13.09
CA ASN B 459 -15.46 -31.44 14.16
C ASN B 459 -15.15 -29.98 14.50
N GLN B 460 -14.99 -29.18 13.46
CA GLN B 460 -14.68 -27.77 13.60
C GLN B 460 -15.76 -26.99 14.36
N CYS B 461 -17.01 -27.37 14.17
CA CYS B 461 -18.12 -26.72 14.86
C CYS B 461 -18.08 -26.98 16.34
N GLN B 462 -17.85 -28.25 16.71
CA GLN B 462 -17.80 -28.61 18.12
C GLN B 462 -16.62 -27.95 18.79
N PHE B 463 -15.48 -27.95 18.11
CA PHE B 463 -14.28 -27.35 18.65
C PHE B 463 -14.44 -25.87 18.94
N LEU B 464 -14.96 -25.12 17.97
CA LEU B 464 -15.17 -23.69 18.13
C LEU B 464 -16.37 -23.41 19.01
N GLY B 465 -17.25 -24.42 19.14
CA GLY B 465 -18.44 -24.26 19.94
C GLY B 465 -19.44 -23.29 19.33
N VAL B 466 -19.66 -23.41 18.02
CA VAL B 466 -20.59 -22.55 17.31
C VAL B 466 -21.44 -23.37 16.35
N ASN B 467 -22.50 -22.75 15.85
CA ASN B 467 -23.39 -23.42 14.91
C ASN B 467 -22.83 -23.26 13.50
N LYS B 468 -23.07 -24.25 12.65
CA LYS B 468 -22.56 -24.20 11.28
C LYS B 468 -23.08 -23.01 10.49
N SER B 469 -24.13 -22.37 10.99
CA SER B 469 -24.73 -21.22 10.31
C SER B 469 -24.38 -19.89 10.97
N GLY B 470 -23.72 -19.95 12.12
CA GLY B 470 -23.35 -18.74 12.84
C GLY B 470 -24.32 -18.43 13.96
N PRO B 471 -24.06 -17.36 14.76
CA PRO B 471 -22.92 -16.44 14.69
C PRO B 471 -21.60 -17.16 14.90
N PHE B 472 -20.53 -16.60 14.36
CA PHE B 472 -19.21 -17.22 14.48
C PHE B 472 -18.32 -16.52 15.49
N LYS B 473 -18.72 -15.33 15.91
CA LYS B 473 -17.96 -14.57 16.87
C LYS B 473 -18.81 -14.24 18.09
N SER B 474 -18.16 -13.80 19.17
CA SER B 474 -18.89 -13.44 20.39
C SER B 474 -19.33 -11.99 20.23
N ASN B 475 -20.23 -11.54 21.11
CA ASN B 475 -20.72 -10.16 21.03
C ASN B 475 -19.62 -9.13 21.26
N GLU B 476 -18.57 -9.52 21.96
CA GLU B 476 -17.47 -8.61 22.25
C GLU B 476 -16.41 -8.52 21.15
N TYR B 477 -16.54 -9.36 20.12
CA TYR B 477 -15.56 -9.36 19.03
C TYR B 477 -15.49 -8.01 18.31
N ARG B 478 -14.27 -7.51 18.14
CA ARG B 478 -14.05 -6.21 17.52
C ARG B 478 -13.84 -6.18 16.01
N TYR B 479 -13.71 -7.35 15.39
CA TYR B 479 -13.48 -7.43 13.95
C TYR B 479 -12.36 -6.53 13.51
N ASN C 4 45.95 -25.56 -6.29
CA ASN C 4 44.63 -25.87 -6.92
C ASN C 4 43.66 -26.38 -5.87
N LYS C 5 44.04 -26.22 -4.61
CA LYS C 5 43.22 -26.65 -3.49
C LYS C 5 42.34 -25.51 -2.97
N SER C 6 41.03 -25.73 -2.90
CA SER C 6 40.13 -24.70 -2.40
C SER C 6 40.40 -24.39 -0.95
N LYS C 7 40.06 -23.19 -0.53
CA LYS C 7 40.25 -22.80 0.85
C LYS C 7 38.92 -22.30 1.39
N VAL C 8 38.29 -23.13 2.22
CA VAL C 8 37.01 -22.82 2.82
C VAL C 8 37.06 -23.10 4.32
N LYS C 9 36.11 -22.52 5.04
CA LYS C 9 36.03 -22.67 6.47
C LYS C 9 35.98 -24.14 6.87
N ASP C 10 34.89 -24.82 6.53
CA ASP C 10 34.71 -26.22 6.90
C ASP C 10 34.02 -27.05 5.82
N ILE C 11 34.80 -27.88 5.14
CA ILE C 11 34.28 -28.70 4.06
C ILE C 11 33.17 -29.69 4.44
N SER C 12 32.94 -29.91 5.73
CA SER C 12 31.89 -30.84 6.14
C SER C 12 30.49 -30.23 6.03
N LEU C 13 30.41 -28.93 5.73
CA LEU C 13 29.11 -28.28 5.57
C LEU C 13 28.58 -28.52 4.17
N ALA C 14 29.40 -29.11 3.31
CA ALA C 14 29.00 -29.37 1.92
C ALA C 14 27.60 -29.96 1.76
N PRO C 15 27.25 -31.01 2.53
CA PRO C 15 25.91 -31.59 2.39
C PRO C 15 24.76 -30.60 2.66
N PHE C 16 24.91 -29.79 3.71
CA PHE C 16 23.89 -28.80 4.03
C PHE C 16 23.74 -27.85 2.85
N GLY C 17 24.87 -27.44 2.28
CA GLY C 17 24.85 -26.53 1.15
C GLY C 17 24.22 -27.18 -0.05
N LYS C 18 24.50 -28.47 -0.27
CA LYS C 18 23.95 -29.20 -1.40
C LYS C 18 22.42 -29.24 -1.35
N MET C 19 21.89 -29.43 -0.14
CA MET C 19 20.47 -29.47 0.07
C MET C 19 19.88 -28.09 -0.28
N GLN C 20 20.52 -27.02 0.16
CA GLN C 20 20.03 -25.68 -0.13
C GLN C 20 20.01 -25.43 -1.63
N MET C 21 21.05 -25.88 -2.33
CA MET C 21 21.16 -25.70 -3.77
C MET C 21 20.06 -26.44 -4.52
N GLU C 22 19.77 -27.65 -4.08
CA GLU C 22 18.75 -28.45 -4.72
C GLU C 22 17.39 -27.77 -4.60
N ILE C 23 17.13 -27.17 -3.44
CA ILE C 23 15.88 -26.50 -3.25
C ILE C 23 15.79 -25.20 -4.07
N SER C 24 16.79 -24.35 -3.96
CA SER C 24 16.79 -23.09 -4.70
C SER C 24 16.71 -23.30 -6.21
N GLU C 25 16.96 -24.52 -6.65
CA GLU C 25 16.92 -24.83 -8.08
C GLU C 25 15.52 -24.55 -8.63
N ASN C 26 14.51 -24.83 -7.83
CA ASN C 26 13.14 -24.59 -8.26
C ASN C 26 12.81 -23.09 -8.25
N GLU C 27 13.62 -22.30 -7.55
CA GLU C 27 13.40 -20.87 -7.51
C GLU C 27 14.18 -20.13 -8.61
N MET C 28 14.95 -20.87 -9.40
CA MET C 28 15.72 -20.24 -10.47
C MET C 28 15.44 -20.87 -11.84
N PRO C 29 14.19 -20.75 -12.32
CA PRO C 29 13.81 -21.31 -13.61
C PRO C 29 14.62 -20.75 -14.77
N GLY C 30 15.17 -19.55 -14.59
CA GLY C 30 15.97 -18.95 -15.64
C GLY C 30 17.28 -19.69 -15.85
N LEU C 31 18.05 -19.83 -14.79
CA LEU C 31 19.31 -20.54 -14.90
C LEU C 31 19.10 -21.99 -15.34
N MET C 32 18.05 -22.62 -14.82
CA MET C 32 17.76 -23.99 -15.17
C MET C 32 17.43 -24.14 -16.65
N ARG C 33 16.79 -23.12 -17.23
CA ARG C 33 16.46 -23.16 -18.65
C ARG C 33 17.74 -23.09 -19.47
N ILE C 34 18.71 -22.31 -18.99
CA ILE C 34 19.99 -22.17 -19.69
C ILE C 34 20.69 -23.51 -19.78
N ARG C 35 20.67 -24.25 -18.68
CA ARG C 35 21.30 -25.57 -18.62
C ARG C 35 20.62 -26.52 -19.60
N GLU C 36 19.31 -26.38 -19.78
CA GLU C 36 18.57 -27.24 -20.69
C GLU C 36 18.85 -26.92 -22.15
N GLU C 37 19.14 -25.67 -22.47
CA GLU C 37 19.40 -25.30 -23.85
C GLU C 37 20.85 -25.46 -24.26
N TYR C 38 21.75 -24.73 -23.59
CA TYR C 38 23.17 -24.79 -23.90
C TYR C 38 23.89 -25.82 -23.04
N GLY C 39 23.14 -26.79 -22.54
CA GLY C 39 23.74 -27.82 -21.69
C GLY C 39 24.65 -28.82 -22.37
N LYS C 40 24.06 -29.75 -23.11
CA LYS C 40 24.83 -30.78 -23.79
C LYS C 40 25.74 -30.22 -24.89
N ASP C 41 25.61 -28.92 -25.15
CA ASP C 41 26.42 -28.28 -26.17
C ASP C 41 27.82 -27.93 -25.66
N GLN C 42 27.93 -27.65 -24.36
CA GLN C 42 29.21 -27.29 -23.76
C GLN C 42 29.87 -26.12 -24.47
N PRO C 43 29.15 -25.00 -24.60
CA PRO C 43 29.69 -23.81 -25.27
C PRO C 43 30.89 -23.14 -24.58
N LEU C 44 31.02 -23.34 -23.27
CA LEU C 44 32.13 -22.74 -22.54
C LEU C 44 33.26 -23.73 -22.29
N LYS C 45 33.28 -24.82 -23.05
CA LYS C 45 34.31 -25.85 -22.90
C LYS C 45 35.72 -25.28 -23.03
N ASN C 46 36.57 -25.59 -22.06
CA ASN C 46 37.96 -25.14 -22.03
C ASN C 46 38.11 -23.67 -21.60
N ALA C 47 37.00 -23.01 -21.27
CA ALA C 47 37.06 -21.62 -20.85
C ALA C 47 37.47 -21.53 -19.39
N LYS C 48 38.38 -20.59 -19.09
CA LYS C 48 38.83 -20.42 -17.71
C LYS C 48 38.14 -19.17 -17.17
N ILE C 49 37.25 -19.35 -16.22
CA ILE C 49 36.53 -18.22 -15.66
C ILE C 49 36.86 -17.98 -14.19
N THR C 50 37.20 -16.74 -13.88
CA THR C 50 37.50 -16.35 -12.51
C THR C 50 36.35 -15.45 -12.08
N GLY C 51 35.79 -15.73 -10.92
CA GLY C 51 34.69 -14.93 -10.44
C GLY C 51 35.02 -14.29 -9.10
N CYS C 52 34.46 -13.11 -8.89
CA CYS C 52 34.65 -12.35 -7.66
C CYS C 52 33.27 -11.81 -7.33
N LEU C 53 32.44 -12.67 -6.74
CA LEU C 53 31.07 -12.32 -6.40
C LEU C 53 30.64 -13.06 -5.13
N HIS C 54 29.77 -12.42 -4.35
CA HIS C 54 29.25 -12.98 -3.10
C HIS C 54 29.04 -14.48 -3.18
N MET C 55 29.79 -15.20 -2.36
CA MET C 55 29.73 -16.65 -2.34
C MET C 55 28.54 -17.13 -1.52
N THR C 56 27.35 -17.02 -2.10
CA THR C 56 26.10 -17.42 -1.46
C THR C 56 25.56 -18.62 -2.21
N VAL C 57 24.44 -19.14 -1.72
CA VAL C 57 23.78 -20.27 -2.35
C VAL C 57 23.39 -19.95 -3.81
N GLU C 58 22.84 -18.76 -4.05
CA GLU C 58 22.45 -18.37 -5.40
C GLU C 58 23.67 -18.34 -6.29
N CYS C 59 24.80 -17.92 -5.73
CA CYS C 59 26.05 -17.86 -6.48
C CYS C 59 26.54 -19.25 -6.81
N ALA C 60 26.28 -20.20 -5.90
CA ALA C 60 26.69 -21.58 -6.07
C ALA C 60 25.99 -22.17 -7.29
N LEU C 61 24.73 -21.80 -7.47
CA LEU C 61 23.96 -22.29 -8.60
C LEU C 61 24.45 -21.66 -9.90
N LEU C 62 25.03 -20.46 -9.81
CA LEU C 62 25.57 -19.82 -11.00
C LEU C 62 26.86 -20.56 -11.39
N ILE C 63 27.71 -20.84 -10.40
CA ILE C 63 28.97 -21.57 -10.62
C ILE C 63 28.66 -22.91 -11.28
N GLU C 64 27.74 -23.65 -10.69
CA GLU C 64 27.36 -24.96 -11.20
C GLU C 64 26.84 -24.90 -12.63
N THR C 65 26.14 -23.82 -12.96
CA THR C 65 25.63 -23.64 -14.32
C THR C 65 26.79 -23.42 -15.28
N LEU C 66 27.73 -22.55 -14.91
CA LEU C 66 28.87 -22.27 -15.76
C LEU C 66 29.68 -23.55 -15.97
N GLN C 67 29.95 -24.30 -14.90
CA GLN C 67 30.72 -25.51 -15.04
C GLN C 67 29.95 -26.59 -15.82
N LYS C 68 28.63 -26.60 -15.71
CA LYS C 68 27.82 -27.57 -16.45
C LYS C 68 27.83 -27.16 -17.92
N LEU C 69 28.32 -25.95 -18.18
CA LEU C 69 28.42 -25.45 -19.53
C LEU C 69 29.79 -25.80 -20.09
N GLY C 70 30.61 -26.43 -19.25
CA GLY C 70 31.93 -26.86 -19.69
C GLY C 70 33.12 -26.01 -19.32
N ALA C 71 32.93 -25.02 -18.44
CA ALA C 71 34.02 -24.15 -18.04
C ALA C 71 34.69 -24.54 -16.75
N GLN C 72 35.92 -24.05 -16.57
CA GLN C 72 36.68 -24.30 -15.35
C GLN C 72 36.53 -23.00 -14.57
N ILE C 73 36.45 -23.11 -13.26
CA ILE C 73 36.23 -21.93 -12.44
C ILE C 73 37.11 -21.79 -11.20
N ARG C 74 37.51 -20.54 -10.94
CA ARG C 74 38.24 -20.22 -9.72
C ARG C 74 37.35 -19.10 -9.20
N TRP C 75 37.05 -19.13 -7.91
CA TRP C 75 36.14 -18.14 -7.39
C TRP C 75 36.52 -17.62 -6.01
N CYS C 76 36.11 -16.39 -5.74
CA CYS C 76 36.34 -15.75 -4.44
C CYS C 76 35.13 -14.84 -4.17
N SER C 77 34.97 -14.42 -2.94
CA SER C 77 33.84 -13.55 -2.60
C SER C 77 34.28 -12.10 -2.79
N CYS C 78 33.34 -11.19 -2.97
CA CYS C 78 33.70 -9.79 -3.16
C CYS C 78 33.42 -8.98 -1.90
N ASN C 79 33.12 -9.69 -0.81
CA ASN C 79 32.85 -9.03 0.45
C ASN C 79 33.23 -9.99 1.58
N ILE C 80 33.88 -9.46 2.61
CA ILE C 80 34.33 -10.28 3.72
C ILE C 80 33.27 -10.88 4.64
N TYR C 81 32.01 -10.49 4.45
CA TYR C 81 30.93 -11.01 5.30
C TYR C 81 29.82 -11.73 4.52
N SER C 82 29.78 -11.54 3.21
CA SER C 82 28.72 -12.15 2.41
C SER C 82 28.78 -13.64 2.13
N THR C 83 29.94 -14.25 2.33
CA THR C 83 30.09 -15.67 2.08
C THR C 83 29.28 -16.56 3.03
N ALA C 84 28.61 -17.55 2.45
CA ALA C 84 27.86 -18.52 3.24
C ALA C 84 28.77 -19.76 3.21
N ASP C 85 29.37 -20.09 4.35
CA ASP C 85 30.29 -21.21 4.42
C ASP C 85 29.76 -22.52 3.84
N TYR C 86 28.49 -22.82 4.10
CA TYR C 86 27.92 -24.05 3.57
C TYR C 86 27.85 -24.03 2.05
N ALA C 87 27.71 -22.84 1.44
CA ALA C 87 27.65 -22.75 -0.01
C ALA C 87 29.06 -22.86 -0.61
N ALA C 88 30.04 -22.27 0.07
CA ALA C 88 31.42 -22.32 -0.36
C ALA C 88 31.92 -23.77 -0.34
N ALA C 89 31.56 -24.49 0.70
CA ALA C 89 31.96 -25.88 0.85
C ALA C 89 31.30 -26.74 -0.23
N ALA C 90 30.02 -26.51 -0.48
CA ALA C 90 29.29 -27.28 -1.48
C ALA C 90 29.82 -27.04 -2.88
N VAL C 91 30.08 -25.79 -3.23
CA VAL C 91 30.57 -25.51 -4.57
C VAL C 91 32.01 -26.00 -4.77
N SER C 92 32.84 -25.94 -3.73
CA SER C 92 34.24 -26.36 -3.82
C SER C 92 34.35 -27.86 -4.13
N THR C 93 33.22 -28.53 -4.05
CA THR C 93 33.12 -29.96 -4.30
C THR C 93 33.03 -30.28 -5.79
N LEU C 94 32.44 -29.39 -6.57
CA LEU C 94 32.29 -29.62 -7.99
C LEU C 94 33.65 -29.80 -8.68
N GLU C 95 33.61 -30.47 -9.83
CA GLU C 95 34.80 -30.74 -10.62
C GLU C 95 35.18 -29.45 -11.33
N ASN C 96 36.47 -29.20 -11.45
CA ASN C 96 36.93 -28.01 -12.15
C ASN C 96 36.52 -26.69 -11.49
N VAL C 97 36.30 -26.72 -10.18
CA VAL C 97 35.93 -25.52 -9.46
C VAL C 97 36.81 -25.36 -8.22
N THR C 98 37.47 -24.22 -8.11
CA THR C 98 38.30 -23.97 -6.93
C THR C 98 37.75 -22.69 -6.33
N VAL C 99 37.63 -22.68 -5.00
CA VAL C 99 37.06 -21.57 -4.27
C VAL C 99 37.95 -21.06 -3.15
N PHE C 100 38.01 -19.74 -3.00
CA PHE C 100 38.78 -19.13 -1.93
C PHE C 100 37.85 -18.13 -1.26
N ALA C 101 37.11 -18.58 -0.26
CA ALA C 101 36.18 -17.70 0.44
C ALA C 101 35.62 -18.28 1.73
N TRP C 102 35.40 -17.39 2.69
CA TRP C 102 34.84 -17.77 3.98
C TRP C 102 34.34 -16.52 4.68
N LYS C 103 33.34 -16.69 5.53
CA LYS C 103 32.74 -15.57 6.25
C LYS C 103 33.70 -15.04 7.30
N ASN C 104 33.70 -13.71 7.47
CA ASN C 104 34.54 -13.04 8.44
C ASN C 104 36.03 -13.09 8.12
N GLU C 105 36.36 -12.92 6.86
CA GLU C 105 37.77 -12.92 6.46
C GLU C 105 38.38 -11.55 6.69
N THR C 106 39.66 -11.50 7.02
CA THR C 106 40.32 -10.23 7.24
C THR C 106 40.58 -9.58 5.88
N LEU C 107 40.86 -8.28 5.89
CA LEU C 107 41.12 -7.56 4.66
C LEU C 107 42.34 -8.12 3.94
N GLU C 108 43.32 -8.58 4.71
CA GLU C 108 44.54 -9.14 4.14
C GLU C 108 44.21 -10.44 3.44
N GLU C 109 43.35 -11.23 4.06
CA GLU C 109 42.94 -12.52 3.49
C GLU C 109 42.06 -12.31 2.26
N TYR C 110 41.27 -11.24 2.30
CA TYR C 110 40.38 -10.89 1.20
C TYR C 110 41.11 -10.72 -0.12
N TRP C 111 42.16 -9.88 -0.10
CA TRP C 111 42.93 -9.63 -1.31
C TRP C 111 43.71 -10.86 -1.75
N TRP C 112 44.09 -11.69 -0.78
CA TRP C 112 44.81 -12.92 -1.06
C TRP C 112 43.89 -13.82 -1.90
N CYS C 113 42.62 -13.88 -1.51
CA CYS C 113 41.61 -14.69 -2.23
C CYS C 113 41.36 -14.18 -3.65
N VAL C 114 41.32 -12.86 -3.81
CA VAL C 114 41.11 -12.29 -5.13
C VAL C 114 42.28 -12.68 -6.00
N GLU C 115 43.50 -12.45 -5.49
CA GLU C 115 44.71 -12.78 -6.21
C GLU C 115 44.81 -14.26 -6.55
N SER C 116 44.47 -15.10 -5.57
CA SER C 116 44.52 -16.54 -5.78
C SER C 116 43.50 -16.95 -6.84
N ALA C 117 42.34 -16.30 -6.84
CA ALA C 117 41.31 -16.62 -7.81
C ALA C 117 41.71 -16.22 -9.21
N LEU C 118 42.48 -15.14 -9.33
CA LEU C 118 42.92 -14.66 -10.65
C LEU C 118 44.16 -15.37 -11.20
N THR C 119 44.86 -16.07 -10.32
CA THR C 119 46.09 -16.77 -10.71
C THR C 119 45.86 -18.24 -11.05
N TRP C 120 45.98 -18.57 -12.33
CA TRP C 120 45.78 -19.94 -12.77
C TRP C 120 47.09 -20.68 -12.96
N GLY C 121 47.75 -21.06 -11.87
CA GLY C 121 49.01 -21.78 -11.99
C GLY C 121 50.25 -20.91 -12.00
N ASP C 122 51.07 -21.06 -13.04
CA ASP C 122 52.30 -20.28 -13.17
C ASP C 122 52.90 -20.34 -14.57
N GLY C 123 53.67 -19.31 -14.92
CA GLY C 123 54.28 -19.27 -16.23
C GLY C 123 53.37 -18.68 -17.29
N ASP C 124 53.44 -19.25 -18.50
CA ASP C 124 52.62 -18.80 -19.62
C ASP C 124 51.14 -19.01 -19.32
N ASP C 125 50.30 -18.05 -19.73
CA ASP C 125 48.86 -18.14 -19.48
C ASP C 125 48.62 -18.40 -18.00
N ASN C 126 48.90 -17.39 -17.20
CA ASN C 126 48.74 -17.51 -15.77
C ASN C 126 47.43 -16.87 -15.29
N GLY C 127 46.66 -16.33 -16.22
CA GLY C 127 45.41 -15.67 -15.87
C GLY C 127 44.17 -16.30 -16.49
N PRO C 128 42.97 -15.78 -16.18
CA PRO C 128 41.72 -16.31 -16.73
C PRO C 128 41.39 -15.80 -18.13
N ASP C 129 40.39 -16.42 -18.76
CA ASP C 129 39.94 -16.02 -20.07
C ASP C 129 38.86 -14.95 -19.91
N MET C 130 38.02 -15.09 -18.88
CA MET C 130 36.94 -14.14 -18.63
C MET C 130 36.74 -13.93 -17.14
N ILE C 131 36.20 -12.77 -16.79
CA ILE C 131 35.98 -12.44 -15.39
C ILE C 131 34.55 -12.02 -15.08
N VAL C 132 34.04 -12.51 -13.96
CA VAL C 132 32.70 -12.18 -13.49
C VAL C 132 32.99 -11.38 -12.22
N ASP C 133 32.70 -10.09 -12.26
CA ASP C 133 32.98 -9.22 -11.12
C ASP C 133 31.71 -8.63 -10.55
N ASP C 134 31.81 -8.20 -9.29
CA ASP C 134 30.68 -7.62 -8.59
C ASP C 134 31.28 -6.53 -7.70
N GLY C 135 31.47 -5.34 -8.27
CA GLY C 135 32.06 -4.26 -7.52
C GLY C 135 33.35 -3.82 -8.20
N GLY C 136 33.89 -4.69 -9.06
CA GLY C 136 35.09 -4.36 -9.80
C GLY C 136 36.43 -4.58 -9.10
N ASP C 137 36.44 -5.26 -7.96
CA ASP C 137 37.69 -5.51 -7.25
C ASP C 137 38.70 -6.35 -8.05
N ALA C 138 38.24 -7.40 -8.71
CA ALA C 138 39.14 -8.24 -9.50
C ALA C 138 39.64 -7.42 -10.69
N THR C 139 38.74 -6.66 -11.29
CA THR C 139 39.10 -5.81 -12.43
C THR C 139 40.10 -4.75 -11.99
N LEU C 140 39.89 -4.21 -10.79
CA LEU C 140 40.77 -3.19 -10.24
C LEU C 140 42.19 -3.71 -10.06
N LEU C 141 42.31 -4.85 -9.37
CA LEU C 141 43.60 -5.48 -9.12
C LEU C 141 44.38 -5.65 -10.43
N VAL C 142 43.69 -6.08 -11.47
CA VAL C 142 44.38 -6.29 -12.74
C VAL C 142 44.85 -4.96 -13.34
N HIS C 143 43.96 -3.97 -13.41
CA HIS C 143 44.33 -2.67 -13.97
C HIS C 143 45.39 -1.96 -13.15
N LYS C 144 45.27 -2.00 -11.83
CA LYS C 144 46.26 -1.34 -10.99
C LYS C 144 47.59 -2.09 -11.06
N GLY C 145 47.50 -3.42 -11.16
CA GLY C 145 48.70 -4.23 -11.26
C GLY C 145 49.50 -3.83 -12.49
N VAL C 146 48.80 -3.70 -13.61
CA VAL C 146 49.44 -3.33 -14.86
C VAL C 146 49.98 -1.90 -14.79
N GLU C 147 49.25 -1.05 -14.10
CA GLU C 147 49.64 0.35 -13.95
C GLU C 147 50.93 0.48 -13.14
N TYR C 148 50.97 -0.17 -11.97
CA TYR C 148 52.15 -0.11 -11.12
C TYR C 148 53.34 -0.88 -11.69
N GLU C 149 53.10 -1.91 -12.49
CA GLU C 149 54.18 -2.68 -13.07
C GLU C 149 54.91 -1.80 -14.07
N LYS C 150 54.16 -0.94 -14.75
CA LYS C 150 54.80 -0.05 -15.72
C LYS C 150 55.56 1.07 -15.01
N LEU C 151 55.02 1.54 -13.90
CA LEU C 151 55.64 2.59 -13.12
C LEU C 151 56.96 2.10 -12.55
N TYR C 152 57.02 0.82 -12.21
CA TYR C 152 58.23 0.21 -11.66
C TYR C 152 59.26 -0.04 -12.74
N GLU C 153 58.79 -0.38 -13.94
CA GLU C 153 59.67 -0.64 -15.06
C GLU C 153 60.22 0.65 -15.68
N GLU C 154 59.81 1.80 -15.16
CA GLU C 154 60.27 3.08 -15.70
C GLU C 154 60.97 3.97 -14.67
N LYS C 155 60.37 4.11 -13.49
CA LYS C 155 60.94 4.94 -12.43
C LYS C 155 61.42 4.08 -11.27
N ASN C 156 61.26 2.76 -11.40
CA ASN C 156 61.66 1.81 -10.37
C ASN C 156 60.96 2.15 -9.06
N ILE C 157 59.72 2.60 -9.17
CA ILE C 157 58.95 2.99 -7.99
C ILE C 157 57.89 1.94 -7.63
N LEU C 158 57.79 1.63 -6.35
CA LEU C 158 56.84 0.64 -5.87
C LEU C 158 55.68 1.27 -5.11
N PRO C 159 54.51 0.62 -5.14
CA PRO C 159 53.33 1.16 -4.43
C PRO C 159 53.55 1.04 -2.92
N ASP C 160 53.69 2.17 -2.24
CA ASP C 160 53.92 2.14 -0.79
C ASP C 160 52.62 2.18 0.02
N PRO C 161 52.40 1.15 0.85
CA PRO C 161 51.20 1.09 1.68
C PRO C 161 51.21 2.18 2.74
N GLU C 162 52.23 3.04 2.69
CA GLU C 162 52.37 4.14 3.63
C GLU C 162 51.28 5.15 3.33
N LYS C 163 51.13 5.47 2.04
CA LYS C 163 50.13 6.42 1.56
C LYS C 163 48.75 5.81 1.59
N ALA C 164 48.54 4.84 2.49
CA ALA C 164 47.26 4.18 2.61
C ALA C 164 46.20 5.10 3.21
N LYS C 165 45.24 5.49 2.38
CA LYS C 165 44.14 6.37 2.79
C LYS C 165 43.05 5.53 3.45
N ASN C 166 43.37 4.27 3.74
CA ASN C 166 42.43 3.34 4.35
C ASN C 166 43.11 2.01 4.66
N GLU C 167 42.56 1.29 5.63
CA GLU C 167 43.12 -0.01 6.03
C GLU C 167 43.05 -1.02 4.89
N GLU C 168 41.91 -1.08 4.21
CA GLU C 168 41.73 -2.01 3.12
C GLU C 168 42.64 -1.65 1.95
N GLU C 169 42.93 -0.37 1.78
CA GLU C 169 43.79 0.07 0.68
C GLU C 169 45.24 -0.29 1.01
N ARG C 170 45.55 -0.32 2.30
CA ARG C 170 46.90 -0.67 2.73
C ARG C 170 47.20 -2.10 2.32
N CYS C 171 46.27 -3.01 2.59
CA CYS C 171 46.46 -4.42 2.23
C CYS C 171 46.52 -4.58 0.73
N PHE C 172 45.78 -3.73 0.02
CA PHE C 172 45.73 -3.79 -1.43
C PHE C 172 47.07 -3.40 -2.03
N LEU C 173 47.62 -2.30 -1.52
CA LEU C 173 48.91 -1.82 -2.00
C LEU C 173 50.02 -2.78 -1.57
N THR C 174 49.85 -3.38 -0.39
CA THR C 174 50.84 -4.33 0.10
C THR C 174 50.87 -5.52 -0.85
N LEU C 175 49.69 -6.03 -1.20
CA LEU C 175 49.56 -7.17 -2.10
C LEU C 175 50.20 -6.86 -3.46
N LEU C 176 50.01 -5.65 -3.95
CA LEU C 176 50.57 -5.26 -5.24
C LEU C 176 52.06 -5.08 -5.17
N LYS C 177 52.55 -4.54 -4.06
CA LYS C 177 53.98 -4.35 -3.90
C LYS C 177 54.69 -5.71 -3.90
N ASN C 178 54.18 -6.65 -3.09
CA ASN C 178 54.78 -7.97 -3.02
C ASN C 178 54.66 -8.71 -4.33
N SER C 179 53.58 -8.44 -5.05
CA SER C 179 53.34 -9.09 -6.32
C SER C 179 54.41 -8.69 -7.33
N ILE C 180 54.71 -7.39 -7.38
CA ILE C 180 55.71 -6.85 -8.30
C ILE C 180 57.13 -7.26 -7.94
N LEU C 181 57.41 -7.39 -6.64
CA LEU C 181 58.73 -7.80 -6.19
C LEU C 181 58.95 -9.28 -6.43
N LYS C 182 57.91 -9.97 -6.86
CA LYS C 182 58.01 -11.40 -7.12
C LYS C 182 58.01 -11.64 -8.63
N ASN C 183 57.23 -10.85 -9.36
CA ASN C 183 57.13 -10.94 -10.81
C ASN C 183 56.54 -9.63 -11.33
N PRO C 184 57.41 -8.67 -11.68
CA PRO C 184 57.02 -7.36 -12.19
C PRO C 184 56.30 -7.32 -13.54
N LYS C 185 55.91 -8.49 -14.04
CA LYS C 185 55.21 -8.54 -15.32
C LYS C 185 53.99 -9.46 -15.26
N LYS C 186 53.70 -9.95 -14.06
CA LYS C 186 52.58 -10.85 -13.86
C LYS C 186 51.27 -10.31 -14.43
N TRP C 187 50.82 -9.16 -13.94
CA TRP C 187 49.55 -8.59 -14.39
C TRP C 187 49.52 -8.10 -15.83
N THR C 188 50.66 -7.60 -16.29
CA THR C 188 50.74 -7.11 -17.66
C THR C 188 50.50 -8.27 -18.62
N ASN C 189 51.07 -9.42 -18.31
CA ASN C 189 50.89 -10.61 -19.16
C ASN C 189 49.51 -11.22 -19.05
N ILE C 190 48.95 -11.20 -17.85
CA ILE C 190 47.60 -11.72 -17.63
C ILE C 190 46.56 -10.87 -18.36
N ALA C 191 46.60 -9.56 -18.15
CA ALA C 191 45.64 -8.65 -18.79
C ALA C 191 45.56 -8.83 -20.30
N LYS C 192 46.64 -9.27 -20.92
CA LYS C 192 46.66 -9.45 -22.36
C LYS C 192 45.85 -10.64 -22.87
N LYS C 193 45.57 -11.61 -21.99
CA LYS C 193 44.83 -12.79 -22.40
C LYS C 193 43.35 -12.73 -22.00
N ILE C 194 42.97 -11.72 -21.23
CA ILE C 194 41.58 -11.59 -20.79
C ILE C 194 40.65 -11.15 -21.92
N ILE C 195 39.66 -12.00 -22.22
CA ILE C 195 38.70 -11.71 -23.28
C ILE C 195 37.79 -10.55 -22.87
N GLY C 196 37.35 -10.58 -21.62
CA GLY C 196 36.47 -9.53 -21.13
C GLY C 196 35.95 -9.80 -19.74
N VAL C 197 35.23 -8.84 -19.20
CA VAL C 197 34.66 -8.97 -17.87
C VAL C 197 33.21 -8.48 -17.93
N SER C 198 32.40 -9.00 -17.03
CA SER C 198 31.01 -8.58 -16.97
C SER C 198 30.75 -8.11 -15.55
N GLU C 199 30.37 -6.83 -15.42
CA GLU C 199 30.10 -6.17 -14.13
C GLU C 199 28.64 -6.29 -13.71
N GLU C 200 28.46 -6.71 -12.46
CA GLU C 200 27.15 -6.94 -11.86
C GLU C 200 26.48 -5.75 -11.18
N THR C 201 27.26 -4.90 -10.51
CA THR C 201 26.67 -3.79 -9.77
C THR C 201 26.97 -2.37 -10.25
N THR C 202 26.10 -1.44 -9.85
CA THR C 202 26.20 -0.03 -10.21
C THR C 202 27.56 0.56 -9.89
N THR C 203 28.09 0.24 -8.72
CA THR C 203 29.39 0.74 -8.32
C THR C 203 30.50 0.25 -9.24
N GLY C 204 30.45 -1.03 -9.61
CA GLY C 204 31.46 -1.57 -10.49
C GLY C 204 31.40 -0.91 -11.86
N VAL C 205 30.19 -0.63 -12.33
CA VAL C 205 29.99 0.00 -13.64
C VAL C 205 30.53 1.42 -13.62
N LEU C 206 30.33 2.11 -12.50
CA LEU C 206 30.83 3.47 -12.38
C LEU C 206 32.35 3.44 -12.55
N ARG C 207 33.01 2.44 -11.97
CA ARG C 207 34.46 2.32 -12.08
C ARG C 207 34.90 2.07 -13.52
N LEU C 208 34.18 1.20 -14.22
CA LEU C 208 34.49 0.88 -15.59
C LEU C 208 34.31 2.06 -16.50
N LYS C 209 33.21 2.79 -16.30
CA LYS C 209 32.93 3.96 -17.13
C LYS C 209 34.03 4.99 -16.97
N LYS C 210 34.52 5.19 -15.76
CA LYS C 210 35.59 6.17 -15.56
C LYS C 210 36.89 5.72 -16.23
N MET C 211 37.18 4.43 -16.21
CA MET C 211 38.38 3.93 -16.87
C MET C 211 38.24 4.04 -18.37
N ASP C 212 37.06 3.68 -18.88
CA ASP C 212 36.79 3.74 -20.31
C ASP C 212 36.80 5.17 -20.80
N LYS C 213 36.42 6.10 -19.93
CA LYS C 213 36.39 7.51 -20.28
C LYS C 213 37.81 8.00 -20.50
N GLN C 214 38.74 7.51 -19.69
CA GLN C 214 40.14 7.90 -19.80
C GLN C 214 40.96 6.89 -20.61
N ASN C 215 40.26 6.04 -21.34
CA ASN C 215 40.88 5.00 -22.15
C ASN C 215 41.90 4.15 -21.37
N GLU C 216 41.48 3.64 -20.22
CA GLU C 216 42.33 2.81 -19.38
C GLU C 216 41.93 1.34 -19.43
N LEU C 217 40.76 1.05 -20.02
CA LEU C 217 40.29 -0.33 -20.13
C LEU C 217 41.24 -1.19 -20.94
N LEU C 218 41.66 -2.31 -20.35
CA LEU C 218 42.57 -3.22 -21.02
C LEU C 218 41.84 -4.30 -21.79
N PHE C 219 40.55 -4.47 -21.51
CA PHE C 219 39.76 -5.48 -22.18
C PHE C 219 38.28 -5.13 -22.17
N THR C 220 37.49 -5.87 -22.93
CA THR C 220 36.05 -5.65 -23.03
C THR C 220 35.36 -5.77 -21.69
N ALA C 221 34.35 -4.94 -21.49
CA ALA C 221 33.59 -4.99 -20.25
C ALA C 221 32.12 -4.94 -20.58
N ILE C 222 31.35 -5.88 -20.04
CA ILE C 222 29.93 -5.88 -20.30
C ILE C 222 29.19 -5.36 -19.09
N ASN C 223 28.33 -4.39 -19.31
CA ASN C 223 27.55 -3.76 -18.25
C ASN C 223 26.27 -4.56 -18.03
N VAL C 224 26.35 -5.54 -17.13
CA VAL C 224 25.21 -6.38 -16.81
C VAL C 224 24.21 -5.66 -15.92
N ASN C 225 24.72 -4.77 -15.08
CA ASN C 225 23.86 -4.02 -14.19
C ASN C 225 22.84 -3.13 -14.91
N ASP C 226 23.18 -2.59 -16.07
CA ASP C 226 22.24 -1.72 -16.78
C ASP C 226 21.23 -2.49 -17.63
N ALA C 227 21.22 -3.81 -17.55
CA ALA C 227 20.23 -4.60 -18.28
C ALA C 227 18.90 -4.37 -17.56
N VAL C 228 17.82 -4.19 -18.31
CA VAL C 228 16.51 -3.96 -17.71
C VAL C 228 16.13 -5.01 -16.67
N THR C 229 16.22 -6.29 -17.06
CA THR C 229 15.86 -7.39 -16.17
C THR C 229 16.80 -7.54 -15.00
N LYS C 230 17.68 -6.59 -14.82
CA LYS C 230 18.60 -6.65 -13.70
C LYS C 230 18.39 -5.43 -12.81
N GLN C 231 18.63 -4.23 -13.32
CA GLN C 231 18.46 -3.03 -12.51
C GLN C 231 17.01 -2.82 -12.05
N LYS C 232 16.04 -3.21 -12.87
CA LYS C 232 14.63 -3.05 -12.52
C LYS C 232 14.05 -4.15 -11.62
N TYR C 233 14.71 -5.30 -11.59
CA TYR C 233 14.25 -6.42 -10.79
C TYR C 233 15.14 -6.63 -9.55
N ASP C 234 16.40 -6.93 -9.80
CA ASP C 234 17.41 -7.15 -8.76
C ASP C 234 17.48 -5.97 -7.80
N ASN C 235 17.91 -4.82 -8.31
CA ASN C 235 18.06 -3.64 -7.49
C ASN C 235 16.79 -3.16 -6.79
N VAL C 236 15.62 -3.46 -7.35
CA VAL C 236 14.38 -3.02 -6.73
C VAL C 236 13.73 -4.07 -5.83
N TYR C 237 13.24 -5.14 -6.45
CA TYR C 237 12.57 -6.22 -5.73
C TYR C 237 13.49 -6.97 -4.79
N GLY C 238 14.76 -7.06 -5.15
CA GLY C 238 15.71 -7.76 -4.31
C GLY C 238 15.91 -7.03 -2.98
N CYS C 239 16.14 -5.73 -3.05
CA CYS C 239 16.36 -4.98 -1.82
C CYS C 239 15.08 -4.85 -1.04
N ARG C 240 13.95 -4.88 -1.73
CA ARG C 240 12.67 -4.80 -1.06
C ARG C 240 12.58 -5.99 -0.13
N HIS C 241 13.20 -7.10 -0.55
CA HIS C 241 13.21 -8.32 0.23
C HIS C 241 14.36 -8.38 1.26
N SER C 242 15.60 -8.23 0.83
CA SER C 242 16.71 -8.36 1.77
C SER C 242 16.99 -7.23 2.74
N LEU C 243 16.41 -6.05 2.55
CA LEU C 243 16.66 -4.97 3.52
C LEU C 243 15.97 -5.30 4.83
N PRO C 244 14.65 -5.50 4.80
CA PRO C 244 14.02 -5.81 6.08
C PRO C 244 14.54 -7.10 6.67
N ASP C 245 14.84 -8.08 5.82
CA ASP C 245 15.36 -9.35 6.30
C ASP C 245 16.67 -9.14 7.08
N GLY C 246 17.59 -8.36 6.53
CA GLY C 246 18.83 -8.10 7.22
C GLY C 246 18.60 -7.34 8.51
N LEU C 247 17.67 -6.39 8.49
CA LEU C 247 17.38 -5.59 9.66
C LEU C 247 16.80 -6.43 10.77
N MET C 248 15.89 -7.34 10.40
CA MET C 248 15.24 -8.20 11.40
C MET C 248 16.17 -9.23 12.02
N ARG C 249 17.04 -9.84 11.21
CA ARG C 249 17.95 -10.83 11.77
C ARG C 249 18.99 -10.18 12.66
N ALA C 250 19.44 -9.00 12.23
CA ALA C 250 20.46 -8.28 12.98
C ALA C 250 20.00 -7.68 14.30
N THR C 251 18.79 -7.13 14.34
CA THR C 251 18.33 -6.45 15.55
C THR C 251 17.02 -6.94 16.15
N ASP C 252 16.18 -7.52 15.30
CA ASP C 252 14.85 -8.01 15.71
C ASP C 252 13.95 -6.86 16.12
N PHE C 253 14.33 -5.62 15.76
CA PHE C 253 13.53 -4.46 16.14
C PHE C 253 12.28 -4.31 15.27
N LEU C 254 11.29 -3.65 15.84
CA LEU C 254 10.04 -3.39 15.14
C LEU C 254 10.35 -2.31 14.10
N ILE C 255 9.75 -2.41 12.93
CA ILE C 255 9.96 -1.41 11.89
C ILE C 255 8.72 -0.50 11.77
N SER C 256 7.54 -1.07 11.95
CA SER C 256 6.30 -0.31 11.89
C SER C 256 6.29 0.81 12.90
N GLY C 257 5.87 1.99 12.46
CA GLY C 257 5.80 3.14 13.36
C GLY C 257 7.14 3.78 13.65
N LYS C 258 8.22 3.19 13.15
CA LYS C 258 9.54 3.74 13.38
C LYS C 258 9.93 4.72 12.29
N ILE C 259 10.84 5.64 12.61
CA ILE C 259 11.31 6.59 11.62
C ILE C 259 12.50 5.97 10.88
N VAL C 260 12.32 5.74 9.59
CA VAL C 260 13.35 5.15 8.76
C VAL C 260 13.87 6.21 7.80
N VAL C 261 15.19 6.41 7.79
CA VAL C 261 15.79 7.40 6.91
C VAL C 261 16.56 6.68 5.81
N ILE C 262 16.15 6.89 4.56
CA ILE C 262 16.81 6.26 3.41
C ILE C 262 17.56 7.35 2.63
N CYS C 263 18.87 7.20 2.47
CA CYS C 263 19.65 8.16 1.72
C CYS C 263 19.80 7.64 0.29
N GLY C 264 19.30 8.40 -0.67
CA GLY C 264 19.35 7.97 -2.06
C GLY C 264 18.03 7.33 -2.47
N TYR C 265 17.47 7.75 -3.58
CA TYR C 265 16.20 7.19 -4.04
C TYR C 265 16.32 6.76 -5.50
N GLY C 266 17.32 5.94 -5.77
CA GLY C 266 17.51 5.40 -7.10
C GLY C 266 16.88 4.03 -7.09
N ASP C 267 17.40 3.09 -7.86
CA ASP C 267 16.83 1.76 -7.88
C ASP C 267 16.78 1.06 -6.53
N VAL C 268 17.89 1.06 -5.79
CA VAL C 268 17.93 0.42 -4.48
C VAL C 268 17.07 1.17 -3.47
N GLY C 269 17.17 2.51 -3.47
CA GLY C 269 16.37 3.29 -2.55
C GLY C 269 14.88 3.06 -2.78
N LYS C 270 14.46 2.99 -4.04
CA LYS C 270 13.06 2.76 -4.33
C LYS C 270 12.59 1.41 -3.77
N GLY C 271 13.42 0.39 -3.89
CA GLY C 271 13.06 -0.92 -3.40
C GLY C 271 13.01 -0.93 -1.88
N CYS C 272 14.03 -0.34 -1.25
CA CYS C 272 14.07 -0.28 0.20
C CYS C 272 12.89 0.46 0.76
N ALA C 273 12.60 1.63 0.19
CA ALA C 273 11.48 2.41 0.68
C ALA C 273 10.15 1.67 0.53
N SER C 274 9.97 0.94 -0.57
CA SER C 274 8.70 0.23 -0.77
C SER C 274 8.45 -0.80 0.33
N SER C 275 9.48 -1.54 0.74
CA SER C 275 9.26 -2.53 1.78
C SER C 275 9.02 -1.84 3.13
N MET C 276 9.76 -0.78 3.43
CA MET C 276 9.56 -0.07 4.69
C MET C 276 8.17 0.54 4.77
N LYS C 277 7.65 1.02 3.64
CA LYS C 277 6.33 1.61 3.62
C LYS C 277 5.26 0.55 3.88
N GLY C 278 5.42 -0.61 3.25
CA GLY C 278 4.46 -1.69 3.41
C GLY C 278 4.37 -2.23 4.83
N LEU C 279 5.44 -2.11 5.60
CA LEU C 279 5.46 -2.56 6.98
C LEU C 279 4.81 -1.55 7.91
N GLY C 280 4.71 -0.30 7.45
CA GLY C 280 4.11 0.74 8.27
C GLY C 280 5.10 1.69 8.92
N ALA C 281 6.29 1.81 8.36
CA ALA C 281 7.28 2.72 8.89
C ALA C 281 7.06 4.13 8.34
N ARG C 282 7.64 5.13 9.01
CA ARG C 282 7.55 6.51 8.54
C ARG C 282 8.85 6.77 7.79
N VAL C 283 8.75 6.79 6.46
CA VAL C 283 9.91 6.96 5.62
C VAL C 283 10.30 8.41 5.31
N TYR C 284 11.60 8.66 5.41
CA TYR C 284 12.19 9.96 5.11
C TYR C 284 13.27 9.67 4.10
N ILE C 285 13.34 10.48 3.06
CA ILE C 285 14.31 10.26 2.00
C ILE C 285 15.23 11.47 1.86
N THR C 286 16.49 11.23 1.53
CA THR C 286 17.42 12.33 1.28
C THR C 286 17.82 12.12 -0.18
N GLU C 287 18.04 13.20 -0.92
CA GLU C 287 18.42 13.07 -2.32
C GLU C 287 19.16 14.31 -2.79
N ILE C 288 19.96 14.13 -3.83
CA ILE C 288 20.71 15.22 -4.45
C ILE C 288 20.10 15.48 -5.83
N ASP C 289 19.39 14.49 -6.37
CA ASP C 289 18.79 14.60 -7.70
C ASP C 289 17.32 15.03 -7.56
N PRO C 290 16.96 16.20 -8.11
CA PRO C 290 15.58 16.71 -8.02
C PRO C 290 14.51 15.81 -8.64
N ILE C 291 14.86 15.09 -9.69
CA ILE C 291 13.90 14.21 -10.33
C ILE C 291 13.51 13.05 -9.40
N CYS C 292 14.52 12.44 -8.78
CA CYS C 292 14.28 11.35 -7.85
C CYS C 292 13.54 11.85 -6.61
N ALA C 293 13.84 13.07 -6.18
CA ALA C 293 13.18 13.62 -5.00
C ALA C 293 11.68 13.76 -5.19
N ILE C 294 11.26 14.17 -6.38
CA ILE C 294 9.84 14.32 -6.64
C ILE C 294 9.20 12.95 -6.67
N GLN C 295 9.89 11.96 -7.22
CA GLN C 295 9.32 10.61 -7.23
C GLN C 295 9.05 10.17 -5.79
N ALA C 296 9.98 10.50 -4.89
CA ALA C 296 9.86 10.13 -3.49
C ALA C 296 8.68 10.82 -2.82
N VAL C 297 8.49 12.10 -3.12
CA VAL C 297 7.40 12.84 -2.53
C VAL C 297 6.06 12.30 -3.02
N MET C 298 6.00 11.94 -4.30
CA MET C 298 4.76 11.41 -4.88
C MET C 298 4.36 10.05 -4.32
N GLU C 299 5.23 9.40 -3.56
CA GLU C 299 4.90 8.11 -2.95
C GLU C 299 4.51 8.31 -1.49
N GLY C 300 4.43 9.57 -1.07
CA GLY C 300 4.04 9.88 0.29
C GLY C 300 5.18 10.00 1.28
N PHE C 301 6.41 10.03 0.77
CA PHE C 301 7.60 10.11 1.59
C PHE C 301 8.02 11.55 1.82
N ASN C 302 8.66 11.82 2.94
CA ASN C 302 9.11 13.18 3.21
C ASN C 302 10.58 13.32 2.83
N VAL C 303 10.88 14.21 1.89
CA VAL C 303 12.25 14.44 1.45
C VAL C 303 12.87 15.54 2.33
N VAL C 304 14.00 15.23 2.95
CA VAL C 304 14.69 16.17 3.84
C VAL C 304 16.21 15.98 3.78
N THR C 305 16.93 16.86 4.46
CA THR C 305 18.38 16.74 4.52
C THR C 305 18.62 15.96 5.80
N LEU C 306 19.72 15.22 5.85
CA LEU C 306 20.04 14.41 7.01
C LEU C 306 20.04 15.24 8.29
N ASP C 307 20.65 16.42 8.25
CA ASP C 307 20.73 17.32 9.40
C ASP C 307 19.37 17.58 10.04
N GLU C 308 18.32 17.55 9.21
CA GLU C 308 16.97 17.78 9.67
C GLU C 308 16.33 16.61 10.43
N ILE C 309 16.74 15.38 10.14
CA ILE C 309 16.11 14.23 10.79
C ILE C 309 17.03 13.35 11.63
N VAL C 310 18.34 13.59 11.54
CA VAL C 310 19.33 12.78 12.24
C VAL C 310 19.12 12.65 13.75
N ASP C 311 18.33 13.54 14.34
CA ASP C 311 18.08 13.49 15.78
C ASP C 311 16.96 12.56 16.22
N LYS C 312 15.98 12.30 15.34
CA LYS C 312 14.88 11.44 15.71
C LYS C 312 14.87 10.10 14.99
N GLY C 313 15.75 9.95 14.00
CA GLY C 313 15.80 8.72 13.23
C GLY C 313 16.08 7.44 13.99
N ASP C 314 15.33 6.39 13.69
CA ASP C 314 15.49 5.10 14.34
C ASP C 314 16.40 4.21 13.50
N PHE C 315 16.23 4.28 12.18
CA PHE C 315 17.03 3.51 11.23
C PHE C 315 17.57 4.44 10.16
N PHE C 316 18.83 4.27 9.80
CA PHE C 316 19.49 5.07 8.77
C PHE C 316 20.10 4.09 7.80
N ILE C 317 19.58 4.09 6.57
CA ILE C 317 20.10 3.20 5.54
C ILE C 317 20.59 4.01 4.36
N THR C 318 21.84 3.78 3.95
CA THR C 318 22.42 4.49 2.82
C THR C 318 22.33 3.62 1.56
N CYS C 319 21.83 4.19 0.46
CA CYS C 319 21.71 3.47 -0.82
C CYS C 319 22.17 4.40 -1.93
N THR C 320 23.21 5.20 -1.70
CA THR C 320 23.65 6.16 -2.69
C THR C 320 24.76 5.72 -3.63
N GLY C 321 25.59 4.80 -3.18
CA GLY C 321 26.71 4.38 -3.99
C GLY C 321 27.71 5.53 -4.07
N ASN C 322 27.64 6.44 -3.10
CA ASN C 322 28.52 7.62 -3.04
C ASN C 322 29.41 7.52 -1.79
N VAL C 323 30.16 8.57 -1.50
CA VAL C 323 31.03 8.56 -0.32
C VAL C 323 30.65 9.64 0.70
N ASP C 324 30.94 9.36 1.97
CA ASP C 324 30.67 10.29 3.05
C ASP C 324 29.24 10.82 3.09
N VAL C 325 28.27 9.93 2.98
CA VAL C 325 26.89 10.35 3.03
C VAL C 325 26.53 10.59 4.50
N ILE C 326 26.90 9.67 5.37
CA ILE C 326 26.64 9.87 6.78
C ILE C 326 27.99 10.09 7.47
N LYS C 327 28.30 11.34 7.75
CA LYS C 327 29.57 11.71 8.36
C LYS C 327 29.60 11.50 9.86
N LEU C 328 30.79 11.62 10.42
CA LEU C 328 30.99 11.47 11.85
C LEU C 328 30.08 12.44 12.63
N GLU C 329 30.03 13.69 12.19
CA GLU C 329 29.19 14.67 12.86
C GLU C 329 27.72 14.26 12.90
N HIS C 330 27.30 13.42 11.96
CA HIS C 330 25.91 12.95 11.96
C HIS C 330 25.74 11.85 12.99
N LEU C 331 26.63 10.86 12.95
CA LEU C 331 26.58 9.74 13.88
C LEU C 331 26.57 10.21 15.33
N LEU C 332 27.40 11.21 15.65
CA LEU C 332 27.47 11.72 17.00
C LEU C 332 26.19 12.35 17.50
N LYS C 333 25.27 12.65 16.59
CA LYS C 333 24.00 13.28 17.00
C LYS C 333 22.79 12.34 17.09
N MET C 334 23.01 11.07 16.74
CA MET C 334 21.93 10.09 16.77
C MET C 334 21.41 9.74 18.14
N LYS C 335 20.14 9.38 18.19
CA LYS C 335 19.46 8.99 19.43
C LYS C 335 19.95 7.64 19.93
N ASN C 336 19.57 7.31 21.15
CA ASN C 336 19.99 6.05 21.72
C ASN C 336 19.26 4.88 21.05
N ASN C 337 20.01 3.83 20.73
CA ASN C 337 19.48 2.62 20.09
C ASN C 337 19.19 2.80 18.59
N ALA C 338 19.69 3.89 18.01
CA ALA C 338 19.51 4.14 16.58
C ALA C 338 20.29 3.07 15.82
N VAL C 339 19.77 2.62 14.69
CA VAL C 339 20.47 1.60 13.91
C VAL C 339 21.01 2.23 12.64
N VAL C 340 22.26 1.92 12.32
CA VAL C 340 22.90 2.45 11.13
C VAL C 340 23.45 1.34 10.26
N GLY C 341 23.10 1.35 8.98
CA GLY C 341 23.58 0.33 8.07
C GLY C 341 23.73 0.88 6.66
N ASN C 342 24.58 0.22 5.88
CA ASN C 342 24.84 0.62 4.51
C ASN C 342 24.43 -0.52 3.58
N ILE C 343 23.73 -0.21 2.51
CA ILE C 343 23.35 -1.25 1.59
C ILE C 343 23.84 -0.89 0.19
N GLY C 344 24.67 0.15 0.14
CA GLY C 344 25.22 0.61 -1.12
C GLY C 344 26.55 -0.06 -1.47
N HIS C 345 27.64 0.70 -1.42
CA HIS C 345 28.92 0.10 -1.76
C HIS C 345 29.96 0.17 -0.65
N PHE C 346 30.78 -0.86 -0.60
CA PHE C 346 31.86 -0.97 0.37
C PHE C 346 31.49 -0.43 1.75
N ASP C 347 32.33 0.41 2.31
CA ASP C 347 32.08 0.99 3.62
C ASP C 347 32.38 2.48 3.58
N ASP C 348 32.25 3.08 2.40
CA ASP C 348 32.52 4.49 2.22
C ASP C 348 31.32 5.40 2.49
N GLU C 349 30.11 4.90 2.26
CA GLU C 349 28.91 5.70 2.47
C GLU C 349 28.80 6.23 3.90
N ILE C 350 29.15 5.40 4.87
CA ILE C 350 29.10 5.80 6.27
C ILE C 350 30.51 5.82 6.84
N GLN C 351 30.85 6.88 7.57
CA GLN C 351 32.20 6.99 8.14
C GLN C 351 32.38 6.14 9.40
N VAL C 352 32.16 4.83 9.25
CA VAL C 352 32.29 3.91 10.38
C VAL C 352 33.70 3.96 10.94
N ASN C 353 34.70 4.04 10.06
CA ASN C 353 36.09 4.09 10.48
C ASN C 353 36.35 5.32 11.35
N GLU C 354 35.94 6.49 10.88
CA GLU C 354 36.14 7.69 11.67
C GLU C 354 35.52 7.54 13.05
N LEU C 355 34.31 6.99 13.10
CA LEU C 355 33.61 6.79 14.37
C LEU C 355 34.32 5.79 15.27
N PHE C 356 34.77 4.68 14.69
CA PHE C 356 35.44 3.65 15.45
C PHE C 356 36.78 4.11 16.03
N ASN C 357 37.39 5.10 15.39
CA ASN C 357 38.67 5.64 15.84
C ASN C 357 38.55 6.99 16.51
N TYR C 358 37.33 7.35 16.88
CA TYR C 358 37.08 8.63 17.53
C TYR C 358 37.42 8.51 19.02
N LYS C 359 37.95 9.59 19.58
CA LYS C 359 38.33 9.63 21.00
C LYS C 359 37.13 9.49 21.94
N GLY C 360 37.21 8.52 22.85
CA GLY C 360 36.13 8.31 23.81
C GLY C 360 35.00 7.41 23.34
N ILE C 361 35.25 6.67 22.26
CA ILE C 361 34.23 5.78 21.72
C ILE C 361 34.44 4.35 22.18
N HIS C 362 33.38 3.73 22.66
CA HIS C 362 33.44 2.35 23.13
C HIS C 362 32.72 1.43 22.15
N ILE C 363 33.42 0.43 21.64
CA ILE C 363 32.82 -0.52 20.71
C ILE C 363 32.57 -1.85 21.41
N GLU C 364 31.33 -2.29 21.36
CA GLU C 364 30.95 -3.54 22.01
C GLU C 364 30.24 -4.45 20.99
N ASN C 365 30.80 -5.63 20.75
CA ASN C 365 30.22 -6.57 19.81
C ASN C 365 29.01 -7.27 20.41
N VAL C 366 27.88 -7.19 19.70
CA VAL C 366 26.64 -7.81 20.17
C VAL C 366 26.54 -9.23 19.61
N LYS C 367 26.85 -9.38 18.33
CA LYS C 367 26.81 -10.66 17.67
C LYS C 367 27.53 -10.44 16.34
N PRO C 368 27.71 -11.50 15.55
CA PRO C 368 28.39 -11.38 14.26
C PRO C 368 27.78 -10.27 13.38
N GLN C 369 28.64 -9.37 12.91
CA GLN C 369 28.25 -8.25 12.06
C GLN C 369 27.37 -7.24 12.74
N VAL C 370 27.29 -7.30 14.07
CA VAL C 370 26.47 -6.34 14.79
C VAL C 370 27.22 -5.79 15.98
N ASP C 371 27.50 -4.49 15.95
CA ASP C 371 28.23 -3.83 17.04
C ASP C 371 27.45 -2.69 17.67
N ARG C 372 27.71 -2.49 18.96
CA ARG C 372 27.08 -1.41 19.69
C ARG C 372 28.14 -0.38 20.09
N ILE C 373 27.95 0.84 19.63
CA ILE C 373 28.89 1.92 19.90
C ILE C 373 28.35 2.91 20.92
N THR C 374 29.17 3.21 21.92
CA THR C 374 28.77 4.16 22.94
C THR C 374 29.34 5.50 22.55
N LEU C 375 28.45 6.45 22.28
CA LEU C 375 28.87 7.78 21.88
C LEU C 375 29.34 8.57 23.09
N PRO C 376 30.13 9.63 22.87
CA PRO C 376 30.66 10.48 23.94
C PRO C 376 29.59 10.97 24.92
N ASN C 377 28.38 11.21 24.43
CA ASN C 377 27.28 11.69 25.29
C ASN C 377 26.56 10.55 26.01
N GLY C 378 27.02 9.33 25.80
CA GLY C 378 26.37 8.20 26.45
C GLY C 378 25.42 7.38 25.60
N ASN C 379 24.95 7.94 24.50
CA ASN C 379 24.03 7.21 23.63
C ASN C 379 24.71 6.01 23.00
N LYS C 380 23.97 4.90 22.94
CA LYS C 380 24.50 3.69 22.34
C LYS C 380 23.78 3.41 21.02
N ILE C 381 24.51 3.41 19.92
CA ILE C 381 23.91 3.16 18.63
C ILE C 381 24.36 1.82 18.09
N ILE C 382 23.61 1.29 17.13
CA ILE C 382 23.93 0.01 16.54
C ILE C 382 24.41 0.17 15.10
N VAL C 383 25.55 -0.44 14.80
CA VAL C 383 26.16 -0.39 13.49
C VAL C 383 26.20 -1.79 12.91
N LEU C 384 25.70 -1.93 11.70
CA LEU C 384 25.65 -3.24 11.04
C LEU C 384 26.80 -3.50 10.08
N ALA C 385 27.38 -4.70 10.17
CA ALA C 385 28.46 -5.13 9.28
C ALA C 385 29.56 -4.11 9.10
N ARG C 386 29.80 -3.32 10.14
CA ARG C 386 30.82 -2.27 10.11
C ARG C 386 30.74 -1.42 8.85
N GLY C 387 29.53 -1.05 8.46
CA GLY C 387 29.36 -0.23 7.29
C GLY C 387 29.38 -0.94 5.94
N ARG C 388 29.39 -2.26 5.94
CA ARG C 388 29.37 -3.01 4.68
C ARG C 388 27.96 -3.51 4.42
N LEU C 389 27.71 -4.06 3.22
CA LEU C 389 26.38 -4.56 2.84
C LEU C 389 25.68 -5.30 3.97
N LEU C 390 24.63 -4.68 4.51
CA LEU C 390 23.90 -5.28 5.62
C LEU C 390 23.03 -6.45 5.20
N ASN C 391 22.45 -6.38 4.00
CA ASN C 391 21.60 -7.48 3.56
C ASN C 391 22.39 -8.76 3.33
N LEU C 392 23.64 -8.65 2.89
CA LEU C 392 24.48 -9.82 2.65
C LEU C 392 25.31 -10.19 3.87
N GLY C 393 25.50 -9.23 4.78
CA GLY C 393 26.29 -9.51 5.96
C GLY C 393 25.47 -10.02 7.13
N CYS C 394 24.29 -9.46 7.32
CA CYS C 394 23.42 -9.85 8.42
C CYS C 394 22.35 -10.83 7.97
N ALA C 395 22.22 -11.05 6.68
CA ALA C 395 21.23 -11.97 6.15
C ALA C 395 21.83 -12.78 5.00
N THR C 396 21.00 -13.21 4.05
CA THR C 396 21.46 -14.02 2.93
C THR C 396 21.31 -13.34 1.57
N GLY C 397 21.27 -12.02 1.56
CA GLY C 397 21.11 -11.29 0.32
C GLY C 397 19.79 -11.57 -0.35
N HIS C 398 19.71 -11.21 -1.63
CA HIS C 398 18.50 -11.41 -2.40
C HIS C 398 18.06 -12.86 -2.49
N PRO C 399 16.75 -13.09 -2.64
CA PRO C 399 16.24 -14.46 -2.76
C PRO C 399 16.62 -15.04 -4.13
N ALA C 400 16.70 -16.35 -4.20
CA ALA C 400 17.08 -17.03 -5.42
C ALA C 400 16.31 -16.59 -6.65
N PHE C 401 15.00 -16.39 -6.50
CA PHE C 401 14.21 -16.01 -7.66
C PHE C 401 14.67 -14.67 -8.31
N VAL C 402 15.09 -13.72 -7.49
CA VAL C 402 15.57 -12.43 -8.00
C VAL C 402 16.94 -12.59 -8.65
N MET C 403 17.84 -13.30 -7.98
CA MET C 403 19.19 -13.55 -8.49
C MET C 403 19.17 -14.34 -9.78
N SER C 404 18.07 -15.02 -10.04
CA SER C 404 17.94 -15.80 -11.28
C SER C 404 17.99 -14.85 -12.48
N PHE C 405 17.36 -13.68 -12.36
CA PHE C 405 17.39 -12.72 -13.46
C PHE C 405 18.80 -12.22 -13.69
N SER C 406 19.46 -11.83 -12.61
CA SER C 406 20.82 -11.30 -12.68
C SER C 406 21.79 -12.32 -13.23
N PHE C 407 21.74 -13.54 -12.70
CA PHE C 407 22.66 -14.56 -13.15
C PHE C 407 22.38 -15.07 -14.56
N CYS C 408 21.17 -14.83 -15.06
CA CYS C 408 20.88 -15.22 -16.43
C CYS C 408 21.60 -14.21 -17.32
N ASN C 409 21.55 -12.94 -16.96
CA ASN C 409 22.23 -11.92 -17.76
C ASN C 409 23.75 -12.12 -17.70
N GLN C 410 24.25 -12.56 -16.55
CA GLN C 410 25.69 -12.83 -16.36
C GLN C 410 26.13 -13.97 -17.27
N THR C 411 25.36 -15.04 -17.27
CA THR C 411 25.68 -16.20 -18.09
C THR C 411 25.68 -15.84 -19.58
N PHE C 412 24.68 -15.08 -20.02
CA PHE C 412 24.60 -14.68 -21.40
C PHE C 412 25.77 -13.77 -21.75
N ALA C 413 26.21 -12.99 -20.77
CA ALA C 413 27.33 -12.09 -20.99
C ALA C 413 28.61 -12.90 -21.21
N GLN C 414 28.80 -13.94 -20.40
CA GLN C 414 29.96 -14.81 -20.53
C GLN C 414 29.88 -15.59 -21.83
N LEU C 415 28.69 -16.05 -22.19
CA LEU C 415 28.52 -16.81 -23.42
C LEU C 415 28.85 -15.96 -24.63
N ASP C 416 28.30 -14.75 -24.69
CA ASP C 416 28.53 -13.86 -25.82
C ASP C 416 29.98 -13.42 -25.93
N LEU C 417 30.62 -13.22 -24.79
CA LEU C 417 32.01 -12.79 -24.75
C LEU C 417 32.90 -13.91 -25.27
N TRP C 418 32.65 -15.14 -24.83
CA TRP C 418 33.44 -16.29 -25.25
C TRP C 418 33.21 -16.71 -26.69
N GLN C 419 31.98 -16.59 -27.16
CA GLN C 419 31.65 -16.97 -28.53
C GLN C 419 32.16 -15.94 -29.55
N ASN C 420 32.52 -14.76 -29.09
CA ASN C 420 33.01 -13.72 -29.98
C ASN C 420 34.47 -13.37 -29.71
N LYS C 421 35.18 -14.28 -29.07
CA LYS C 421 36.58 -14.05 -28.74
C LYS C 421 37.48 -14.03 -29.96
N ASP C 422 37.07 -14.76 -31.00
CA ASP C 422 37.86 -14.80 -32.22
C ASP C 422 37.32 -13.80 -33.25
N THR C 423 36.43 -12.91 -32.83
CA THR C 423 35.89 -11.90 -33.72
C THR C 423 36.28 -10.52 -33.23
N ASN C 424 35.85 -9.49 -33.95
CA ASN C 424 36.15 -8.13 -33.55
C ASN C 424 34.86 -7.38 -33.23
N LYS C 425 33.95 -8.09 -32.57
CA LYS C 425 32.68 -7.52 -32.17
C LYS C 425 32.83 -6.62 -30.96
N TYR C 426 33.77 -6.96 -30.08
CA TYR C 426 34.00 -6.19 -28.87
C TYR C 426 35.41 -5.63 -28.76
N GLU C 427 35.48 -4.33 -28.45
CA GLU C 427 36.76 -3.63 -28.27
C GLU C 427 36.97 -3.43 -26.77
N ASN C 428 37.93 -2.59 -26.41
CA ASN C 428 38.18 -2.33 -24.99
C ASN C 428 37.27 -1.21 -24.52
N LYS C 429 35.97 -1.49 -24.53
CA LYS C 429 34.96 -0.54 -24.12
C LYS C 429 33.87 -1.26 -23.32
N VAL C 430 32.95 -0.48 -22.78
CA VAL C 430 31.82 -0.99 -22.02
C VAL C 430 30.63 -1.18 -22.98
N TYR C 431 30.08 -2.38 -23.04
CA TYR C 431 28.94 -2.65 -23.90
C TYR C 431 27.76 -3.09 -23.04
N LEU C 432 26.60 -3.22 -23.68
CA LEU C 432 25.38 -3.67 -23.02
C LEU C 432 24.78 -4.85 -23.77
N LEU C 433 24.04 -5.71 -23.06
CA LEU C 433 23.40 -6.87 -23.69
C LEU C 433 22.21 -6.41 -24.53
N PRO C 434 21.99 -7.04 -25.69
CA PRO C 434 20.87 -6.69 -26.58
C PRO C 434 19.50 -6.78 -25.91
N LYS C 435 18.56 -6.00 -26.45
CA LYS C 435 17.20 -5.95 -25.93
C LYS C 435 16.49 -7.30 -25.94
N HIS C 436 16.65 -8.07 -27.01
CA HIS C 436 15.96 -9.35 -27.10
C HIS C 436 16.34 -10.29 -25.97
N LEU C 437 17.56 -10.21 -25.48
CA LEU C 437 17.98 -11.07 -24.37
C LEU C 437 17.24 -10.75 -23.09
N ASP C 438 17.00 -9.47 -22.86
CA ASP C 438 16.28 -9.02 -21.68
C ASP C 438 14.86 -9.60 -21.67
N GLU C 439 14.20 -9.57 -22.83
CA GLU C 439 12.85 -10.11 -22.90
C GLU C 439 12.88 -11.63 -22.74
N LYS C 440 13.92 -12.25 -23.28
CA LYS C 440 14.08 -13.70 -23.19
C LYS C 440 14.16 -14.10 -21.71
N VAL C 441 15.05 -13.44 -20.96
CA VAL C 441 15.20 -13.73 -19.54
C VAL C 441 13.86 -13.61 -18.85
N ALA C 442 13.14 -12.52 -19.11
CA ALA C 442 11.83 -12.31 -18.51
C ALA C 442 10.87 -13.45 -18.86
N LEU C 443 10.87 -13.86 -20.13
CA LEU C 443 10.00 -14.94 -20.58
C LEU C 443 10.20 -16.24 -19.82
N TYR C 444 11.44 -16.56 -19.48
CA TYR C 444 11.71 -17.79 -18.76
C TYR C 444 11.07 -17.85 -17.37
N HIS C 445 10.78 -16.69 -16.78
CA HIS C 445 10.20 -16.69 -15.44
C HIS C 445 8.68 -16.54 -15.37
N LEU C 446 8.05 -16.30 -16.51
CA LEU C 446 6.62 -16.14 -16.57
C LEU C 446 5.78 -17.32 -16.09
N LYS C 447 6.16 -18.54 -16.49
CA LYS C 447 5.42 -19.74 -16.08
C LYS C 447 5.41 -19.93 -14.58
N LYS C 448 6.58 -19.76 -13.97
CA LYS C 448 6.72 -19.93 -12.53
C LYS C 448 5.82 -18.94 -11.79
N LEU C 449 5.56 -17.79 -12.41
CA LEU C 449 4.73 -16.75 -11.81
C LEU C 449 3.25 -16.85 -12.20
N ASN C 450 2.88 -17.87 -12.95
CA ASN C 450 1.48 -18.05 -13.37
C ASN C 450 0.99 -16.82 -14.14
N ALA C 451 1.88 -16.23 -14.92
CA ALA C 451 1.54 -15.04 -15.68
C ALA C 451 1.27 -15.40 -17.14
N SER C 452 0.07 -15.11 -17.63
CA SER C 452 -0.30 -15.39 -19.01
C SER C 452 -0.06 -14.20 -19.92
N LEU C 453 0.90 -14.33 -20.82
CA LEU C 453 1.21 -13.25 -21.74
C LEU C 453 0.23 -13.25 -22.94
N THR C 454 -0.12 -12.06 -23.43
CA THR C 454 -1.04 -11.93 -24.54
C THR C 454 -0.27 -11.89 -25.85
N GLU C 455 -0.78 -12.60 -26.85
CA GLU C 455 -0.16 -12.65 -28.17
C GLU C 455 -0.61 -11.46 -28.99
N LEU C 456 0.35 -10.75 -29.56
CA LEU C 456 0.05 -9.60 -30.37
C LEU C 456 -0.54 -10.08 -31.69
N ASP C 457 -1.57 -9.37 -32.15
CA ASP C 457 -2.27 -9.71 -33.38
C ASP C 457 -1.57 -9.13 -34.61
N ASP C 458 -1.94 -9.59 -35.80
CA ASP C 458 -1.34 -9.09 -37.04
C ASP C 458 -1.51 -7.59 -37.26
N ASN C 459 -2.73 -7.08 -37.04
CA ASN C 459 -2.99 -5.65 -37.21
C ASN C 459 -2.23 -4.86 -36.16
N GLN C 460 -2.22 -5.40 -34.95
CA GLN C 460 -1.56 -4.78 -33.82
C GLN C 460 -0.06 -4.66 -34.03
N CYS C 461 0.53 -5.67 -34.65
CA CYS C 461 1.97 -5.70 -34.94
C CYS C 461 2.35 -4.57 -35.89
N GLN C 462 1.59 -4.44 -36.97
CA GLN C 462 1.87 -3.42 -37.97
C GLN C 462 1.68 -2.02 -37.40
N PHE C 463 0.64 -1.86 -36.58
CA PHE C 463 0.35 -0.57 -35.99
C PHE C 463 1.48 -0.13 -35.06
N LEU C 464 1.90 -1.02 -34.17
CA LEU C 464 2.99 -0.70 -33.24
C LEU C 464 4.34 -0.70 -33.94
N GLY C 465 4.41 -1.37 -35.08
CA GLY C 465 5.67 -1.42 -35.80
C GLY C 465 6.70 -2.28 -35.09
N VAL C 466 6.27 -3.44 -34.62
CA VAL C 466 7.16 -4.36 -33.92
C VAL C 466 6.88 -5.78 -34.35
N ASN C 467 7.81 -6.68 -34.04
CA ASN C 467 7.67 -8.08 -34.39
C ASN C 467 6.82 -8.76 -33.32
N LYS C 468 6.10 -9.81 -33.70
CA LYS C 468 5.24 -10.52 -32.76
C LYS C 468 6.01 -11.18 -31.61
N SER C 469 7.33 -11.27 -31.77
CA SER C 469 8.19 -11.89 -30.78
C SER C 469 9.01 -10.87 -29.99
N GLY C 470 8.92 -9.60 -30.38
CA GLY C 470 9.66 -8.56 -29.70
C GLY C 470 10.96 -8.21 -30.43
N PRO C 471 11.73 -7.21 -29.96
CA PRO C 471 11.45 -6.37 -28.79
C PRO C 471 10.17 -5.57 -28.96
N PHE C 472 9.54 -5.23 -27.85
CA PHE C 472 8.30 -4.46 -27.89
C PHE C 472 8.47 -2.98 -27.55
N LYS C 473 9.64 -2.62 -27.05
CA LYS C 473 9.92 -1.25 -26.68
C LYS C 473 11.20 -0.78 -27.38
N SER C 474 11.44 0.53 -27.37
CA SER C 474 12.64 1.10 -27.99
C SER C 474 13.75 1.03 -26.95
N ASN C 475 14.99 1.25 -27.38
CA ASN C 475 16.14 1.20 -26.46
C ASN C 475 16.09 2.29 -25.39
N GLU C 476 15.37 3.37 -25.66
CA GLU C 476 15.27 4.48 -24.72
C GLU C 476 14.17 4.28 -23.68
N TYR C 477 13.35 3.25 -23.85
CA TYR C 477 12.24 3.01 -22.92
C TYR C 477 12.74 2.83 -21.49
N ARG C 478 12.11 3.55 -20.55
CA ARG C 478 12.51 3.50 -19.15
C ARG C 478 11.80 2.48 -18.27
N TYR C 479 10.74 1.86 -18.77
CA TYR C 479 10.01 0.87 -17.98
C TYR C 479 9.58 1.43 -16.64
N ASN D 4 -10.53 36.94 -38.66
CA ASN D 4 -10.49 35.71 -37.79
C ASN D 4 -11.10 35.97 -36.42
N LYS D 5 -12.17 35.26 -36.10
CA LYS D 5 -12.83 35.40 -34.81
C LYS D 5 -12.84 34.06 -34.08
N SER D 6 -12.71 34.10 -32.76
CA SER D 6 -12.73 32.86 -31.98
C SER D 6 -14.12 32.24 -32.03
N LYS D 7 -14.19 30.92 -31.89
CA LYS D 7 -15.46 30.23 -31.91
C LYS D 7 -15.56 29.36 -30.67
N VAL D 8 -16.38 29.82 -29.72
CA VAL D 8 -16.59 29.11 -28.46
C VAL D 8 -18.08 28.98 -28.13
N LYS D 9 -18.40 28.05 -27.26
CA LYS D 9 -19.77 27.80 -26.83
C LYS D 9 -20.44 29.09 -26.32
N ASP D 10 -19.97 29.59 -25.18
CA ASP D 10 -20.55 30.79 -24.57
C ASP D 10 -19.47 31.69 -23.95
N ILE D 11 -19.25 32.84 -24.57
CA ILE D 11 -18.24 33.78 -24.10
C ILE D 11 -18.52 34.40 -22.74
N SER D 12 -19.72 34.22 -22.21
CA SER D 12 -20.05 34.80 -20.92
C SER D 12 -19.46 33.99 -19.76
N LEU D 13 -18.91 32.82 -20.08
CA LEU D 13 -18.30 31.96 -19.07
C LEU D 13 -16.89 32.42 -18.78
N ALA D 14 -16.41 33.39 -19.54
CA ALA D 14 -15.05 33.90 -19.35
C ALA D 14 -14.69 34.20 -17.89
N PRO D 15 -15.55 34.93 -17.15
CA PRO D 15 -15.25 35.23 -15.74
C PRO D 15 -15.02 34.02 -14.86
N PHE D 16 -15.87 33.01 -15.02
CA PHE D 16 -15.73 31.80 -14.25
C PHE D 16 -14.39 31.14 -14.60
N GLY D 17 -14.05 31.14 -15.88
CA GLY D 17 -12.79 30.58 -16.32
C GLY D 17 -11.61 31.34 -15.76
N LYS D 18 -11.74 32.68 -15.75
CA LYS D 18 -10.69 33.55 -15.24
C LYS D 18 -10.35 33.26 -13.78
N MET D 19 -11.39 33.01 -12.99
CA MET D 19 -11.22 32.71 -11.57
C MET D 19 -10.48 31.38 -11.39
N GLN D 20 -10.84 30.39 -12.21
CA GLN D 20 -10.19 29.09 -12.15
C GLN D 20 -8.72 29.19 -12.51
N MET D 21 -8.40 30.02 -13.50
CA MET D 21 -7.02 30.20 -13.93
C MET D 21 -6.18 30.86 -12.84
N GLU D 22 -6.77 31.86 -12.18
CA GLU D 22 -6.08 32.58 -11.12
C GLU D 22 -5.73 31.62 -9.99
N ILE D 23 -6.65 30.72 -9.66
CA ILE D 23 -6.41 29.77 -8.58
C ILE D 23 -5.41 28.69 -8.96
N SER D 24 -5.54 28.12 -10.15
CA SER D 24 -4.61 27.07 -10.57
C SER D 24 -3.20 27.62 -10.75
N GLU D 25 -3.08 28.94 -10.79
CA GLU D 25 -1.78 29.58 -10.94
C GLU D 25 -0.85 29.15 -9.82
N ASN D 26 -1.40 29.05 -8.61
CA ASN D 26 -0.61 28.66 -7.46
C ASN D 26 -0.21 27.18 -7.52
N GLU D 27 -0.94 26.41 -8.31
CA GLU D 27 -0.66 24.98 -8.47
C GLU D 27 0.33 24.67 -9.61
N MET D 28 0.79 25.70 -10.31
CA MET D 28 1.73 25.51 -11.41
C MET D 28 2.97 26.40 -11.24
N PRO D 29 3.74 26.17 -10.16
CA PRO D 29 4.93 26.98 -9.92
C PRO D 29 5.94 26.93 -11.05
N GLY D 30 5.92 25.84 -11.82
CA GLY D 30 6.85 25.70 -12.93
C GLY D 30 6.58 26.75 -13.99
N LEU D 31 5.35 26.77 -14.51
CA LEU D 31 4.99 27.73 -15.54
C LEU D 31 5.19 29.17 -15.06
N MET D 32 4.81 29.43 -13.82
CA MET D 32 4.95 30.77 -13.26
C MET D 32 6.42 31.18 -13.18
N ARG D 33 7.31 30.23 -12.96
CA ARG D 33 8.74 30.54 -12.90
C ARG D 33 9.25 30.95 -14.27
N ILE D 34 8.69 30.31 -15.31
CA ILE D 34 9.09 30.61 -16.68
C ILE D 34 8.72 32.05 -16.99
N ARG D 35 7.50 32.45 -16.62
CA ARG D 35 7.06 33.81 -16.86
C ARG D 35 7.96 34.82 -16.18
N GLU D 36 8.48 34.47 -15.00
CA GLU D 36 9.34 35.36 -14.25
C GLU D 36 10.74 35.49 -14.85
N GLU D 37 11.21 34.46 -15.54
CA GLU D 37 12.54 34.51 -16.14
C GLU D 37 12.54 35.05 -17.55
N TYR D 38 11.85 34.38 -18.46
CA TYR D 38 11.79 34.78 -19.86
C TYR D 38 10.58 35.68 -20.11
N GLY D 39 10.10 36.33 -19.06
CA GLY D 39 8.93 37.20 -19.20
C GLY D 39 9.17 38.50 -19.94
N LYS D 40 9.80 39.46 -19.26
CA LYS D 40 10.06 40.76 -19.86
C LYS D 40 11.01 40.69 -21.07
N ASP D 41 11.54 39.50 -21.33
CA ASP D 41 12.45 39.30 -22.46
C ASP D 41 11.68 39.14 -23.78
N GLN D 42 10.48 38.55 -23.71
CA GLN D 42 9.67 38.33 -24.91
C GLN D 42 10.42 37.53 -25.97
N PRO D 43 10.94 36.35 -25.60
CA PRO D 43 11.69 35.50 -26.53
C PRO D 43 10.88 34.93 -27.69
N LEU D 44 9.55 34.85 -27.53
CA LEU D 44 8.72 34.30 -28.59
C LEU D 44 8.01 35.41 -29.37
N LYS D 45 8.54 36.63 -29.26
CA LYS D 45 7.94 37.77 -29.95
C LYS D 45 7.83 37.55 -31.46
N ASN D 46 6.64 37.79 -31.99
CA ASN D 46 6.34 37.65 -33.42
C ASN D 46 6.19 36.20 -33.86
N ALA D 47 6.28 35.26 -32.93
CA ALA D 47 6.15 33.86 -33.27
C ALA D 47 4.67 33.50 -33.40
N LYS D 48 4.34 32.72 -34.43
CA LYS D 48 2.98 32.28 -34.66
C LYS D 48 2.89 30.81 -34.25
N ILE D 49 2.18 30.55 -33.16
CA ILE D 49 2.05 29.19 -32.65
C ILE D 49 0.62 28.67 -32.73
N THR D 50 0.48 27.48 -33.31
CA THR D 50 -0.82 26.82 -33.42
C THR D 50 -0.79 25.63 -32.48
N GLY D 51 -1.80 25.54 -31.62
CA GLY D 51 -1.86 24.45 -30.69
C GLY D 51 -3.06 23.57 -30.95
N CYS D 52 -2.91 22.30 -30.63
CA CYS D 52 -3.97 21.32 -30.80
C CYS D 52 -3.85 20.43 -29.56
N LEU D 53 -4.39 20.92 -28.46
CA LEU D 53 -4.31 20.24 -27.19
C LEU D 53 -5.57 20.49 -26.35
N HIS D 54 -5.97 19.50 -25.55
CA HIS D 54 -7.15 19.62 -24.70
C HIS D 54 -7.31 21.02 -24.12
N MET D 55 -8.40 21.68 -24.49
CA MET D 55 -8.68 23.05 -24.06
C MET D 55 -9.25 23.10 -22.64
N THR D 56 -8.40 22.84 -21.66
CA THR D 56 -8.79 22.83 -20.25
C THR D 56 -8.19 24.03 -19.54
N VAL D 57 -8.47 24.14 -18.25
CA VAL D 57 -7.93 25.24 -17.47
C VAL D 57 -6.41 25.21 -17.47
N GLU D 58 -5.83 24.02 -17.31
CA GLU D 58 -4.38 23.90 -17.31
C GLU D 58 -3.81 24.35 -18.65
N CYS D 59 -4.52 24.04 -19.72
CA CYS D 59 -4.09 24.43 -21.05
C CYS D 59 -4.20 25.94 -21.23
N ALA D 60 -5.21 26.54 -20.60
CA ALA D 60 -5.40 27.98 -20.68
C ALA D 60 -4.17 28.67 -20.09
N LEU D 61 -3.66 28.15 -18.97
CA LEU D 61 -2.48 28.74 -18.34
C LEU D 61 -1.22 28.57 -19.20
N LEU D 62 -1.20 27.54 -20.04
CA LEU D 62 -0.07 27.32 -20.93
C LEU D 62 -0.16 28.40 -22.03
N ILE D 63 -1.36 28.60 -22.57
CA ILE D 63 -1.60 29.60 -23.64
C ILE D 63 -1.17 30.98 -23.14
N GLU D 64 -1.62 31.33 -21.95
CA GLU D 64 -1.32 32.62 -21.36
C GLU D 64 0.20 32.79 -21.20
N THR D 65 0.88 31.71 -20.87
CA THR D 65 2.32 31.77 -20.70
C THR D 65 2.99 32.04 -22.03
N LEU D 66 2.53 31.36 -23.07
CA LEU D 66 3.11 31.55 -24.40
C LEU D 66 2.86 32.98 -24.88
N GLN D 67 1.63 33.47 -24.72
CA GLN D 67 1.35 34.83 -25.16
C GLN D 67 2.10 35.87 -24.29
N LYS D 68 2.26 35.59 -23.00
CA LYS D 68 3.00 36.52 -22.16
C LYS D 68 4.47 36.51 -22.53
N LEU D 69 4.88 35.52 -23.34
CA LEU D 69 6.26 35.43 -23.80
C LEU D 69 6.39 36.17 -25.14
N GLY D 70 5.27 36.71 -25.61
CA GLY D 70 5.25 37.48 -26.84
C GLY D 70 4.76 36.81 -28.11
N ALA D 71 4.18 35.62 -28.00
CA ALA D 71 3.71 34.93 -29.19
C ALA D 71 2.25 35.14 -29.50
N GLN D 72 1.88 34.83 -30.73
CA GLN D 72 0.49 34.92 -31.18
C GLN D 72 0.02 33.48 -31.22
N ILE D 73 -1.22 33.27 -30.82
CA ILE D 73 -1.74 31.91 -30.77
C ILE D 73 -3.10 31.65 -31.43
N ARG D 74 -3.21 30.47 -32.05
CA ARG D 74 -4.44 30.00 -32.64
C ARG D 74 -4.50 28.62 -32.02
N TRP D 75 -5.64 28.26 -31.42
CA TRP D 75 -5.73 26.99 -30.73
C TRP D 75 -7.03 26.25 -30.93
N CYS D 76 -6.96 24.93 -30.80
CA CYS D 76 -8.13 24.08 -30.90
C CYS D 76 -7.92 22.91 -29.91
N SER D 77 -8.97 22.13 -29.67
CA SER D 77 -8.84 21.00 -28.75
C SER D 77 -8.47 19.74 -29.58
N CYS D 78 -7.86 18.74 -28.94
CA CYS D 78 -7.49 17.53 -29.68
C CYS D 78 -8.48 16.41 -29.39
N ASN D 79 -9.58 16.75 -28.73
CA ASN D 79 -10.58 15.77 -28.39
C ASN D 79 -11.94 16.48 -28.35
N ILE D 80 -12.99 15.83 -28.84
CA ILE D 80 -14.32 16.43 -28.88
C ILE D 80 -15.09 16.54 -27.56
N TYR D 81 -14.52 15.99 -26.48
CA TYR D 81 -15.16 16.04 -25.16
C TYR D 81 -14.29 16.69 -24.10
N SER D 82 -13.00 16.83 -24.37
CA SER D 82 -12.10 17.37 -23.34
C SER D 82 -12.16 18.86 -23.07
N THR D 83 -12.74 19.63 -23.98
CA THR D 83 -12.80 21.08 -23.80
C THR D 83 -13.67 21.56 -22.63
N ALA D 84 -13.13 22.48 -21.84
CA ALA D 84 -13.88 23.07 -20.74
C ALA D 84 -14.29 24.42 -21.29
N ASP D 85 -15.58 24.57 -21.59
CA ASP D 85 -16.13 25.81 -22.17
C ASP D 85 -15.73 27.08 -21.43
N TYR D 86 -15.71 27.04 -20.09
CA TYR D 86 -15.34 28.22 -19.33
C TYR D 86 -13.88 28.58 -19.56
N ALA D 87 -13.05 27.58 -19.87
CA ALA D 87 -11.62 27.83 -20.11
C ALA D 87 -11.39 28.37 -21.52
N ALA D 88 -12.16 27.85 -22.49
CA ALA D 88 -12.06 28.30 -23.88
C ALA D 88 -12.52 29.75 -23.97
N ALA D 89 -13.58 30.10 -23.24
CA ALA D 89 -14.08 31.46 -23.23
C ALA D 89 -13.04 32.38 -22.61
N ALA D 90 -12.49 31.98 -21.48
CA ALA D 90 -11.50 32.79 -20.79
C ALA D 90 -10.26 33.05 -21.65
N VAL D 91 -9.72 32.01 -22.25
CA VAL D 91 -8.53 32.18 -23.06
C VAL D 91 -8.79 32.97 -24.36
N SER D 92 -9.96 32.80 -24.95
CA SER D 92 -10.29 33.54 -26.18
C SER D 92 -10.31 35.05 -25.92
N THR D 93 -10.23 35.41 -24.65
CA THR D 93 -10.24 36.81 -24.24
C THR D 93 -8.88 37.49 -24.35
N LEU D 94 -7.82 36.72 -24.17
CA LEU D 94 -6.46 37.26 -24.25
C LEU D 94 -6.16 37.88 -25.61
N GLU D 95 -5.22 38.81 -25.61
CA GLU D 95 -4.80 39.48 -26.84
C GLU D 95 -3.95 38.51 -27.66
N ASN D 96 -4.11 38.57 -28.98
CA ASN D 96 -3.35 37.72 -29.89
C ASN D 96 -3.63 36.23 -29.72
N VAL D 97 -4.81 35.89 -29.21
CA VAL D 97 -5.17 34.50 -29.02
C VAL D 97 -6.54 34.20 -29.64
N THR D 98 -6.59 33.23 -30.54
CA THR D 98 -7.87 32.86 -31.16
C THR D 98 -8.09 31.38 -30.86
N VAL D 99 -9.31 31.04 -30.49
CA VAL D 99 -9.64 29.69 -30.11
C VAL D 99 -10.82 29.12 -30.89
N PHE D 100 -10.74 27.83 -31.22
CA PHE D 100 -11.81 27.14 -31.92
C PHE D 100 -12.02 25.83 -31.19
N ALA D 101 -12.87 25.85 -30.16
CA ALA D 101 -13.11 24.65 -29.38
C ALA D 101 -14.30 24.74 -28.42
N TRP D 102 -15.01 23.62 -28.28
CA TRP D 102 -16.15 23.57 -27.39
C TRP D 102 -16.48 22.11 -27.08
N LYS D 103 -17.08 21.87 -25.92
CA LYS D 103 -17.41 20.51 -25.53
C LYS D 103 -18.54 19.94 -26.36
N ASN D 104 -18.43 18.65 -26.69
CA ASN D 104 -19.42 17.93 -27.48
C ASN D 104 -19.51 18.37 -28.94
N GLU D 105 -18.35 18.59 -29.54
CA GLU D 105 -18.30 18.98 -30.94
C GLU D 105 -18.37 17.73 -31.79
N THR D 106 -19.00 17.84 -32.95
CA THR D 106 -19.12 16.72 -33.88
C THR D 106 -17.77 16.52 -34.54
N LEU D 107 -17.57 15.34 -35.14
CA LEU D 107 -16.33 15.01 -35.81
C LEU D 107 -16.05 15.96 -36.99
N GLU D 108 -17.11 16.41 -37.65
CA GLU D 108 -16.96 17.32 -38.78
C GLU D 108 -16.46 18.66 -38.25
N GLU D 109 -17.02 19.09 -37.13
CA GLU D 109 -16.62 20.36 -36.51
C GLU D 109 -15.20 20.28 -35.96
N TYR D 110 -14.84 19.10 -35.46
CA TYR D 110 -13.51 18.86 -34.91
C TYR D 110 -12.43 19.18 -35.93
N TRP D 111 -12.51 18.56 -37.11
CA TRP D 111 -11.50 18.80 -38.13
C TRP D 111 -11.51 20.25 -38.63
N TRP D 112 -12.69 20.86 -38.62
CA TRP D 112 -12.84 22.25 -39.03
C TRP D 112 -12.00 23.11 -38.07
N CYS D 113 -12.05 22.79 -36.79
CA CYS D 113 -11.30 23.53 -35.78
C CYS D 113 -9.79 23.37 -35.96
N VAL D 114 -9.35 22.15 -36.27
CA VAL D 114 -7.93 21.89 -36.48
C VAL D 114 -7.45 22.73 -37.67
N GLU D 115 -8.17 22.63 -38.79
CA GLU D 115 -7.84 23.38 -40.01
C GLU D 115 -7.85 24.89 -39.75
N SER D 116 -8.87 25.38 -39.06
CA SER D 116 -8.96 26.80 -38.76
C SER D 116 -7.77 27.23 -37.91
N ALA D 117 -7.41 26.41 -36.92
CA ALA D 117 -6.28 26.73 -36.06
C ALA D 117 -4.96 26.79 -36.83
N LEU D 118 -4.79 25.92 -37.83
CA LEU D 118 -3.55 25.91 -38.63
C LEU D 118 -3.50 26.98 -39.71
N THR D 119 -4.65 27.55 -40.05
CA THR D 119 -4.72 28.55 -41.10
C THR D 119 -4.67 29.98 -40.59
N TRP D 120 -3.54 30.65 -40.83
CA TRP D 120 -3.35 32.03 -40.39
C TRP D 120 -3.61 33.03 -41.52
N GLY D 121 -4.88 33.30 -41.81
CA GLY D 121 -5.19 34.25 -42.87
C GLY D 121 -5.27 33.65 -44.26
N ASP D 122 -4.54 34.24 -45.21
CA ASP D 122 -4.56 33.76 -46.59
C ASP D 122 -3.40 34.29 -47.43
N GLY D 123 -3.04 33.54 -48.47
CA GLY D 123 -1.95 33.95 -49.33
C GLY D 123 -0.60 33.49 -48.81
N ASP D 124 0.41 34.33 -48.96
CA ASP D 124 1.77 34.01 -48.50
C ASP D 124 1.79 33.84 -46.98
N ASP D 125 2.55 32.86 -46.50
CA ASP D 125 2.65 32.60 -45.06
C ASP D 125 1.25 32.44 -44.49
N ASN D 126 0.63 31.32 -44.82
CA ASN D 126 -0.71 31.05 -44.38
C ASN D 126 -0.74 30.05 -43.21
N GLY D 127 0.44 29.60 -42.80
CA GLY D 127 0.53 28.65 -41.70
C GLY D 127 1.30 29.17 -40.50
N PRO D 128 1.44 28.35 -39.45
CA PRO D 128 2.15 28.75 -38.23
C PRO D 128 3.67 28.57 -38.29
N ASP D 129 4.36 29.10 -37.30
CA ASP D 129 5.80 28.94 -37.23
C ASP D 129 6.11 27.65 -36.48
N MET D 130 5.35 27.39 -35.43
CA MET D 130 5.55 26.20 -34.60
C MET D 130 4.21 25.57 -34.19
N ILE D 131 4.25 24.28 -33.91
CA ILE D 131 3.04 23.57 -33.49
C ILE D 131 3.18 22.81 -32.18
N VAL D 132 2.14 22.92 -31.36
CA VAL D 132 2.07 22.20 -30.09
C VAL D 132 0.94 21.18 -30.30
N ASP D 133 1.29 19.91 -30.41
CA ASP D 133 0.31 18.85 -30.65
C ASP D 133 0.19 17.89 -29.49
N ASP D 134 -0.92 17.17 -29.46
CA ASP D 134 -1.20 16.22 -28.42
C ASP D 134 -2.00 15.11 -29.09
N GLY D 135 -1.28 14.16 -29.69
CA GLY D 135 -1.94 13.07 -30.40
C GLY D 135 -1.49 13.08 -31.85
N GLY D 136 -1.02 14.23 -32.31
CA GLY D 136 -0.52 14.36 -33.67
C GLY D 136 -1.56 14.66 -34.75
N ASP D 137 -2.76 15.05 -34.36
CA ASP D 137 -3.79 15.33 -35.35
C ASP D 137 -3.45 16.53 -36.23
N ALA D 138 -2.88 17.58 -35.65
CA ALA D 138 -2.51 18.76 -36.44
C ALA D 138 -1.38 18.34 -37.38
N THR D 139 -0.39 17.65 -36.83
CA THR D 139 0.75 17.19 -37.60
C THR D 139 0.30 16.25 -38.73
N LEU D 140 -0.69 15.42 -38.42
CA LEU D 140 -1.23 14.49 -39.39
C LEU D 140 -1.83 15.24 -40.58
N LEU D 141 -2.76 16.14 -40.28
CA LEU D 141 -3.44 16.95 -41.29
C LEU D 141 -2.45 17.58 -42.25
N VAL D 142 -1.35 18.13 -41.72
CA VAL D 142 -0.35 18.77 -42.55
C VAL D 142 0.41 17.79 -43.43
N HIS D 143 0.85 16.67 -42.84
CA HIS D 143 1.57 15.65 -43.60
C HIS D 143 0.69 14.95 -44.64
N LYS D 144 -0.55 14.66 -44.27
CA LYS D 144 -1.47 14.02 -45.20
C LYS D 144 -1.87 15.00 -46.29
N GLY D 145 -1.99 16.27 -45.91
CA GLY D 145 -2.36 17.29 -46.87
C GLY D 145 -1.30 17.39 -47.95
N VAL D 146 -0.04 17.41 -47.54
CA VAL D 146 1.07 17.49 -48.47
C VAL D 146 1.15 16.23 -49.33
N GLU D 147 0.81 15.10 -48.72
CA GLU D 147 0.84 13.83 -49.42
C GLU D 147 -0.21 13.73 -50.51
N TYR D 148 -1.44 14.12 -50.18
CA TYR D 148 -2.53 14.08 -51.14
C TYR D 148 -2.39 15.18 -52.19
N GLU D 149 -1.82 16.31 -51.82
CA GLU D 149 -1.64 17.40 -52.78
C GLU D 149 -0.69 16.99 -53.89
N LYS D 150 0.28 16.15 -53.55
CA LYS D 150 1.23 15.69 -54.54
C LYS D 150 0.62 14.60 -55.40
N LEU D 151 -0.24 13.79 -54.77
CA LEU D 151 -0.92 12.71 -55.47
C LEU D 151 -1.88 13.28 -56.51
N TYR D 152 -2.46 14.44 -56.21
CA TYR D 152 -3.38 15.11 -57.11
C TYR D 152 -2.61 15.82 -58.22
N GLU D 153 -1.44 16.33 -57.90
CA GLU D 153 -0.62 17.05 -58.86
C GLU D 153 0.09 16.11 -59.83
N GLU D 154 -0.12 14.82 -59.65
CA GLU D 154 0.52 13.82 -60.50
C GLU D 154 -0.45 12.88 -61.20
N LYS D 155 -1.40 12.33 -60.45
CA LYS D 155 -2.38 11.42 -61.00
C LYS D 155 -3.78 12.03 -61.02
N ASN D 156 -3.87 13.28 -60.57
CA ASN D 156 -5.13 14.01 -60.52
C ASN D 156 -6.16 13.25 -59.72
N ILE D 157 -5.69 12.57 -58.67
CA ILE D 157 -6.56 11.76 -57.81
C ILE D 157 -6.83 12.49 -56.50
N LEU D 158 -8.08 12.45 -56.06
CA LEU D 158 -8.49 13.10 -54.82
C LEU D 158 -8.81 12.08 -53.74
N PRO D 159 -8.67 12.47 -52.46
CA PRO D 159 -8.96 11.55 -51.36
C PRO D 159 -10.46 11.31 -51.25
N ASP D 160 -10.91 10.09 -51.52
CA ASP D 160 -12.33 9.77 -51.45
C ASP D 160 -12.78 9.30 -50.08
N PRO D 161 -13.75 10.01 -49.47
CA PRO D 161 -14.25 9.61 -48.15
C PRO D 161 -15.03 8.31 -48.22
N GLU D 162 -15.06 7.72 -49.42
CA GLU D 162 -15.76 6.46 -49.65
C GLU D 162 -15.00 5.35 -48.93
N LYS D 163 -13.68 5.34 -49.10
CA LYS D 163 -12.79 4.36 -48.48
C LYS D 163 -12.61 4.65 -47.01
N ALA D 164 -13.60 5.31 -46.41
CA ALA D 164 -13.55 5.67 -45.00
C ALA D 164 -13.67 4.43 -44.12
N LYS D 165 -12.57 4.08 -43.46
CA LYS D 165 -12.52 2.92 -42.58
C LYS D 165 -13.04 3.33 -41.21
N ASN D 166 -13.65 4.51 -41.14
CA ASN D 166 -14.19 5.04 -39.89
C ASN D 166 -14.92 6.36 -40.15
N GLU D 167 -15.85 6.70 -39.27
CA GLU D 167 -16.62 7.92 -39.39
C GLU D 167 -15.74 9.16 -39.26
N GLU D 168 -14.81 9.13 -38.31
CA GLU D 168 -13.91 10.25 -38.10
C GLU D 168 -12.95 10.40 -39.28
N GLU D 169 -12.59 9.27 -39.89
CA GLU D 169 -11.68 9.30 -41.04
C GLU D 169 -12.42 9.84 -42.25
N ARG D 170 -13.73 9.65 -42.26
CA ARG D 170 -14.54 10.12 -43.37
C ARG D 170 -14.54 11.65 -43.40
N CYS D 171 -14.71 12.27 -42.23
CA CYS D 171 -14.70 13.71 -42.16
C CYS D 171 -13.30 14.27 -42.43
N PHE D 172 -12.28 13.50 -42.07
CA PHE D 172 -10.88 13.90 -42.29
C PHE D 172 -10.59 13.97 -43.80
N LEU D 173 -10.95 12.91 -44.52
CA LEU D 173 -10.74 12.84 -45.96
C LEU D 173 -11.62 13.87 -46.67
N THR D 174 -12.83 14.07 -46.16
CA THR D 174 -13.71 15.05 -46.75
C THR D 174 -13.09 16.45 -46.64
N LEU D 175 -12.53 16.75 -45.47
CA LEU D 175 -11.87 18.03 -45.22
C LEU D 175 -10.68 18.22 -46.16
N LEU D 176 -9.92 17.17 -46.38
CA LEU D 176 -8.75 17.24 -47.25
C LEU D 176 -9.17 17.36 -48.71
N LYS D 177 -10.22 16.65 -49.11
CA LYS D 177 -10.68 16.70 -50.47
C LYS D 177 -11.11 18.12 -50.80
N ASN D 178 -11.90 18.73 -49.91
CA ASN D 178 -12.38 20.09 -50.10
C ASN D 178 -11.25 21.10 -50.07
N SER D 179 -10.26 20.80 -49.25
CA SER D 179 -9.10 21.67 -49.12
C SER D 179 -8.32 21.75 -50.44
N ILE D 180 -8.13 20.59 -51.07
CA ILE D 180 -7.40 20.50 -52.32
C ILE D 180 -8.19 21.07 -53.51
N LEU D 181 -9.52 20.96 -53.49
CA LEU D 181 -10.33 21.50 -54.57
C LEU D 181 -10.40 23.01 -54.45
N LYS D 182 -9.89 23.54 -53.34
CA LYS D 182 -9.89 24.99 -53.13
C LYS D 182 -8.50 25.55 -53.38
N ASN D 183 -7.49 24.83 -52.92
CA ASN D 183 -6.10 25.23 -53.08
C ASN D 183 -5.21 24.01 -52.95
N PRO D 184 -4.89 23.38 -54.09
CA PRO D 184 -4.04 22.18 -54.17
C PRO D 184 -2.59 22.33 -53.74
N LYS D 185 -2.24 23.47 -53.18
CA LYS D 185 -0.87 23.67 -52.71
C LYS D 185 -0.84 24.26 -51.31
N LYS D 186 -2.01 24.43 -50.71
CA LYS D 186 -2.12 25.01 -49.38
C LYS D 186 -1.15 24.40 -48.37
N TRP D 187 -1.28 23.09 -48.14
CA TRP D 187 -0.44 22.39 -47.17
C TRP D 187 1.03 22.25 -47.55
N THR D 188 1.30 22.12 -48.85
CA THR D 188 2.65 22.02 -49.30
C THR D 188 3.41 23.31 -48.97
N ASN D 189 2.75 24.46 -49.14
CA ASN D 189 3.39 25.75 -48.85
C ASN D 189 3.49 26.03 -47.37
N ILE D 190 2.51 25.56 -46.61
CA ILE D 190 2.51 25.75 -45.17
C ILE D 190 3.60 24.92 -44.49
N ALA D 191 3.71 23.65 -44.87
CA ALA D 191 4.70 22.76 -44.28
C ALA D 191 6.11 23.28 -44.42
N LYS D 192 6.34 24.07 -45.47
CA LYS D 192 7.65 24.63 -45.72
C LYS D 192 8.08 25.73 -44.74
N LYS D 193 7.12 26.37 -44.08
CA LYS D 193 7.46 27.44 -43.15
C LYS D 193 7.44 27.01 -41.68
N ILE D 194 7.04 25.77 -41.41
CA ILE D 194 6.98 25.26 -40.03
C ILE D 194 8.37 24.92 -39.48
N ILE D 195 8.75 25.63 -38.42
CA ILE D 195 10.03 25.43 -37.75
C ILE D 195 10.09 24.03 -37.15
N GLY D 196 9.01 23.67 -36.45
CA GLY D 196 8.94 22.37 -35.83
C GLY D 196 7.69 22.20 -34.98
N VAL D 197 7.50 21.00 -34.46
CA VAL D 197 6.36 20.70 -33.60
C VAL D 197 6.88 19.98 -32.36
N SER D 198 6.10 20.00 -31.29
CA SER D 198 6.48 19.30 -30.07
C SER D 198 5.31 18.43 -29.65
N GLU D 199 5.53 17.11 -29.64
CA GLU D 199 4.50 16.13 -29.28
C GLU D 199 4.43 15.88 -27.77
N GLU D 200 3.20 15.88 -27.26
CA GLU D 200 2.90 15.70 -25.85
C GLU D 200 2.64 14.26 -25.37
N THR D 201 2.01 13.44 -26.20
CA THR D 201 1.67 12.10 -25.80
C THR D 201 2.35 10.94 -26.54
N THR D 202 2.32 9.77 -25.91
CA THR D 202 2.93 8.55 -26.42
C THR D 202 2.42 8.16 -27.80
N THR D 203 1.13 8.34 -28.01
CA THR D 203 0.52 7.99 -29.29
C THR D 203 1.04 8.90 -30.40
N GLY D 204 1.14 10.19 -30.11
CA GLY D 204 1.63 11.13 -31.10
C GLY D 204 3.08 10.85 -31.46
N VAL D 205 3.88 10.49 -30.46
CA VAL D 205 5.28 10.19 -30.66
C VAL D 205 5.42 8.95 -31.56
N LEU D 206 4.59 7.94 -31.32
CA LEU D 206 4.61 6.72 -32.11
C LEU D 206 4.37 7.09 -33.57
N ARG D 207 3.47 8.02 -33.82
CA ARG D 207 3.16 8.45 -35.19
C ARG D 207 4.36 9.14 -35.80
N LEU D 208 5.02 9.99 -35.01
CA LEU D 208 6.19 10.71 -35.50
C LEU D 208 7.35 9.77 -35.78
N LYS D 209 7.56 8.80 -34.90
CA LYS D 209 8.64 7.85 -35.08
C LYS D 209 8.46 7.07 -36.37
N LYS D 210 7.22 6.66 -36.65
CA LYS D 210 6.94 5.90 -37.87
C LYS D 210 7.17 6.74 -39.11
N MET D 211 6.86 8.03 -39.04
CA MET D 211 7.07 8.89 -40.19
C MET D 211 8.56 9.15 -40.38
N ASP D 212 9.26 9.37 -39.27
CA ASP D 212 10.69 9.64 -39.31
C ASP D 212 11.45 8.40 -39.77
N LYS D 213 10.88 7.23 -39.49
CA LYS D 213 11.49 5.96 -39.87
C LYS D 213 11.42 5.83 -41.39
N GLN D 214 10.35 6.32 -41.98
CA GLN D 214 10.19 6.26 -43.42
C GLN D 214 10.57 7.57 -44.09
N ASN D 215 11.28 8.43 -43.34
CA ASN D 215 11.70 9.74 -43.82
C ASN D 215 10.56 10.55 -44.43
N GLU D 216 9.46 10.66 -43.68
CA GLU D 216 8.31 11.41 -44.14
C GLU D 216 8.17 12.73 -43.39
N LEU D 217 8.94 12.90 -42.32
CA LEU D 217 8.87 14.13 -41.55
C LEU D 217 9.25 15.36 -42.38
N LEU D 218 8.37 16.36 -42.39
CA LEU D 218 8.60 17.58 -43.15
C LEU D 218 9.26 18.67 -42.32
N PHE D 219 9.29 18.48 -41.01
CA PHE D 219 9.91 19.45 -40.12
C PHE D 219 10.34 18.82 -38.81
N THR D 220 11.08 19.58 -38.02
CA THR D 220 11.57 19.12 -36.72
C THR D 220 10.47 18.74 -35.74
N ALA D 221 10.69 17.64 -35.01
CA ALA D 221 9.71 17.21 -34.02
C ALA D 221 10.40 16.94 -32.71
N ILE D 222 9.89 17.55 -31.64
CA ILE D 222 10.46 17.33 -30.33
C ILE D 222 9.56 16.42 -29.53
N ASN D 223 10.16 15.33 -29.03
CA ASN D 223 9.47 14.33 -28.23
C ASN D 223 9.41 14.81 -26.78
N VAL D 224 8.36 15.54 -26.46
CA VAL D 224 8.18 16.05 -25.10
C VAL D 224 7.74 14.91 -24.16
N ASN D 225 6.96 13.98 -24.71
CA ASN D 225 6.46 12.85 -23.93
C ASN D 225 7.59 11.97 -23.36
N ASP D 226 8.69 11.85 -24.10
CA ASP D 226 9.81 11.03 -23.64
C ASP D 226 10.69 11.76 -22.63
N ALA D 227 10.36 13.00 -22.31
CA ALA D 227 11.16 13.73 -21.33
C ALA D 227 10.86 13.06 -20.00
N VAL D 228 11.88 12.85 -19.17
CA VAL D 228 11.69 12.21 -17.89
C VAL D 228 10.58 12.84 -17.05
N THR D 229 10.68 14.14 -16.81
CA THR D 229 9.69 14.85 -16.00
C THR D 229 8.31 14.89 -16.62
N LYS D 230 8.11 14.09 -17.66
CA LYS D 230 6.81 14.06 -18.31
C LYS D 230 6.27 12.62 -18.29
N GLN D 231 6.94 11.69 -18.96
CA GLN D 231 6.46 10.32 -18.96
C GLN D 231 6.47 9.70 -17.55
N LYS D 232 7.42 10.11 -16.71
CA LYS D 232 7.49 9.58 -15.34
C LYS D 232 6.55 10.27 -14.34
N TYR D 233 6.09 11.48 -14.65
CA TYR D 233 5.20 12.20 -13.75
C TYR D 233 3.76 12.25 -14.27
N ASP D 234 3.61 12.86 -15.44
CA ASP D 234 2.31 13.00 -16.12
C ASP D 234 1.65 11.65 -16.35
N ASN D 235 2.29 10.79 -17.14
CA ASN D 235 1.71 9.50 -17.43
C ASN D 235 1.46 8.60 -16.23
N VAL D 236 2.23 8.77 -15.16
CA VAL D 236 2.05 7.92 -13.99
C VAL D 236 1.15 8.56 -12.92
N TYR D 237 1.62 9.64 -12.32
CA TYR D 237 0.89 10.31 -11.26
C TYR D 237 -0.39 10.99 -11.75
N GLY D 238 -0.37 11.45 -13.00
CA GLY D 238 -1.54 12.08 -13.56
C GLY D 238 -2.70 11.11 -13.67
N CYS D 239 -2.44 9.93 -14.22
CA CYS D 239 -3.49 8.93 -14.39
C CYS D 239 -3.89 8.32 -13.06
N ARG D 240 -2.95 8.24 -12.13
CA ARG D 240 -3.26 7.71 -10.81
C ARG D 240 -4.36 8.60 -10.25
N HIS D 241 -4.31 9.89 -10.57
CA HIS D 241 -5.31 10.82 -10.10
C HIS D 241 -6.57 10.86 -10.98
N SER D 242 -6.43 11.09 -12.28
CA SER D 242 -7.63 11.22 -13.12
C SER D 242 -8.41 9.96 -13.52
N LEU D 243 -7.86 8.76 -13.32
CA LEU D 243 -8.62 7.54 -13.64
C LEU D 243 -9.77 7.36 -12.65
N PRO D 244 -9.46 7.24 -11.35
CA PRO D 244 -10.57 7.05 -10.41
C PRO D 244 -11.54 8.24 -10.42
N ASP D 245 -11.02 9.44 -10.66
CA ASP D 245 -11.87 10.63 -10.71
C ASP D 245 -12.88 10.51 -11.87
N GLY D 246 -12.40 10.06 -13.03
CA GLY D 246 -13.28 9.90 -14.17
C GLY D 246 -14.30 8.81 -13.92
N LEU D 247 -13.86 7.73 -13.29
CA LEU D 247 -14.75 6.61 -12.96
C LEU D 247 -15.80 7.01 -11.95
N MET D 248 -15.38 7.72 -10.92
CA MET D 248 -16.31 8.16 -9.87
C MET D 248 -17.38 9.12 -10.37
N ARG D 249 -16.98 10.13 -11.13
CA ARG D 249 -17.95 11.10 -11.64
C ARG D 249 -18.92 10.50 -12.65
N ALA D 250 -18.40 9.60 -13.48
CA ALA D 250 -19.21 8.95 -14.50
C ALA D 250 -20.19 7.91 -13.97
N THR D 251 -19.79 7.11 -12.98
CA THR D 251 -20.69 6.07 -12.48
C THR D 251 -21.01 6.12 -11.00
N ASP D 252 -20.15 6.73 -10.20
CA ASP D 252 -20.33 6.79 -8.76
C ASP D 252 -20.26 5.38 -8.15
N PHE D 253 -19.73 4.41 -8.90
CA PHE D 253 -19.64 3.03 -8.38
C PHE D 253 -18.48 2.84 -7.39
N LEU D 254 -18.66 1.86 -6.51
CA LEU D 254 -17.63 1.52 -5.54
C LEU D 254 -16.52 0.81 -6.33
N ILE D 255 -15.27 1.11 -5.99
CA ILE D 255 -14.13 0.49 -6.64
C ILE D 255 -13.51 -0.60 -5.74
N SER D 256 -13.50 -0.35 -4.43
CA SER D 256 -12.96 -1.30 -3.46
C SER D 256 -13.67 -2.64 -3.58
N GLY D 257 -12.89 -3.72 -3.56
CA GLY D 257 -13.49 -5.04 -3.66
C GLY D 257 -13.91 -5.44 -5.06
N LYS D 258 -13.85 -4.50 -5.99
CA LYS D 258 -14.28 -4.80 -7.35
C LYS D 258 -13.12 -5.34 -8.20
N ILE D 259 -13.46 -6.11 -9.22
CA ILE D 259 -12.47 -6.67 -10.12
C ILE D 259 -12.21 -5.65 -11.22
N VAL D 260 -11.00 -5.12 -11.25
CA VAL D 260 -10.62 -4.11 -12.22
C VAL D 260 -9.62 -4.75 -13.18
N VAL D 261 -9.90 -4.66 -14.48
CA VAL D 261 -8.99 -5.22 -15.47
C VAL D 261 -8.32 -4.07 -16.20
N ILE D 262 -6.99 -4.00 -16.12
CA ILE D 262 -6.23 -2.94 -16.79
C ILE D 262 -5.46 -3.58 -17.94
N CYS D 263 -5.65 -3.09 -19.15
CA CYS D 263 -4.94 -3.66 -20.28
C CYS D 263 -3.75 -2.76 -20.58
N GLY D 264 -2.56 -3.33 -20.44
CA GLY D 264 -1.34 -2.58 -20.68
C GLY D 264 -0.72 -2.16 -19.35
N TYR D 265 0.58 -2.41 -19.18
CA TYR D 265 1.23 -2.03 -17.93
C TYR D 265 2.48 -1.20 -18.18
N GLY D 266 2.32 -0.19 -19.03
CA GLY D 266 3.40 0.74 -19.31
C GLY D 266 3.20 1.89 -18.32
N ASP D 267 3.67 3.10 -18.67
CA ASP D 267 3.53 4.23 -17.77
C ASP D 267 2.11 4.48 -17.27
N VAL D 268 1.14 4.58 -18.18
CA VAL D 268 -0.25 4.83 -17.81
C VAL D 268 -0.84 3.68 -17.00
N GLY D 269 -0.58 2.46 -17.45
CA GLY D 269 -1.07 1.30 -16.74
C GLY D 269 -0.55 1.22 -15.31
N LYS D 270 0.73 1.56 -15.12
CA LYS D 270 1.31 1.54 -13.78
C LYS D 270 0.62 2.57 -12.88
N GLY D 271 0.30 3.74 -13.45
CA GLY D 271 -0.35 4.78 -12.67
C GLY D 271 -1.76 4.39 -12.32
N CYS D 272 -2.50 3.89 -13.31
CA CYS D 272 -3.87 3.46 -13.08
C CYS D 272 -3.94 2.37 -12.02
N ALA D 273 -3.09 1.35 -12.15
CA ALA D 273 -3.09 0.23 -11.22
C ALA D 273 -2.73 0.67 -9.81
N SER D 274 -1.83 1.64 -9.67
CA SER D 274 -1.45 2.08 -8.33
C SER D 274 -2.65 2.70 -7.61
N SER D 275 -3.45 3.50 -8.30
CA SER D 275 -4.60 4.10 -7.62
C SER D 275 -5.68 3.04 -7.31
N MET D 276 -5.91 2.13 -8.24
CA MET D 276 -6.92 1.09 -8.01
C MET D 276 -6.47 0.20 -6.84
N LYS D 277 -5.18 -0.09 -6.74
CA LYS D 277 -4.68 -0.91 -5.65
C LYS D 277 -4.88 -0.19 -4.32
N GLY D 278 -4.57 1.11 -4.30
CA GLY D 278 -4.73 1.88 -3.09
C GLY D 278 -6.15 1.93 -2.55
N LEU D 279 -7.13 1.88 -3.45
CA LEU D 279 -8.53 1.92 -3.07
C LEU D 279 -9.06 0.57 -2.60
N GLY D 280 -8.32 -0.49 -2.86
CA GLY D 280 -8.75 -1.81 -2.43
C GLY D 280 -9.38 -2.68 -3.50
N ALA D 281 -9.16 -2.36 -4.77
CA ALA D 281 -9.72 -3.17 -5.83
C ALA D 281 -8.86 -4.39 -6.10
N ARG D 282 -9.43 -5.38 -6.78
CA ARG D 282 -8.68 -6.58 -7.16
C ARG D 282 -8.24 -6.31 -8.59
N VAL D 283 -6.96 -6.01 -8.77
CA VAL D 283 -6.42 -5.68 -10.07
C VAL D 283 -5.90 -6.85 -10.90
N TYR D 284 -6.34 -6.89 -12.15
CA TYR D 284 -5.89 -7.89 -13.11
C TYR D 284 -5.29 -7.09 -14.24
N ILE D 285 -4.17 -7.58 -14.76
CA ILE D 285 -3.43 -6.91 -15.82
C ILE D 285 -3.26 -7.80 -17.05
N THR D 286 -3.37 -7.22 -18.23
CA THR D 286 -3.12 -7.98 -19.45
C THR D 286 -1.89 -7.28 -20.04
N GLU D 287 -1.00 -8.04 -20.69
CA GLU D 287 0.21 -7.47 -21.26
C GLU D 287 0.73 -8.37 -22.38
N ILE D 288 1.50 -7.77 -23.28
CA ILE D 288 2.12 -8.47 -24.40
C ILE D 288 3.62 -8.48 -24.18
N ASP D 289 4.11 -7.56 -23.35
CA ASP D 289 5.54 -7.45 -23.05
C ASP D 289 5.88 -8.19 -21.75
N PRO D 290 6.71 -9.24 -21.84
CA PRO D 290 7.08 -10.02 -20.66
C PRO D 290 7.75 -9.25 -19.52
N ILE D 291 8.51 -8.22 -19.85
CA ILE D 291 9.18 -7.44 -18.84
C ILE D 291 8.18 -6.65 -18.01
N CYS D 292 7.19 -6.05 -18.68
CA CYS D 292 6.17 -5.28 -17.97
C CYS D 292 5.30 -6.23 -17.16
N ALA D 293 5.05 -7.41 -17.71
CA ALA D 293 4.22 -8.42 -17.03
C ALA D 293 4.80 -8.82 -15.68
N ILE D 294 6.13 -8.99 -15.61
CA ILE D 294 6.77 -9.37 -14.35
C ILE D 294 6.66 -8.20 -13.36
N GLN D 295 6.74 -6.96 -13.85
CA GLN D 295 6.63 -5.83 -12.96
C GLN D 295 5.24 -5.83 -12.32
N ALA D 296 4.24 -6.21 -13.12
CA ALA D 296 2.87 -6.25 -12.67
C ALA D 296 2.67 -7.32 -11.61
N VAL D 297 3.29 -8.48 -11.81
CA VAL D 297 3.17 -9.57 -10.86
C VAL D 297 3.87 -9.23 -9.56
N MET D 298 5.01 -8.55 -9.64
CA MET D 298 5.75 -8.19 -8.44
C MET D 298 5.02 -7.15 -7.60
N GLU D 299 3.95 -6.57 -8.13
CA GLU D 299 3.18 -5.58 -7.34
C GLU D 299 1.95 -6.22 -6.73
N GLY D 300 1.81 -7.54 -6.92
CA GLY D 300 0.67 -8.26 -6.36
C GLY D 300 -0.53 -8.40 -7.29
N PHE D 301 -0.34 -7.99 -8.54
CA PHE D 301 -1.39 -8.03 -9.55
C PHE D 301 -1.40 -9.37 -10.30
N ASN D 302 -2.57 -9.81 -10.72
CA ASN D 302 -2.63 -11.07 -11.45
C ASN D 302 -2.58 -10.78 -12.96
N VAL D 303 -1.61 -11.34 -13.67
CA VAL D 303 -1.50 -11.12 -15.11
C VAL D 303 -2.23 -12.24 -15.84
N VAL D 304 -3.23 -11.88 -16.65
CA VAL D 304 -4.02 -12.86 -17.39
C VAL D 304 -4.36 -12.35 -18.79
N THR D 305 -5.03 -13.21 -19.58
CA THR D 305 -5.49 -12.80 -20.91
C THR D 305 -6.93 -12.36 -20.69
N LEU D 306 -7.39 -11.43 -21.50
CA LEU D 306 -8.74 -10.91 -21.37
C LEU D 306 -9.79 -12.01 -21.34
N ASP D 307 -9.64 -13.00 -22.20
CA ASP D 307 -10.55 -14.12 -22.30
C ASP D 307 -10.74 -14.83 -20.96
N GLU D 308 -9.70 -14.82 -20.12
CA GLU D 308 -9.76 -15.47 -18.82
C GLU D 308 -10.56 -14.72 -17.76
N ILE D 309 -10.63 -13.39 -17.87
CA ILE D 309 -11.33 -12.59 -16.86
C ILE D 309 -12.52 -11.77 -17.35
N VAL D 310 -12.73 -11.71 -18.66
CA VAL D 310 -13.81 -10.92 -19.25
C VAL D 310 -15.21 -11.22 -18.69
N ASP D 311 -15.40 -12.38 -18.10
CA ASP D 311 -16.69 -12.77 -17.56
C ASP D 311 -17.04 -12.24 -16.18
N LYS D 312 -16.03 -11.98 -15.34
CA LYS D 312 -16.28 -11.51 -13.99
C LYS D 312 -15.85 -10.06 -13.76
N GLY D 313 -15.23 -9.46 -14.77
CA GLY D 313 -14.75 -8.10 -14.63
C GLY D 313 -15.81 -7.03 -14.39
N ASP D 314 -15.54 -6.14 -13.44
CA ASP D 314 -16.45 -5.06 -13.12
C ASP D 314 -16.05 -3.81 -13.91
N PHE D 315 -14.74 -3.58 -14.05
CA PHE D 315 -14.23 -2.42 -14.77
C PHE D 315 -13.18 -2.89 -15.76
N PHE D 316 -13.21 -2.35 -16.97
CA PHE D 316 -12.25 -2.67 -18.00
C PHE D 316 -11.67 -1.37 -18.52
N ILE D 317 -10.37 -1.19 -18.30
CA ILE D 317 -9.69 0.01 -18.71
C ILE D 317 -8.52 -0.33 -19.61
N THR D 318 -8.49 0.28 -20.79
CA THR D 318 -7.41 0.06 -21.73
C THR D 318 -6.42 1.23 -21.65
N CYS D 319 -5.13 0.91 -21.62
CA CYS D 319 -4.04 1.89 -21.54
C CYS D 319 -2.90 1.37 -22.40
N THR D 320 -3.23 0.76 -23.53
CA THR D 320 -2.21 0.18 -24.39
C THR D 320 -1.72 1.09 -25.50
N GLY D 321 -2.58 1.98 -25.97
CA GLY D 321 -2.19 2.85 -27.06
C GLY D 321 -2.10 2.01 -28.33
N ASN D 322 -2.81 0.88 -28.33
CA ASN D 322 -2.82 -0.05 -29.47
C ASN D 322 -4.24 -0.09 -30.05
N VAL D 323 -4.48 -0.97 -31.01
CA VAL D 323 -5.82 -1.07 -31.59
C VAL D 323 -6.47 -2.42 -31.32
N ASP D 324 -7.79 -2.42 -31.27
CA ASP D 324 -8.54 -3.67 -31.05
C ASP D 324 -8.09 -4.48 -29.84
N VAL D 325 -7.95 -3.83 -28.69
CA VAL D 325 -7.54 -4.54 -27.49
C VAL D 325 -8.77 -5.24 -26.89
N ILE D 326 -9.89 -4.54 -26.89
CA ILE D 326 -11.12 -5.13 -26.40
C ILE D 326 -12.08 -5.21 -27.59
N LYS D 327 -12.14 -6.39 -28.20
CA LYS D 327 -12.98 -6.62 -29.37
C LYS D 327 -14.45 -6.84 -29.02
N LEU D 328 -15.27 -6.88 -30.07
CA LEU D 328 -16.70 -7.08 -29.93
C LEU D 328 -17.01 -8.41 -29.22
N GLU D 329 -16.28 -9.46 -29.54
CA GLU D 329 -16.53 -10.76 -28.89
C GLU D 329 -16.32 -10.68 -27.38
N HIS D 330 -15.45 -9.78 -26.93
CA HIS D 330 -15.21 -9.62 -25.50
C HIS D 330 -16.37 -8.86 -24.86
N LEU D 331 -16.76 -7.75 -25.49
CA LEU D 331 -17.84 -6.93 -24.97
C LEU D 331 -19.12 -7.75 -24.79
N LEU D 332 -19.41 -8.63 -25.75
CA LEU D 332 -20.61 -9.45 -25.68
C LEU D 332 -20.63 -10.47 -24.55
N LYS D 333 -19.49 -10.71 -23.92
CA LYS D 333 -19.45 -11.68 -22.82
C LYS D 333 -19.42 -11.04 -21.45
N MET D 334 -19.38 -9.71 -21.39
CA MET D 334 -19.33 -9.03 -20.10
C MET D 334 -20.60 -9.14 -19.25
N LYS D 335 -20.40 -9.10 -17.94
CA LYS D 335 -21.47 -9.20 -16.97
C LYS D 335 -22.32 -7.94 -16.97
N ASN D 336 -23.45 -8.04 -16.30
CA ASN D 336 -24.35 -6.92 -16.21
C ASN D 336 -23.76 -5.80 -15.34
N ASN D 337 -23.87 -4.57 -15.81
CA ASN D 337 -23.39 -3.39 -15.11
C ASN D 337 -21.87 -3.21 -15.17
N ALA D 338 -21.21 -3.99 -16.04
CA ALA D 338 -19.77 -3.87 -16.20
C ALA D 338 -19.48 -2.50 -16.80
N VAL D 339 -18.35 -1.91 -16.44
CA VAL D 339 -18.02 -0.60 -16.97
C VAL D 339 -16.83 -0.73 -17.91
N VAL D 340 -16.93 -0.08 -19.05
CA VAL D 340 -15.85 -0.12 -20.03
C VAL D 340 -15.40 1.29 -20.41
N GLY D 341 -14.10 1.53 -20.33
CA GLY D 341 -13.58 2.83 -20.68
C GLY D 341 -12.17 2.73 -21.23
N ASN D 342 -11.79 3.72 -22.02
CA ASN D 342 -10.48 3.76 -22.62
C ASN D 342 -9.75 5.01 -22.11
N ILE D 343 -8.48 4.86 -21.77
CA ILE D 343 -7.72 6.00 -21.30
C ILE D 343 -6.45 6.13 -22.13
N GLY D 344 -6.39 5.35 -23.20
CA GLY D 344 -5.24 5.37 -24.10
C GLY D 344 -5.38 6.36 -25.24
N HIS D 345 -5.56 5.87 -26.47
CA HIS D 345 -5.68 6.79 -27.58
C HIS D 345 -6.98 6.65 -28.36
N PHE D 346 -7.46 7.79 -28.85
CA PHE D 346 -8.66 7.86 -29.64
C PHE D 346 -9.74 6.90 -29.16
N ASP D 347 -10.32 6.14 -30.09
CA ASP D 347 -11.36 5.19 -29.74
C ASP D 347 -11.09 3.87 -30.45
N ASP D 348 -9.82 3.59 -30.70
CA ASP D 348 -9.43 2.36 -31.39
C ASP D 348 -9.20 1.20 -30.45
N GLU D 349 -8.77 1.48 -29.22
CA GLU D 349 -8.49 0.41 -28.26
C GLU D 349 -9.71 -0.49 -28.04
N ILE D 350 -10.87 0.12 -27.94
CA ILE D 350 -12.12 -0.63 -27.73
C ILE D 350 -13.01 -0.50 -28.97
N GLN D 351 -13.55 -1.63 -29.43
CA GLN D 351 -14.42 -1.62 -30.59
C GLN D 351 -15.83 -1.11 -30.30
N VAL D 352 -15.91 0.09 -29.74
CA VAL D 352 -17.19 0.70 -29.42
C VAL D 352 -18.09 0.82 -30.65
N ASN D 353 -17.51 1.18 -31.78
CA ASN D 353 -18.26 1.32 -33.02
C ASN D 353 -18.89 0.01 -33.46
N GLU D 354 -18.10 -1.07 -33.46
CA GLU D 354 -18.62 -2.37 -33.84
C GLU D 354 -19.79 -2.75 -32.94
N LEU D 355 -19.65 -2.44 -31.65
CA LEU D 355 -20.71 -2.76 -30.71
C LEU D 355 -21.96 -1.91 -30.92
N PHE D 356 -21.76 -0.63 -31.15
CA PHE D 356 -22.88 0.29 -31.36
C PHE D 356 -23.67 -0.01 -32.64
N ASN D 357 -23.01 -0.64 -33.61
CA ASN D 357 -23.65 -0.98 -34.87
C ASN D 357 -23.97 -2.45 -34.98
N TYR D 358 -23.94 -3.15 -33.83
CA TYR D 358 -24.23 -4.58 -33.82
C TYR D 358 -25.72 -4.82 -33.79
N LYS D 359 -26.16 -5.87 -34.47
CA LYS D 359 -27.57 -6.23 -34.55
C LYS D 359 -28.18 -6.60 -33.19
N GLY D 360 -29.28 -5.94 -32.84
CA GLY D 360 -29.95 -6.23 -31.58
C GLY D 360 -29.41 -5.47 -30.38
N ILE D 361 -28.61 -4.45 -30.62
CA ILE D 361 -28.03 -3.66 -29.54
C ILE D 361 -28.85 -2.40 -29.29
N HIS D 362 -29.14 -2.14 -28.02
CA HIS D 362 -29.90 -0.96 -27.64
C HIS D 362 -28.98 0.01 -26.91
N ILE D 363 -28.90 1.24 -27.39
CA ILE D 363 -28.05 2.24 -26.75
C ILE D 363 -28.92 3.24 -26.01
N GLU D 364 -28.64 3.44 -24.73
CA GLU D 364 -29.41 4.35 -23.91
C GLU D 364 -28.48 5.30 -23.18
N ASN D 365 -28.63 6.59 -23.47
CA ASN D 365 -27.79 7.60 -22.83
C ASN D 365 -28.19 7.83 -21.37
N VAL D 366 -27.22 7.73 -20.46
CA VAL D 366 -27.47 7.91 -19.03
C VAL D 366 -27.20 9.36 -18.65
N LYS D 367 -26.10 9.89 -19.15
CA LYS D 367 -25.70 11.27 -18.88
C LYS D 367 -24.59 11.58 -19.89
N PRO D 368 -24.11 12.84 -19.91
CA PRO D 368 -23.05 13.20 -20.86
C PRO D 368 -21.84 12.26 -20.77
N GLN D 369 -21.40 11.78 -21.93
CA GLN D 369 -20.27 10.86 -22.03
C GLN D 369 -20.46 9.52 -21.33
N VAL D 370 -21.70 9.18 -21.00
CA VAL D 370 -21.98 7.91 -20.34
C VAL D 370 -23.21 7.27 -20.97
N ASP D 371 -23.00 6.11 -21.60
CA ASP D 371 -24.10 5.40 -22.24
C ASP D 371 -24.30 3.99 -21.69
N ARG D 372 -25.52 3.51 -21.72
CA ARG D 372 -25.77 2.17 -21.25
C ARG D 372 -26.20 1.31 -22.45
N ILE D 373 -25.44 0.25 -22.72
CA ILE D 373 -25.72 -0.64 -23.84
C ILE D 373 -26.37 -1.95 -23.40
N THR D 374 -27.44 -2.32 -24.09
CA THR D 374 -28.13 -3.57 -23.76
C THR D 374 -27.65 -4.63 -24.73
N LEU D 375 -26.93 -5.62 -24.20
CA LEU D 375 -26.41 -6.70 -25.02
C LEU D 375 -27.52 -7.65 -25.45
N PRO D 376 -27.27 -8.45 -26.50
CA PRO D 376 -28.25 -9.40 -27.02
C PRO D 376 -28.80 -10.34 -25.95
N ASN D 377 -27.97 -10.72 -24.97
CA ASN D 377 -28.42 -11.62 -23.91
C ASN D 377 -29.15 -10.89 -22.80
N GLY D 378 -29.33 -9.58 -22.96
CA GLY D 378 -30.04 -8.82 -21.96
C GLY D 378 -29.16 -8.07 -20.96
N ASN D 379 -27.87 -8.38 -20.90
CA ASN D 379 -26.98 -7.69 -19.98
C ASN D 379 -26.79 -6.26 -20.42
N LYS D 380 -26.74 -5.36 -19.44
CA LYS D 380 -26.57 -3.96 -19.73
C LYS D 380 -25.21 -3.51 -19.24
N ILE D 381 -24.35 -3.05 -20.14
CA ILE D 381 -23.03 -2.57 -19.73
C ILE D 381 -22.93 -1.07 -19.90
N ILE D 382 -21.94 -0.48 -19.24
CA ILE D 382 -21.75 0.96 -19.30
C ILE D 382 -20.48 1.31 -20.08
N VAL D 383 -20.62 2.18 -21.06
CA VAL D 383 -19.50 2.61 -21.90
C VAL D 383 -19.25 4.10 -21.66
N LEU D 384 -17.99 4.45 -21.41
CA LEU D 384 -17.63 5.83 -21.13
C LEU D 384 -17.04 6.59 -22.32
N ALA D 385 -17.51 7.83 -22.50
CA ALA D 385 -17.07 8.71 -23.58
C ALA D 385 -16.94 8.00 -24.94
N ARG D 386 -17.86 7.08 -25.20
CA ARG D 386 -17.84 6.31 -26.45
C ARG D 386 -16.46 5.81 -26.85
N GLY D 387 -15.70 5.32 -25.88
CA GLY D 387 -14.39 4.79 -26.18
C GLY D 387 -13.26 5.79 -26.25
N ARG D 388 -13.53 7.06 -25.95
CA ARG D 388 -12.49 8.10 -25.97
C ARG D 388 -12.01 8.35 -24.55
N LEU D 389 -10.90 9.09 -24.39
CA LEU D 389 -10.33 9.38 -23.06
C LEU D 389 -11.38 9.62 -21.97
N LEU D 390 -11.51 8.67 -21.06
CA LEU D 390 -12.50 8.81 -20.00
C LEU D 390 -12.10 9.86 -18.97
N ASN D 391 -10.82 9.98 -18.64
CA ASN D 391 -10.42 10.98 -17.63
C ASN D 391 -10.68 12.42 -18.07
N LEU D 392 -10.55 12.69 -19.36
CA LEU D 392 -10.78 14.03 -19.87
C LEU D 392 -12.21 14.21 -20.34
N GLY D 393 -12.90 13.10 -20.60
CA GLY D 393 -14.27 13.18 -21.06
C GLY D 393 -15.28 13.19 -19.93
N CYS D 394 -15.05 12.38 -18.91
CA CYS D 394 -15.95 12.28 -17.77
C CYS D 394 -15.50 13.09 -16.56
N ALA D 395 -14.25 13.58 -16.59
CA ALA D 395 -13.72 14.40 -15.48
C ALA D 395 -12.98 15.61 -16.06
N THR D 396 -11.91 16.04 -15.39
CA THR D 396 -11.16 17.21 -15.86
C THR D 396 -9.70 16.92 -16.17
N GLY D 397 -9.39 15.66 -16.44
CA GLY D 397 -8.03 15.29 -16.74
C GLY D 397 -7.10 15.43 -15.54
N HIS D 398 -5.80 15.35 -15.80
CA HIS D 398 -4.80 15.46 -14.75
C HIS D 398 -4.94 16.79 -14.01
N PRO D 399 -4.48 16.84 -12.77
CA PRO D 399 -4.55 18.06 -11.97
C PRO D 399 -3.49 19.06 -12.45
N ALA D 400 -3.71 20.35 -12.19
CA ALA D 400 -2.77 21.41 -12.61
C ALA D 400 -1.31 21.20 -12.22
N PHE D 401 -1.06 20.71 -11.00
CA PHE D 401 0.31 20.50 -10.54
C PHE D 401 1.07 19.50 -11.41
N VAL D 402 0.38 18.50 -11.92
CA VAL D 402 1.02 17.51 -12.77
C VAL D 402 1.23 18.11 -14.15
N MET D 403 0.22 18.81 -14.65
CA MET D 403 0.33 19.41 -15.98
C MET D 403 1.42 20.48 -16.03
N SER D 404 1.80 21.01 -14.87
CA SER D 404 2.84 22.03 -14.81
C SER D 404 4.17 21.43 -15.31
N PHE D 405 4.43 20.16 -15.02
CA PHE D 405 5.66 19.55 -15.48
C PHE D 405 5.65 19.42 -17.01
N SER D 406 4.54 18.92 -17.55
CA SER D 406 4.39 18.72 -18.99
C SER D 406 4.45 20.05 -19.75
N PHE D 407 3.71 21.03 -19.27
CA PHE D 407 3.69 22.32 -19.93
C PHE D 407 4.98 23.11 -19.81
N CYS D 408 5.79 22.79 -18.80
CA CYS D 408 7.07 23.45 -18.68
C CYS D 408 7.98 22.88 -19.77
N ASN D 409 7.91 21.57 -20.01
CA ASN D 409 8.72 20.95 -21.05
C ASN D 409 8.24 21.42 -22.42
N GLN D 410 6.94 21.65 -22.57
CA GLN D 410 6.39 22.13 -23.83
C GLN D 410 6.94 23.52 -24.11
N THR D 411 6.83 24.41 -23.12
CA THR D 411 7.31 25.77 -23.28
C THR D 411 8.78 25.80 -23.66
N PHE D 412 9.61 25.04 -22.94
CA PHE D 412 11.03 25.00 -23.26
C PHE D 412 11.26 24.46 -24.67
N ALA D 413 10.39 23.57 -25.12
CA ALA D 413 10.49 22.99 -26.46
C ALA D 413 10.21 24.06 -27.51
N GLN D 414 9.21 24.90 -27.24
CA GLN D 414 8.85 25.97 -28.15
C GLN D 414 9.96 27.02 -28.15
N LEU D 415 10.47 27.34 -26.96
CA LEU D 415 11.55 28.32 -26.84
C LEU D 415 12.80 27.88 -27.59
N ASP D 416 13.21 26.64 -27.37
CA ASP D 416 14.41 26.16 -28.02
C ASP D 416 14.26 26.08 -29.52
N LEU D 417 13.08 25.68 -29.97
CA LEU D 417 12.79 25.56 -31.37
C LEU D 417 12.81 26.95 -32.04
N TRP D 418 12.23 27.94 -31.37
CA TRP D 418 12.18 29.30 -31.92
C TRP D 418 13.51 30.05 -31.88
N GLN D 419 14.31 29.81 -30.84
CA GLN D 419 15.61 30.47 -30.72
C GLN D 419 16.66 29.87 -31.66
N ASN D 420 16.38 28.69 -32.19
CA ASN D 420 17.31 28.05 -33.11
C ASN D 420 16.75 27.94 -34.52
N LYS D 421 15.78 28.79 -34.85
CA LYS D 421 15.16 28.77 -36.17
C LYS D 421 16.11 29.24 -37.26
N ASP D 422 17.06 30.08 -36.88
CA ASP D 422 18.03 30.62 -37.82
C ASP D 422 19.35 29.84 -37.77
N THR D 423 19.35 28.71 -37.08
CA THR D 423 20.55 27.89 -36.98
C THR D 423 20.26 26.52 -37.60
N ASN D 424 21.27 25.66 -37.63
CA ASN D 424 21.11 24.33 -38.19
C ASN D 424 21.26 23.27 -37.10
N LYS D 425 20.71 23.57 -35.93
CA LYS D 425 20.76 22.66 -34.80
C LYS D 425 19.76 21.52 -34.98
N TYR D 426 18.61 21.84 -35.56
CA TYR D 426 17.56 20.86 -35.78
C TYR D 426 17.21 20.59 -37.23
N GLU D 427 17.20 19.30 -37.58
CA GLU D 427 16.86 18.85 -38.92
C GLU D 427 15.45 18.32 -38.87
N ASN D 428 15.02 17.66 -39.94
CA ASN D 428 13.69 17.08 -39.99
C ASN D 428 13.70 15.71 -39.33
N LYS D 429 13.94 15.71 -38.02
CA LYS D 429 13.98 14.46 -37.25
C LYS D 429 13.33 14.70 -35.89
N VAL D 430 13.26 13.64 -35.10
CA VAL D 430 12.70 13.70 -33.76
C VAL D 430 13.84 13.88 -32.75
N TYR D 431 13.76 14.92 -31.94
CA TYR D 431 14.79 15.18 -30.95
C TYR D 431 14.22 15.14 -29.53
N LEU D 432 15.10 15.16 -28.54
CA LEU D 432 14.69 15.16 -27.14
C LEU D 432 15.32 16.37 -26.45
N LEU D 433 14.59 16.97 -25.52
CA LEU D 433 15.09 18.12 -24.76
C LEU D 433 16.30 17.68 -23.93
N PRO D 434 17.31 18.56 -23.76
CA PRO D 434 18.50 18.22 -22.96
C PRO D 434 18.21 17.83 -21.52
N LYS D 435 19.10 17.03 -20.95
CA LYS D 435 18.97 16.55 -19.58
C LYS D 435 18.84 17.66 -18.53
N HIS D 436 19.67 18.69 -18.64
CA HIS D 436 19.64 19.78 -17.67
C HIS D 436 18.28 20.45 -17.56
N LEU D 437 17.52 20.51 -18.66
CA LEU D 437 16.20 21.13 -18.63
C LEU D 437 15.24 20.32 -17.78
N ASP D 438 15.36 18.99 -17.87
CA ASP D 438 14.51 18.09 -17.10
C ASP D 438 14.73 18.32 -15.61
N GLU D 439 15.98 18.46 -15.21
CA GLU D 439 16.31 18.70 -13.80
C GLU D 439 15.84 20.08 -13.39
N LYS D 440 15.91 21.02 -14.33
CA LYS D 440 15.51 22.38 -14.08
C LYS D 440 14.02 22.37 -13.74
N VAL D 441 13.24 21.75 -14.61
CA VAL D 441 11.80 21.67 -14.40
C VAL D 441 11.51 21.10 -13.03
N ALA D 442 12.14 19.98 -12.70
CA ALA D 442 11.93 19.36 -11.41
C ALA D 442 12.27 20.32 -10.27
N LEU D 443 13.38 21.03 -10.39
CA LEU D 443 13.80 21.97 -9.36
C LEU D 443 12.78 23.05 -9.04
N TYR D 444 12.06 23.50 -10.06
CA TYR D 444 11.05 24.53 -9.86
C TYR D 444 9.89 24.11 -8.97
N HIS D 445 9.62 22.81 -8.89
CA HIS D 445 8.50 22.32 -8.11
C HIS D 445 8.86 21.82 -6.72
N LEU D 446 10.14 21.80 -6.39
CA LEU D 446 10.57 21.33 -5.08
C LEU D 446 10.03 22.14 -3.90
N LYS D 447 10.12 23.46 -3.97
CA LYS D 447 9.66 24.30 -2.87
C LYS D 447 8.19 24.06 -2.53
N LYS D 448 7.36 24.03 -3.55
CA LYS D 448 5.93 23.82 -3.37
C LYS D 448 5.68 22.51 -2.64
N LEU D 449 6.57 21.53 -2.85
CA LEU D 449 6.42 20.23 -2.23
C LEU D 449 7.14 20.12 -0.89
N ASN D 450 7.74 21.21 -0.41
CA ASN D 450 8.46 21.17 0.87
C ASN D 450 9.57 20.12 0.84
N ALA D 451 10.21 19.95 -0.30
CA ALA D 451 11.28 18.97 -0.45
C ALA D 451 12.66 19.62 -0.40
N SER D 452 13.46 19.23 0.59
CA SER D 452 14.81 19.77 0.76
C SER D 452 15.85 18.93 0.04
N LEU D 453 16.44 19.50 -1.01
CA LEU D 453 17.45 18.80 -1.77
C LEU D 453 18.81 18.90 -1.06
N THR D 454 19.62 17.87 -1.20
CA THR D 454 20.94 17.86 -0.57
C THR D 454 21.98 18.35 -1.56
N GLU D 455 22.92 19.15 -1.06
CA GLU D 455 24.00 19.70 -1.85
C GLU D 455 25.14 18.70 -1.89
N LEU D 456 25.56 18.37 -3.10
CA LEU D 456 26.65 17.44 -3.30
C LEU D 456 27.93 18.11 -2.82
N ASP D 457 28.79 17.34 -2.15
CA ASP D 457 30.05 17.86 -1.63
C ASP D 457 31.16 17.81 -2.67
N ASP D 458 32.29 18.45 -2.39
CA ASP D 458 33.42 18.47 -3.33
C ASP D 458 33.97 17.08 -3.61
N ASN D 459 34.17 16.29 -2.58
CA ASN D 459 34.70 14.94 -2.75
C ASN D 459 33.69 14.08 -3.50
N GLN D 460 32.43 14.22 -3.11
CA GLN D 460 31.33 13.49 -3.71
C GLN D 460 31.17 13.79 -5.21
N CYS D 461 31.44 15.04 -5.60
CA CYS D 461 31.34 15.44 -7.00
C CYS D 461 32.39 14.72 -7.81
N GLN D 462 33.63 14.74 -7.35
CA GLN D 462 34.71 14.10 -8.08
C GLN D 462 34.50 12.60 -8.19
N PHE D 463 34.04 12.00 -7.09
CA PHE D 463 33.81 10.57 -7.05
C PHE D 463 32.74 10.13 -8.07
N LEU D 464 31.63 10.83 -8.08
CA LEU D 464 30.53 10.51 -9.01
C LEU D 464 30.86 10.99 -10.42
N GLY D 465 31.79 11.94 -10.50
CA GLY D 465 32.18 12.49 -11.78
C GLY D 465 31.08 13.32 -12.41
N VAL D 466 30.46 14.17 -11.60
CA VAL D 466 29.38 15.03 -12.07
C VAL D 466 29.54 16.43 -11.52
N ASN D 467 28.82 17.38 -12.10
CA ASN D 467 28.89 18.77 -11.66
C ASN D 467 27.93 18.95 -10.48
N LYS D 468 28.27 19.84 -9.57
CA LYS D 468 27.45 20.08 -8.39
C LYS D 468 26.04 20.57 -8.72
N SER D 469 25.81 20.97 -9.98
CA SER D 469 24.51 21.48 -10.41
C SER D 469 23.77 20.49 -11.30
N GLY D 470 24.41 19.39 -11.66
CA GLY D 470 23.79 18.40 -12.51
C GLY D 470 24.22 18.56 -13.96
N PRO D 471 23.81 17.65 -14.87
CA PRO D 471 22.99 16.46 -14.61
C PRO D 471 23.66 15.47 -13.66
N PHE D 472 22.84 14.70 -12.95
CA PHE D 472 23.35 13.73 -11.99
C PHE D 472 23.29 12.30 -12.51
N LYS D 473 22.57 12.09 -13.60
CA LYS D 473 22.45 10.76 -14.18
C LYS D 473 22.88 10.77 -15.63
N SER D 474 23.14 9.59 -16.19
CA SER D 474 23.53 9.48 -17.59
C SER D 474 22.26 9.51 -18.44
N ASN D 475 22.42 9.69 -19.75
CA ASN D 475 21.26 9.74 -20.64
C ASN D 475 20.48 8.42 -20.69
N GLU D 476 21.15 7.32 -20.36
CA GLU D 476 20.51 6.01 -20.38
C GLU D 476 19.77 5.68 -19.08
N TYR D 477 19.94 6.49 -18.05
CA TYR D 477 19.26 6.23 -16.77
C TYR D 477 17.74 6.11 -16.90
N ARG D 478 17.17 5.08 -16.30
CA ARG D 478 15.74 4.82 -16.41
C ARG D 478 14.85 5.38 -15.30
N TYR D 479 15.46 5.90 -14.24
CA TYR D 479 14.69 6.45 -13.13
C TYR D 479 13.63 5.47 -12.66
PA NAD E . -9.79 -14.82 15.62
O1A NAD E . -10.88 -15.47 16.41
O2A NAD E . -9.98 -13.30 15.57
O5B NAD E . -9.62 -15.34 14.19
C5B NAD E . -10.06 -16.67 13.66
C4B NAD E . -10.61 -16.47 12.32
O4B NAD E . -10.50 -17.69 11.51
C3B NAD E . -12.15 -16.12 12.29
O3B NAD E . -12.39 -14.87 11.57
C2B NAD E . -12.89 -17.28 11.71
O2B NAD E . -14.05 -16.97 11.01
C1B NAD E . -11.71 -17.94 10.92
N9A NAD E . -11.81 -19.36 10.82
C8A NAD E . -12.10 -20.36 11.75
N7A NAD E . -12.08 -21.59 11.27
C5A NAD E . -11.78 -21.44 9.96
C6A NAD E . -11.63 -22.47 8.84
N6A NAD E . -11.77 -23.79 9.03
N1A NAD E . -11.29 -21.91 7.58
C2A NAD E . -11.11 -20.61 7.30
N3A NAD E . -11.28 -19.61 8.32
C4A NAD E . -11.62 -20.08 9.66
O3 NAD E . -8.46 -15.05 16.44
PN NAD E . -6.89 -14.73 16.21
O1N NAD E . -6.57 -14.08 14.95
O2N NAD E . -6.68 -13.95 17.44
O5D NAD E . -6.06 -15.99 16.46
C5D NAD E . -6.03 -17.13 15.61
C4D NAD E . -5.04 -18.10 16.11
O4D NAD E . -3.70 -17.35 16.25
C3D NAD E . -5.24 -18.62 17.59
O3D NAD E . -4.89 -19.93 17.59
C2D NAD E . -4.39 -17.63 18.46
O2D NAD E . -4.14 -18.08 19.75
C1D NAD E . -3.19 -17.51 17.53
N1N NAD E . -2.15 -16.41 17.68
C2N NAD E . -0.79 -16.69 17.24
C3N NAD E . 0.08 -15.63 17.40
C7N NAD E . 1.61 -16.00 16.97
O7N NAD E . 2.50 -15.15 17.20
N7N NAD E . 1.88 -17.24 16.36
C4N NAD E . -0.29 -14.34 17.95
C5N NAD E . -1.69 -14.17 18.35
C6N NAD E . -2.63 -15.20 18.23
O5' ADN F . 1.29 -18.71 21.47
C5' ADN F . 0.61 -17.58 20.94
C4' ADN F . 1.21 -16.38 21.68
O4' ADN F . 2.60 -16.20 21.28
C3' ADN F . 0.58 -15.03 21.25
O3' ADN F . -0.48 -14.68 22.13
C2' ADN F . 1.72 -13.99 21.31
O2' ADN F . 1.47 -12.91 22.22
C1' ADN F . 2.91 -14.88 21.70
N9 ADN F . 4.22 -14.38 21.24
C8 ADN F . 4.57 -13.92 19.96
N7 ADN F . 5.80 -13.50 19.83
C5 ADN F . 6.34 -13.70 21.10
C6 ADN F . 7.64 -13.46 21.70
N6 ADN F . 8.66 -12.95 21.04
N1 ADN F . 7.82 -13.79 23.02
C2 ADN F . 6.81 -14.32 23.75
N3 ADN F . 5.57 -14.57 23.30
C4 ADN F . 5.39 -14.24 21.99
PA NAD G . -15.49 7.57 16.19
O1A NAD G . -16.05 7.72 17.57
O2A NAD G . -15.11 6.13 15.82
O5B NAD G . -14.29 8.50 15.85
C5B NAD G . -13.99 9.82 16.43
C4B NAD G . -12.54 9.95 16.71
O4B NAD G . -12.10 11.35 16.84
C3B NAD G . -12.00 9.23 18.02
O3B NAD G . -10.87 8.35 17.63
C2B NAD G . -11.57 10.29 18.97
O2B NAD G . -10.56 9.95 19.86
C1B NAD G . -11.27 11.45 17.94
N9A NAD G . -11.40 12.81 18.41
C8A NAD G . -12.41 13.46 19.13
N7A NAD G . -12.19 14.74 19.37
C5A NAD G . -10.97 15.04 18.81
C6A NAD G . -10.13 16.33 18.73
N6A NAD G . -10.46 17.53 19.23
N1A NAD G . -8.87 16.19 18.02
C2A NAD G . -8.41 15.06 17.46
N3A NAD G . -9.18 13.85 17.54
C4A NAD G . -10.47 13.86 18.22
O3 NAD G . -16.70 7.89 15.25
PN NAD G . -16.75 7.96 13.62
O1N NAD G . -15.45 7.70 13.02
O2N NAD G . -17.79 6.94 13.43
O5D NAD G . -17.43 9.29 13.12
C5D NAD G . -17.01 10.59 13.43
C4D NAD G . -17.89 11.58 12.80
O4D NAD G . -18.17 11.22 11.32
C3D NAD G . -19.36 11.67 13.32
O3D NAD G . -19.64 12.99 13.15
C2D NAD G . -20.20 10.74 12.39
O2D NAD G . -21.56 10.94 12.47
C1D NAD G . -19.55 11.13 11.07
N1N NAD G . -19.74 10.28 9.82
C2N NAD G . -19.79 10.95 8.53
C3N NAD G . -19.95 10.08 7.44
C7N NAD G . -20.02 10.86 6.02
O7N NAD G . -20.23 10.16 5.01
N7N NAD G . -19.88 12.26 5.98
C4N NAD G . -20.05 8.65 7.56
C5N NAD G . -20.01 8.09 8.92
C6N NAD G . -19.84 8.90 10.05
O5' ADN H . -24.55 12.00 8.08
C5' ADN H . -23.73 10.86 8.33
C4' ADN H . -24.38 9.74 7.51
O4' ADN H . -24.30 9.98 6.05
C3' ADN H . -23.61 8.44 7.68
O3' ADN H . -24.32 7.72 8.70
C2' ADN H . -23.62 7.73 6.31
O2' ADN H . -24.02 6.36 6.33
C1' ADN H . -24.51 8.70 5.48
N9 ADN H . -24.34 8.64 4.01
C8 ADN H . -23.12 8.69 3.30
N7 ADN H . -23.23 8.60 2.00
C5 ADN H . -24.62 8.49 1.80
C6 ADN H . -25.46 8.35 0.62
N6 ADN H . -24.96 8.28 -0.58
N1 ADN H . -26.82 8.28 0.79
C2 ADN H . -27.37 8.34 2.04
N3 ADN H . -26.67 8.46 3.21
C4 ADN H . -25.32 8.53 3.02
PA NAD I . 21.44 4.79 -8.43
O1A NAD I . 22.48 5.62 -9.10
O2A NAD I . 20.24 4.44 -9.32
O5B NAD I . 21.00 5.38 -7.10
C5B NAD I . 21.84 6.33 -6.32
C4B NAD I . 21.03 7.45 -5.83
O4B NAD I . 21.73 8.12 -4.75
C3B NAD I . 20.72 8.60 -6.89
O3B NAD I . 19.27 8.69 -7.12
C2B NAD I . 21.35 9.86 -6.38
O2B NAD I . 20.72 11.06 -6.65
C1B NAD I . 21.52 9.48 -4.88
N9A NAD I . 22.61 10.09 -4.21
C8A NAD I . 23.96 10.22 -4.52
N7A NAD I . 24.68 10.82 -3.59
C5A NAD I . 23.81 11.14 -2.58
C6A NAD I . 23.97 11.80 -1.21
N6A NAD I . 25.11 12.24 -0.67
N1A NAD I . 22.75 11.92 -0.47
C2A NAD I . 21.53 11.51 -0.84
N3A NAD I . 21.35 10.88 -2.11
C4A NAD I . 22.52 10.71 -2.95
O3 NAD I . 22.10 3.37 -8.16
PN NAD I . 21.57 2.13 -7.29
O1N NAD I . 20.31 2.40 -6.58
O2N NAD I . 21.52 1.19 -8.40
O5D NAD I . 22.66 1.55 -6.33
C5D NAD I . 23.24 2.26 -5.25
C4D NAD I . 24.22 1.45 -4.53
O4D NAD I . 23.63 0.05 -4.22
C3D NAD I . 25.51 1.06 -5.34
O3D NAD I . 26.55 1.13 -4.46
C2D NAD I . 25.16 -0.34 -5.94
O2D NAD I . 26.23 -1.02 -6.47
C1D NAD I . 24.48 -0.95 -4.72
N1N NAD I . 23.60 -2.19 -4.80
C2N NAD I . 23.49 -3.04 -3.62
C3N NAD I . 22.64 -4.13 -3.76
C7N NAD I . 22.63 -5.09 -2.44
O7N NAD I . 22.03 -6.19 -2.53
N7N NAD I . 23.28 -4.69 -1.28
C4N NAD I . 21.91 -4.43 -4.98
C5N NAD I . 22.08 -3.50 -6.11
C6N NAD I . 22.93 -2.38 -6.03
O5' ADN J . 27.33 -6.08 -4.22
C5' ADN J . 26.11 -5.63 -4.79
C4' ADN J . 25.64 -6.81 -5.63
O4' ADN J . 25.24 -7.88 -4.71
C3' ADN J . 24.31 -6.51 -6.36
O3' ADN J . 24.54 -6.07 -7.71
C2' ADN J . 23.47 -7.81 -6.29
O2' ADN J . 23.11 -8.33 -7.56
C1' ADN J . 24.37 -8.73 -5.45
N9 ADN J . 23.67 -9.78 -4.65
C8 ADN J . 22.57 -9.58 -3.78
N7 ADN J . 22.11 -10.66 -3.19
C5 ADN J . 22.95 -11.65 -3.69
C6 ADN J . 23.02 -13.09 -3.49
N6 ADN J . 22.19 -13.75 -2.70
N1 ADN J . 24.01 -13.78 -4.15
C2 ADN J . 24.87 -13.15 -4.97
N3 ADN J . 24.87 -11.83 -5.24
C4 ADN J . 23.91 -11.13 -4.58
PA NAD K . 3.62 2.62 -23.07
O1A NAD K . 4.14 2.22 -24.42
O2A NAD K . 4.71 2.92 -22.05
O5B NAD K . 2.62 1.63 -22.46
C5B NAD K . 1.72 0.75 -23.24
C4B NAD K . 1.81 -0.63 -22.75
O4B NAD K . 0.74 -1.43 -23.34
C3B NAD K . 3.14 -1.42 -23.08
O3B NAD K . 3.75 -2.01 -21.88
C2B NAD K . 2.81 -2.46 -24.09
O2B NAD K . 3.59 -3.61 -24.02
C1B NAD K . 1.27 -2.62 -23.75
N9A NAD K . 0.45 -3.12 -24.82
C8A NAD K . 0.44 -2.86 -26.19
N7A NAD K . -0.46 -3.52 -26.88
C5A NAD K . -1.12 -4.30 -25.97
C6A NAD K . -2.27 -5.31 -26.14
N6A NAD K . -2.84 -5.61 -27.31
N1A NAD K . -2.71 -5.93 -24.92
C2A NAD K . -2.19 -5.68 -23.69
N3A NAD K . -1.10 -4.75 -23.51
C4A NAD K . -0.59 -4.06 -24.69
O3 NAD K . 2.88 4.00 -23.27
PN NAD K . 1.88 4.79 -22.28
O1N NAD K . 1.61 4.13 -21.01
O2N NAD K . 2.66 6.05 -22.23
O5D NAD K . 0.59 5.25 -23.01
C5D NAD K . -0.40 4.39 -23.53
C4D NAD K . -1.50 5.19 -24.07
O4D NAD K . -1.99 6.25 -23.06
C3D NAD K . -1.16 6.08 -25.32
O3D NAD K . -2.22 5.91 -26.13
C2D NAD K . -0.94 7.51 -24.73
O2D NAD K . -1.03 8.52 -25.66
C1D NAD K . -2.00 7.50 -23.63
N1N NAD K . -1.97 8.53 -22.48
C2N NAD K . -3.22 9.00 -21.94
C3N NAD K . -3.10 9.94 -20.90
C7N NAD K . -4.55 10.51 -20.44
O7N NAD K . -4.55 11.48 -19.64
N7N NAD K . -5.72 9.96 -20.98
C4N NAD K . -1.84 10.41 -20.38
C5N NAD K . -0.63 9.84 -21.00
C6N NAD K . -0.69 8.91 -22.05
O5' ADN L . -4.27 13.13 -24.87
C5' ADN L . -3.27 12.60 -23.99
C4' ADN L . -2.68 13.83 -23.29
O4' ADN L . -3.67 14.41 -22.38
C3' ADN L . -1.56 13.43 -22.28
O3' ADN L . -0.28 13.52 -22.93
C2' ADN L . -1.69 14.42 -21.09
O2' ADN L . -0.51 15.19 -20.86
C1' ADN L . -2.91 15.24 -21.51
N9 ADN L . -3.70 15.84 -20.41
C8 ADN L . -4.19 15.19 -19.26
N7 ADN L . -4.86 15.96 -18.43
C5 ADN L . -4.82 17.20 -19.05
C6 ADN L . -5.35 18.52 -18.73
N6 ADN L . -6.02 18.75 -17.62
N1 ADN L . -5.14 19.54 -19.61
C2 ADN L . -4.43 19.34 -20.76
N3 ADN L . -3.89 18.16 -21.14
C4 ADN L . -4.11 17.15 -20.27
#